data_1CT6
# 
_entry.id   1CT6 
# 
_audit_conform.dict_name       mmcif_pdbx.dic 
_audit_conform.dict_version    5.392 
_audit_conform.dict_location   http://mmcif.pdb.org/dictionaries/ascii/mmcif_pdbx.dic 
# 
loop_
_database_2.database_id 
_database_2.database_code 
_database_2.pdbx_database_accession 
_database_2.pdbx_DOI 
PDB   1CT6         pdb_00001ct6 10.2210/pdb1ct6/pdb 
RCSB  RCSB009534   ?            ?                   
WWPDB D_1000009534 ?            ?                   
# 
loop_
_pdbx_audit_revision_history.ordinal 
_pdbx_audit_revision_history.data_content_type 
_pdbx_audit_revision_history.major_revision 
_pdbx_audit_revision_history.minor_revision 
_pdbx_audit_revision_history.revision_date 
1 'Structure model' 1 0 1999-09-02 
2 'Structure model' 1 1 2008-04-27 
3 'Structure model' 1 2 2011-07-13 
4 'Structure model' 1 3 2022-02-16 
5 'Structure model' 1 4 2024-05-22 
# 
_pdbx_audit_revision_details.ordinal             1 
_pdbx_audit_revision_details.revision_ordinal    1 
_pdbx_audit_revision_details.data_content_type   'Structure model' 
_pdbx_audit_revision_details.provider            repository 
_pdbx_audit_revision_details.type                'Initial release' 
_pdbx_audit_revision_details.description         ? 
_pdbx_audit_revision_details.details             ? 
# 
loop_
_pdbx_audit_revision_group.ordinal 
_pdbx_audit_revision_group.revision_ordinal 
_pdbx_audit_revision_group.data_content_type 
_pdbx_audit_revision_group.group 
1 2 'Structure model' 'Version format compliance' 
2 3 'Structure model' 'Version format compliance' 
3 4 'Structure model' 'Data collection'           
4 4 'Structure model' 'Database references'       
5 4 'Structure model' 'Derived calculations'      
6 5 'Structure model' 'Data collection'           
# 
loop_
_pdbx_audit_revision_category.ordinal 
_pdbx_audit_revision_category.revision_ordinal 
_pdbx_audit_revision_category.data_content_type 
_pdbx_audit_revision_category.category 
1 4 'Structure model' database_2            
2 4 'Structure model' pdbx_nmr_software     
3 4 'Structure model' pdbx_struct_assembly  
4 4 'Structure model' pdbx_struct_oper_list 
5 5 'Structure model' chem_comp_atom        
6 5 'Structure model' chem_comp_bond        
# 
loop_
_pdbx_audit_revision_item.ordinal 
_pdbx_audit_revision_item.revision_ordinal 
_pdbx_audit_revision_item.data_content_type 
_pdbx_audit_revision_item.item 
1 4 'Structure model' '_database_2.pdbx_DOI'                
2 4 'Structure model' '_database_2.pdbx_database_accession' 
3 4 'Structure model' '_pdbx_nmr_software.name'             
# 
_pdbx_database_status.status_code                     REL 
_pdbx_database_status.entry_id                        1CT6 
_pdbx_database_status.recvd_initial_deposition_date   1999-08-19 
_pdbx_database_status.deposit_site                    RCSB 
_pdbx_database_status.process_site                    RCSB 
_pdbx_database_status.SG_entry                        . 
_pdbx_database_status.pdb_format_compatible           Y 
_pdbx_database_status.status_code_mr                  ? 
_pdbx_database_status.status_code_sf                  ? 
_pdbx_database_status.status_code_cs                  ? 
_pdbx_database_status.status_code_nmr_data            ? 
_pdbx_database_status.methods_development_category    ? 
# 
_pdbx_database_related.db_name        PDB 
_pdbx_database_related.db_id          1CS9 
_pdbx_database_related.details        . 
_pdbx_database_related.content_type   unspecified 
# 
loop_
_audit_author.name 
_audit_author.pdbx_ordinal 
'Phan Chan Du, A.' 1 
'Petit, M.C.'      2 
'Guichard, G.'     3 
'Briand, J.P.'     4 
'Muller, S.'       5 
'Cung, M.T.'       6 
# 
_citation.id                        primary 
_citation.title                     
;Structure of antibody-bound peptides and retro-inverso analogues. A transferred nuclear Overhauser effect spectroscopy and molecular dynamics approach.
;
_citation.journal_abbrev            Biochemistry 
_citation.journal_volume            40 
_citation.page_first                5720 
_citation.page_last                 5727 
_citation.year                      2001 
_citation.journal_id_ASTM           BICHAW 
_citation.country                   US 
_citation.journal_id_ISSN           0006-2960 
_citation.journal_id_CSD            0033 
_citation.book_publisher            ? 
_citation.pdbx_database_id_PubMed   11341837 
_citation.pdbx_database_id_DOI      10.1021/bi001151h 
# 
loop_
_citation_author.citation_id 
_citation_author.name 
_citation_author.ordinal 
_citation_author.identifier_ORCID 
primary 'Phan-Chan-Du, A.' 1 ? 
primary 'Petit, M.C.'      2 ? 
primary 'Guichard, G.'     3 ? 
primary 'Briand, J.P.'     4 ? 
primary 'Muller, S.'       5 ? 
primary 'Cung, M.T.'       6 ? 
# 
_entity.id                         1 
_entity.type                       polymer 
_entity.src_method                 syn 
_entity.pdbx_description           'HISTONE H3 PEPTIDE' 
_entity.formula_weight             906.024 
_entity.pdbx_number_of_molecules   1 
_entity.pdbx_ec                    ? 
_entity.pdbx_mutation              ? 
_entity.pdbx_fragment              'C-TERMINAL REGION 130-135' 
_entity.details                    ? 
# 
_entity_poly.entity_id                      1 
_entity_poly.type                           'polypeptide(L)' 
_entity_poly.nstd_linkage                   no 
_entity_poly.nstd_monomer                   no 
_entity_poly.pdbx_seq_one_letter_code       CGGIRGERG 
_entity_poly.pdbx_seq_one_letter_code_can   CGGIRGERG 
_entity_poly.pdbx_strand_id                 A 
_entity_poly.pdbx_target_identifier         ? 
# 
loop_
_entity_poly_seq.entity_id 
_entity_poly_seq.num 
_entity_poly_seq.mon_id 
_entity_poly_seq.hetero 
1 1 CYS n 
1 2 GLY n 
1 3 GLY n 
1 4 ILE n 
1 5 ARG n 
1 6 GLY n 
1 7 GLU n 
1 8 ARG n 
1 9 GLY n 
# 
_pdbx_entity_src_syn.entity_id              1 
_pdbx_entity_src_syn.pdbx_src_id            1 
_pdbx_entity_src_syn.pdbx_alt_source_flag   sample 
_pdbx_entity_src_syn.pdbx_beg_seq_num       ? 
_pdbx_entity_src_syn.pdbx_end_seq_num       ? 
_pdbx_entity_src_syn.organism_scientific    ? 
_pdbx_entity_src_syn.organism_common_name   ? 
_pdbx_entity_src_syn.ncbi_taxonomy_id       ? 
_pdbx_entity_src_syn.details                
;THE PEPTIDE WAS CHEMICALLY SYNTHESIZED. THE PEPTIDE CORRESPONDS TO THE IRGERA SEQUENCE PRESENT IN THEC-TERMINAL REGION 130-135 OF HISTONE H3 BOUND TO THE MAB4X11 MONOCLONAL ANTIBODY (IGG1). THE SEQUENCE CGG WAS ADDED TO THE N- TERMINUS OF THE IRGERA SEQUENCE AS A LINKER TO THE DEXTRAN MATRIX IN BIACORE EXPERIMENTS VIA THE CYS THIOL GROUP. ALA WAS REPLACED BY GLY.
;
# 
loop_
_chem_comp.id 
_chem_comp.type 
_chem_comp.mon_nstd_flag 
_chem_comp.name 
_chem_comp.pdbx_synonyms 
_chem_comp.formula 
_chem_comp.formula_weight 
ALA 'L-peptide linking' y ALANINE         ? 'C3 H7 N O2'     89.093  
ARG 'L-peptide linking' y ARGININE        ? 'C6 H15 N4 O2 1' 175.209 
CYS 'L-peptide linking' y CYSTEINE        ? 'C3 H7 N O2 S'   121.158 
GLU 'L-peptide linking' y 'GLUTAMIC ACID' ? 'C5 H9 N O4'     147.129 
GLY 'peptide linking'   y GLYCINE         ? 'C2 H5 N O2'     75.067  
ILE 'L-peptide linking' y ISOLEUCINE      ? 'C6 H13 N O2'    131.173 
# 
loop_
_pdbx_poly_seq_scheme.asym_id 
_pdbx_poly_seq_scheme.entity_id 
_pdbx_poly_seq_scheme.seq_id 
_pdbx_poly_seq_scheme.mon_id 
_pdbx_poly_seq_scheme.ndb_seq_num 
_pdbx_poly_seq_scheme.pdb_seq_num 
_pdbx_poly_seq_scheme.auth_seq_num 
_pdbx_poly_seq_scheme.pdb_mon_id 
_pdbx_poly_seq_scheme.auth_mon_id 
_pdbx_poly_seq_scheme.pdb_strand_id 
_pdbx_poly_seq_scheme.pdb_ins_code 
_pdbx_poly_seq_scheme.hetero 
A 1 1 CYS 1 1 1 CYS CYS A . n 
A 1 2 GLY 2 2 2 GLY GLY A . n 
A 1 3 GLY 3 3 3 GLY GLY A . n 
A 1 4 ILE 4 4 4 ILE ILE A . n 
A 1 5 ARG 5 5 5 ARG ARG A . n 
A 1 6 GLY 6 6 6 GLY GLY A . n 
A 1 7 GLU 7 7 7 GLU GLU A . n 
A 1 8 ARG 8 8 8 ARG ARG A . n 
A 1 9 GLY 9 9 9 GLY GLY A . n 
# 
_cell.entry_id           1CT6 
_cell.length_a           1.000 
_cell.length_b           1.000 
_cell.length_c           1.000 
_cell.angle_alpha        90.00 
_cell.angle_beta         90.00 
_cell.angle_gamma        90.00 
_cell.Z_PDB              1 
_cell.pdbx_unique_axis   ? 
# 
_symmetry.entry_id                         1CT6 
_symmetry.space_group_name_H-M             'P 1' 
_symmetry.pdbx_full_space_group_name_H-M   ? 
_symmetry.cell_setting                     ? 
_symmetry.Int_Tables_number                1 
# 
_exptl.entry_id          1CT6 
_exptl.method            'SOLUTION NMR' 
_exptl.crystals_number   ? 
# 
_struct.entry_id                  1CT6 
_struct.title                     
'SOLUTION STRUCTURE OF CGGIRGERG IN CONTACT WITH THE MONOCLONAL ANTIBODY MAB 4X11, NMR, 11 STRUCTURES' 
_struct.pdbx_model_details        ? 
_struct.pdbx_CASP_flag            ? 
_struct.pdbx_model_type_details   ? 
# 
_struct_keywords.entry_id        1CT6 
_struct_keywords.pdbx_keywords   'DNA BINDING PROTEIN' 
_struct_keywords.text            'SYNTHETIC PEPTIDE, ANALOGUE, TR-NOE, ANTIGEN-ANTIBODY COMPLEX, DNA BINDING PROTEIN' 
# 
_struct_asym.id                            A 
_struct_asym.pdbx_blank_PDB_chainid_flag   N 
_struct_asym.pdbx_modified                 N 
_struct_asym.entity_id                     1 
_struct_asym.details                       ? 
# 
_struct_ref.id                         1 
_struct_ref.db_name                    UNP 
_struct_ref.db_code                    H31_HUMAN 
_struct_ref.entity_id                  1 
_struct_ref.pdbx_db_accession          P16106 
_struct_ref.pdbx_align_begin           ? 
_struct_ref.pdbx_seq_one_letter_code   ? 
_struct_ref.pdbx_db_isoform            ? 
# 
_struct_ref_seq.align_id                      1 
_struct_ref_seq.ref_id                        1 
_struct_ref_seq.pdbx_PDB_id_code              1CT6 
_struct_ref_seq.pdbx_strand_id                A 
_struct_ref_seq.seq_align_beg                 4 
_struct_ref_seq.pdbx_seq_align_beg_ins_code   ? 
_struct_ref_seq.seq_align_end                 9 
_struct_ref_seq.pdbx_seq_align_end_ins_code   ? 
_struct_ref_seq.pdbx_db_accession             P16106 
_struct_ref_seq.db_align_beg                  130 
_struct_ref_seq.pdbx_db_align_beg_ins_code    ? 
_struct_ref_seq.db_align_end                  135 
_struct_ref_seq.pdbx_db_align_end_ins_code    ? 
_struct_ref_seq.pdbx_auth_seq_align_beg       4 
_struct_ref_seq.pdbx_auth_seq_align_end       9 
# 
_struct_ref_seq_dif.align_id                     1 
_struct_ref_seq_dif.pdbx_pdb_id_code             1CT6 
_struct_ref_seq_dif.mon_id                       GLY 
_struct_ref_seq_dif.pdbx_pdb_strand_id           A 
_struct_ref_seq_dif.seq_num                      9 
_struct_ref_seq_dif.pdbx_pdb_ins_code            ? 
_struct_ref_seq_dif.pdbx_seq_db_name             UNP 
_struct_ref_seq_dif.pdbx_seq_db_accession_code   P16106 
_struct_ref_seq_dif.db_mon_id                    ALA 
_struct_ref_seq_dif.pdbx_seq_db_seq_num          130 
_struct_ref_seq_dif.details                      'SEE REMARK 999' 
_struct_ref_seq_dif.pdbx_auth_seq_num            9 
_struct_ref_seq_dif.pdbx_ordinal                 1 
# 
_pdbx_struct_assembly.id                   1 
_pdbx_struct_assembly.details              author_defined_assembly 
_pdbx_struct_assembly.method_details       ? 
_pdbx_struct_assembly.oligomeric_details   monomeric 
_pdbx_struct_assembly.oligomeric_count     1 
# 
_pdbx_struct_assembly_gen.assembly_id       1 
_pdbx_struct_assembly_gen.oper_expression   1 
_pdbx_struct_assembly_gen.asym_id_list      A 
# 
_pdbx_struct_oper_list.id                   1 
_pdbx_struct_oper_list.type                 'identity operation' 
_pdbx_struct_oper_list.name                 1_555 
_pdbx_struct_oper_list.symmetry_operation   x,y,z 
_pdbx_struct_oper_list.matrix[1][1]         1.0000000000 
_pdbx_struct_oper_list.matrix[1][2]         0.0000000000 
_pdbx_struct_oper_list.matrix[1][3]         0.0000000000 
_pdbx_struct_oper_list.vector[1]            0.0000000000 
_pdbx_struct_oper_list.matrix[2][1]         0.0000000000 
_pdbx_struct_oper_list.matrix[2][2]         1.0000000000 
_pdbx_struct_oper_list.matrix[2][3]         0.0000000000 
_pdbx_struct_oper_list.vector[2]            0.0000000000 
_pdbx_struct_oper_list.matrix[3][1]         0.0000000000 
_pdbx_struct_oper_list.matrix[3][2]         0.0000000000 
_pdbx_struct_oper_list.matrix[3][3]         1.0000000000 
_pdbx_struct_oper_list.vector[3]            0.0000000000 
# 
_struct_biol.id   1 
# 
loop_
_pdbx_validate_rmsd_angle.id 
_pdbx_validate_rmsd_angle.PDB_model_num 
_pdbx_validate_rmsd_angle.auth_atom_id_1 
_pdbx_validate_rmsd_angle.auth_asym_id_1 
_pdbx_validate_rmsd_angle.auth_comp_id_1 
_pdbx_validate_rmsd_angle.auth_seq_id_1 
_pdbx_validate_rmsd_angle.PDB_ins_code_1 
_pdbx_validate_rmsd_angle.label_alt_id_1 
_pdbx_validate_rmsd_angle.auth_atom_id_2 
_pdbx_validate_rmsd_angle.auth_asym_id_2 
_pdbx_validate_rmsd_angle.auth_comp_id_2 
_pdbx_validate_rmsd_angle.auth_seq_id_2 
_pdbx_validate_rmsd_angle.PDB_ins_code_2 
_pdbx_validate_rmsd_angle.label_alt_id_2 
_pdbx_validate_rmsd_angle.auth_atom_id_3 
_pdbx_validate_rmsd_angle.auth_asym_id_3 
_pdbx_validate_rmsd_angle.auth_comp_id_3 
_pdbx_validate_rmsd_angle.auth_seq_id_3 
_pdbx_validate_rmsd_angle.PDB_ins_code_3 
_pdbx_validate_rmsd_angle.label_alt_id_3 
_pdbx_validate_rmsd_angle.angle_value 
_pdbx_validate_rmsd_angle.angle_target_value 
_pdbx_validate_rmsd_angle.angle_deviation 
_pdbx_validate_rmsd_angle.angle_standard_deviation 
_pdbx_validate_rmsd_angle.linker_flag 
1  1  NE A ARG 5 ? ? CZ A ARG 5 ? ? NH1 A ARG 5 ? ? 124.08 120.30 3.78 0.50 N 
2  1  NE A ARG 8 ? ? CZ A ARG 8 ? ? NH1 A ARG 8 ? ? 124.03 120.30 3.73 0.50 N 
3  2  NE A ARG 5 ? ? CZ A ARG 5 ? ? NH1 A ARG 5 ? ? 124.35 120.30 4.05 0.50 N 
4  2  NE A ARG 8 ? ? CZ A ARG 8 ? ? NH1 A ARG 8 ? ? 124.10 120.30 3.80 0.50 N 
5  3  NE A ARG 5 ? ? CZ A ARG 5 ? ? NH1 A ARG 5 ? ? 124.04 120.30 3.74 0.50 N 
6  3  NE A ARG 8 ? ? CZ A ARG 8 ? ? NH1 A ARG 8 ? ? 123.99 120.30 3.69 0.50 N 
7  4  NE A ARG 5 ? ? CZ A ARG 5 ? ? NH1 A ARG 5 ? ? 124.01 120.30 3.71 0.50 N 
8  4  NE A ARG 8 ? ? CZ A ARG 8 ? ? NH1 A ARG 8 ? ? 124.29 120.30 3.99 0.50 N 
9  5  NE A ARG 5 ? ? CZ A ARG 5 ? ? NH1 A ARG 5 ? ? 123.99 120.30 3.69 0.50 N 
10 5  NE A ARG 8 ? ? CZ A ARG 8 ? ? NH1 A ARG 8 ? ? 124.17 120.30 3.87 0.50 N 
11 6  NE A ARG 5 ? ? CZ A ARG 5 ? ? NH1 A ARG 5 ? ? 124.02 120.30 3.72 0.50 N 
12 6  NE A ARG 8 ? ? CZ A ARG 8 ? ? NH1 A ARG 8 ? ? 124.00 120.30 3.70 0.50 N 
13 7  NE A ARG 5 ? ? CZ A ARG 5 ? ? NH1 A ARG 5 ? ? 124.11 120.30 3.81 0.50 N 
14 7  NE A ARG 8 ? ? CZ A ARG 8 ? ? NH1 A ARG 8 ? ? 124.01 120.30 3.71 0.50 N 
15 8  NE A ARG 5 ? ? CZ A ARG 5 ? ? NH1 A ARG 5 ? ? 124.28 120.30 3.98 0.50 N 
16 8  NE A ARG 8 ? ? CZ A ARG 8 ? ? NH1 A ARG 8 ? ? 124.04 120.30 3.74 0.50 N 
17 9  NE A ARG 5 ? ? CZ A ARG 5 ? ? NH1 A ARG 5 ? ? 124.00 120.30 3.70 0.50 N 
18 9  NE A ARG 8 ? ? CZ A ARG 8 ? ? NH1 A ARG 8 ? ? 123.96 120.30 3.66 0.50 N 
19 10 NE A ARG 5 ? ? CZ A ARG 5 ? ? NH1 A ARG 5 ? ? 124.08 120.30 3.78 0.50 N 
20 10 NE A ARG 8 ? ? CZ A ARG 8 ? ? NH1 A ARG 8 ? ? 123.99 120.30 3.69 0.50 N 
21 11 NE A ARG 5 ? ? CZ A ARG 5 ? ? NH1 A ARG 5 ? ? 123.98 120.30 3.68 0.50 N 
22 11 NE A ARG 8 ? ? CZ A ARG 8 ? ? NH1 A ARG 8 ? ? 124.05 120.30 3.75 0.50 N 
# 
loop_
_pdbx_validate_torsion.id 
_pdbx_validate_torsion.PDB_model_num 
_pdbx_validate_torsion.auth_comp_id 
_pdbx_validate_torsion.auth_asym_id 
_pdbx_validate_torsion.auth_seq_id 
_pdbx_validate_torsion.PDB_ins_code 
_pdbx_validate_torsion.label_alt_id 
_pdbx_validate_torsion.phi 
_pdbx_validate_torsion.psi 
1  1  ARG A 5 ? ? -155.36 89.49  
2  1  GLU A 7 ? ? -158.91 -59.33 
3  1  ARG A 8 ? ? -159.48 -65.66 
4  3  ARG A 5 ? ? -162.86 116.22 
5  4  ILE A 4 ? ? -55.99  -9.79  
6  5  ARG A 5 ? ? -156.05 82.91  
7  6  ARG A 5 ? ? -151.10 86.43  
8  8  ARG A 5 ? ? -153.84 -66.61 
9  9  GLU A 7 ? ? -154.71 -40.67 
10 10 GLU A 7 ? ? -155.64 -75.50 
11 11 ARG A 5 ? ? -152.01 86.22  
# 
_pdbx_nmr_ensemble.entry_id                                      1CT6 
_pdbx_nmr_ensemble.conformers_calculated_total_number            50 
_pdbx_nmr_ensemble.conformers_submitted_total_number             11 
_pdbx_nmr_ensemble.conformer_selection_criteria                  'structures with the lowest energy' 
_pdbx_nmr_ensemble.average_constraints_per_residue               ? 
_pdbx_nmr_ensemble.average_constraint_violations_per_residue     ? 
_pdbx_nmr_ensemble.maximum_distance_constraint_violation         ? 
_pdbx_nmr_ensemble.average_distance_constraint_violation         ? 
_pdbx_nmr_ensemble.maximum_upper_distance_constraint_violation   ? 
_pdbx_nmr_ensemble.maximum_lower_distance_constraint_violation   ? 
_pdbx_nmr_ensemble.distance_constraint_violation_method          ? 
_pdbx_nmr_ensemble.maximum_torsion_angle_constraint_violation    ? 
_pdbx_nmr_ensemble.average_torsion_angle_constraint_violation    ? 
_pdbx_nmr_ensemble.torsion_angle_constraint_violation_method     ? 
# 
_pdbx_nmr_representative.entry_id             1CT6 
_pdbx_nmr_representative.conformer_id         11 
_pdbx_nmr_representative.selection_criteria   'lowest energy' 
# 
_pdbx_nmr_sample_details.solution_id      1 
_pdbx_nmr_sample_details.contents         '5 MM PEPTIDE, 0.1 MM MAB; 100 MM PHOSPHTE BUFFER CONTAINING 0.02% SODIUM AZIDE' 
_pdbx_nmr_sample_details.solvent_system   ? 
# 
_pdbx_nmr_exptl_sample_conditions.conditions_id       1 
_pdbx_nmr_exptl_sample_conditions.temperature         277 
_pdbx_nmr_exptl_sample_conditions.pressure            1 
_pdbx_nmr_exptl_sample_conditions.pH                  7 
_pdbx_nmr_exptl_sample_conditions.ionic_strength      '0.1M PHOSPHATE' 
_pdbx_nmr_exptl_sample_conditions.pressure_units      atm 
_pdbx_nmr_exptl_sample_conditions.temperature_units   K 
# 
_pdbx_nmr_exptl.experiment_id   1 
_pdbx_nmr_exptl.conditions_id   1 
_pdbx_nmr_exptl.type            'TOCSY, NOESY, COSY' 
_pdbx_nmr_exptl.solution_id     1 
# 
_pdbx_nmr_details.entry_id   1CT6 
_pdbx_nmr_details.text       'THE PEPTIDE/MAB MOLAR RATIO WAS ADJUSTED TO 50/1 (I.E. 5MM OF PEPTIDE AND 0.1 MM MAB)' 
# 
_pdbx_nmr_refine.entry_id           1CT6 
_pdbx_nmr_refine.method             'ENERGY MINIMISATION MOLECULAR DYNAMICS' 
_pdbx_nmr_refine.details            
;ENERGY MINIMISATION. A DISTANT DEPENDENT DIELECTRIC CONSTANT EQUAL TO 4R WAS APPLIED. THE NET ELECTRIC CHARGES WERE DECREASED, WHILE THOSE OF THE N AND C TERMINAL CHARGED GROUPS WERE NEGLECTED. IN THE PDB, NH3+ IS INCLUDED IN THE RESIDUE CYS, AND COO- IS INCLUDED IN THE RESIDUE GLY. THE RESIDUE GLU HAS MISSING ATOMS HE2 IN ALL STRUCTURES BECAUSE IN DISCOVER, THIS RESIDUE IS MODELLED AS A CHARGED GROUP(WE HAVE COO- AND NOT COOH).
;
_pdbx_nmr_refine.software_ordinal   1 
# 
loop_
_pdbx_nmr_software.classification 
_pdbx_nmr_software.name 
_pdbx_nmr_software.version 
_pdbx_nmr_software.authors 
_pdbx_nmr_software.ordinal 
'structure solution' DYANA    1.4 'GUNTERT, WUTHRICH'                         1 
'structure solution' Discover 3   'MOLECULAR SIMULATIONS INC., SAN DIEGO, CA' 2 
refinement           Discover 3   'MOLECULAR SIMULATIONS INC.'                3 
# 
loop_
_chem_comp_atom.comp_id 
_chem_comp_atom.atom_id 
_chem_comp_atom.type_symbol 
_chem_comp_atom.pdbx_aromatic_flag 
_chem_comp_atom.pdbx_stereo_config 
_chem_comp_atom.pdbx_ordinal 
ALA N    N N N 1   
ALA CA   C N S 2   
ALA C    C N N 3   
ALA O    O N N 4   
ALA CB   C N N 5   
ALA OXT  O N N 6   
ALA H    H N N 7   
ALA H2   H N N 8   
ALA HA   H N N 9   
ALA HB1  H N N 10  
ALA HB2  H N N 11  
ALA HB3  H N N 12  
ALA HXT  H N N 13  
ARG N    N N N 14  
ARG CA   C N S 15  
ARG C    C N N 16  
ARG O    O N N 17  
ARG CB   C N N 18  
ARG CG   C N N 19  
ARG CD   C N N 20  
ARG NE   N N N 21  
ARG CZ   C N N 22  
ARG NH1  N N N 23  
ARG NH2  N N N 24  
ARG OXT  O N N 25  
ARG H    H N N 26  
ARG H2   H N N 27  
ARG HA   H N N 28  
ARG HB2  H N N 29  
ARG HB3  H N N 30  
ARG HG2  H N N 31  
ARG HG3  H N N 32  
ARG HD2  H N N 33  
ARG HD3  H N N 34  
ARG HE   H N N 35  
ARG HH11 H N N 36  
ARG HH12 H N N 37  
ARG HH21 H N N 38  
ARG HH22 H N N 39  
ARG HXT  H N N 40  
CYS N    N N N 41  
CYS CA   C N R 42  
CYS C    C N N 43  
CYS O    O N N 44  
CYS CB   C N N 45  
CYS SG   S N N 46  
CYS OXT  O N N 47  
CYS H    H N N 48  
CYS H2   H N N 49  
CYS HA   H N N 50  
CYS HB2  H N N 51  
CYS HB3  H N N 52  
CYS HG   H N N 53  
CYS HXT  H N N 54  
GLU N    N N N 55  
GLU CA   C N S 56  
GLU C    C N N 57  
GLU O    O N N 58  
GLU CB   C N N 59  
GLU CG   C N N 60  
GLU CD   C N N 61  
GLU OE1  O N N 62  
GLU OE2  O N N 63  
GLU OXT  O N N 64  
GLU H    H N N 65  
GLU H2   H N N 66  
GLU HA   H N N 67  
GLU HB2  H N N 68  
GLU HB3  H N N 69  
GLU HG2  H N N 70  
GLU HG3  H N N 71  
GLU HE2  H N N 72  
GLU HXT  H N N 73  
GLY N    N N N 74  
GLY CA   C N N 75  
GLY C    C N N 76  
GLY O    O N N 77  
GLY OXT  O N N 78  
GLY H    H N N 79  
GLY H2   H N N 80  
GLY HA2  H N N 81  
GLY HA3  H N N 82  
GLY HXT  H N N 83  
ILE N    N N N 84  
ILE CA   C N S 85  
ILE C    C N N 86  
ILE O    O N N 87  
ILE CB   C N S 88  
ILE CG1  C N N 89  
ILE CG2  C N N 90  
ILE CD1  C N N 91  
ILE OXT  O N N 92  
ILE H    H N N 93  
ILE H2   H N N 94  
ILE HA   H N N 95  
ILE HB   H N N 96  
ILE HG12 H N N 97  
ILE HG13 H N N 98  
ILE HG21 H N N 99  
ILE HG22 H N N 100 
ILE HG23 H N N 101 
ILE HD11 H N N 102 
ILE HD12 H N N 103 
ILE HD13 H N N 104 
ILE HXT  H N N 105 
# 
loop_
_chem_comp_bond.comp_id 
_chem_comp_bond.atom_id_1 
_chem_comp_bond.atom_id_2 
_chem_comp_bond.value_order 
_chem_comp_bond.pdbx_aromatic_flag 
_chem_comp_bond.pdbx_stereo_config 
_chem_comp_bond.pdbx_ordinal 
ALA N   CA   sing N N 1  
ALA N   H    sing N N 2  
ALA N   H2   sing N N 3  
ALA CA  C    sing N N 4  
ALA CA  CB   sing N N 5  
ALA CA  HA   sing N N 6  
ALA C   O    doub N N 7  
ALA C   OXT  sing N N 8  
ALA CB  HB1  sing N N 9  
ALA CB  HB2  sing N N 10 
ALA CB  HB3  sing N N 11 
ALA OXT HXT  sing N N 12 
ARG N   CA   sing N N 13 
ARG N   H    sing N N 14 
ARG N   H2   sing N N 15 
ARG CA  C    sing N N 16 
ARG CA  CB   sing N N 17 
ARG CA  HA   sing N N 18 
ARG C   O    doub N N 19 
ARG C   OXT  sing N N 20 
ARG CB  CG   sing N N 21 
ARG CB  HB2  sing N N 22 
ARG CB  HB3  sing N N 23 
ARG CG  CD   sing N N 24 
ARG CG  HG2  sing N N 25 
ARG CG  HG3  sing N N 26 
ARG CD  NE   sing N N 27 
ARG CD  HD2  sing N N 28 
ARG CD  HD3  sing N N 29 
ARG NE  CZ   sing N N 30 
ARG NE  HE   sing N N 31 
ARG CZ  NH1  sing N N 32 
ARG CZ  NH2  doub N N 33 
ARG NH1 HH11 sing N N 34 
ARG NH1 HH12 sing N N 35 
ARG NH2 HH21 sing N N 36 
ARG NH2 HH22 sing N N 37 
ARG OXT HXT  sing N N 38 
CYS N   CA   sing N N 39 
CYS N   H    sing N N 40 
CYS N   H2   sing N N 41 
CYS CA  C    sing N N 42 
CYS CA  CB   sing N N 43 
CYS CA  HA   sing N N 44 
CYS C   O    doub N N 45 
CYS C   OXT  sing N N 46 
CYS CB  SG   sing N N 47 
CYS CB  HB2  sing N N 48 
CYS CB  HB3  sing N N 49 
CYS SG  HG   sing N N 50 
CYS OXT HXT  sing N N 51 
GLU N   CA   sing N N 52 
GLU N   H    sing N N 53 
GLU N   H2   sing N N 54 
GLU CA  C    sing N N 55 
GLU CA  CB   sing N N 56 
GLU CA  HA   sing N N 57 
GLU C   O    doub N N 58 
GLU C   OXT  sing N N 59 
GLU CB  CG   sing N N 60 
GLU CB  HB2  sing N N 61 
GLU CB  HB3  sing N N 62 
GLU CG  CD   sing N N 63 
GLU CG  HG2  sing N N 64 
GLU CG  HG3  sing N N 65 
GLU CD  OE1  doub N N 66 
GLU CD  OE2  sing N N 67 
GLU OE2 HE2  sing N N 68 
GLU OXT HXT  sing N N 69 
GLY N   CA   sing N N 70 
GLY N   H    sing N N 71 
GLY N   H2   sing N N 72 
GLY CA  C    sing N N 73 
GLY CA  HA2  sing N N 74 
GLY CA  HA3  sing N N 75 
GLY C   O    doub N N 76 
GLY C   OXT  sing N N 77 
GLY OXT HXT  sing N N 78 
ILE N   CA   sing N N 79 
ILE N   H    sing N N 80 
ILE N   H2   sing N N 81 
ILE CA  C    sing N N 82 
ILE CA  CB   sing N N 83 
ILE CA  HA   sing N N 84 
ILE C   O    doub N N 85 
ILE C   OXT  sing N N 86 
ILE CB  CG1  sing N N 87 
ILE CB  CG2  sing N N 88 
ILE CB  HB   sing N N 89 
ILE CG1 CD1  sing N N 90 
ILE CG1 HG12 sing N N 91 
ILE CG1 HG13 sing N N 92 
ILE CG2 HG21 sing N N 93 
ILE CG2 HG22 sing N N 94 
ILE CG2 HG23 sing N N 95 
ILE CD1 HD11 sing N N 96 
ILE CD1 HD12 sing N N 97 
ILE CD1 HD13 sing N N 98 
ILE OXT HXT  sing N N 99 
# 
_pdbx_nmr_spectrometer.spectrometer_id   1 
_pdbx_nmr_spectrometer.model             DRX 
_pdbx_nmr_spectrometer.manufacturer      Bruker 
_pdbx_nmr_spectrometer.field_strength    400 
_pdbx_nmr_spectrometer.type              ? 
# 
_atom_sites.entry_id                    1CT6 
_atom_sites.fract_transf_matrix[1][1]   1.000000 
_atom_sites.fract_transf_matrix[1][2]   0.000000 
_atom_sites.fract_transf_matrix[1][3]   0.000000 
_atom_sites.fract_transf_matrix[2][1]   0.000000 
_atom_sites.fract_transf_matrix[2][2]   1.000000 
_atom_sites.fract_transf_matrix[2][3]   0.000000 
_atom_sites.fract_transf_matrix[3][1]   0.000000 
_atom_sites.fract_transf_matrix[3][2]   0.000000 
_atom_sites.fract_transf_matrix[3][3]   1.000000 
_atom_sites.fract_transf_vector[1]      0.00000 
_atom_sites.fract_transf_vector[2]      0.00000 
_atom_sites.fract_transf_vector[3]      0.00000 
# 
loop_
_atom_type.symbol 
C 
H 
N 
O 
S 
# 
loop_
_atom_site.group_PDB 
_atom_site.id 
_atom_site.type_symbol 
_atom_site.label_atom_id 
_atom_site.label_alt_id 
_atom_site.label_comp_id 
_atom_site.label_asym_id 
_atom_site.label_entity_id 
_atom_site.label_seq_id 
_atom_site.pdbx_PDB_ins_code 
_atom_site.Cartn_x 
_atom_site.Cartn_y 
_atom_site.Cartn_z 
_atom_site.occupancy 
_atom_site.B_iso_or_equiv 
_atom_site.pdbx_formal_charge 
_atom_site.auth_seq_id 
_atom_site.auth_comp_id 
_atom_site.auth_asym_id 
_atom_site.auth_atom_id 
_atom_site.pdbx_PDB_model_num 
ATOM 1    N N    . CYS A 1 1 ? -0.995  0.292   -5.462 1.00 0.00 ? 1 CYS A N    1  
ATOM 2    C CA   . CYS A 1 1 ? -0.433  1.331   -4.575 1.00 0.00 ? 1 CYS A CA   1  
ATOM 3    C C    . CYS A 1 1 ? -0.593  0.893   -3.098 1.00 0.00 ? 1 CYS A C    1  
ATOM 4    O O    . CYS A 1 1 ? -1.717  0.749   -2.601 1.00 0.00 ? 1 CYS A O    1  
ATOM 5    C CB   . CYS A 1 1 ? -1.103  2.694   -4.853 1.00 0.00 ? 1 CYS A CB   1  
ATOM 6    S SG   . CYS A 1 1 ? -0.753  3.262   -6.553 1.00 0.00 ? 1 CYS A SG   1  
ATOM 7    H H1   . CYS A 1 1 ? -0.883  0.537   -6.452 1.00 0.00 ? 1 CYS A H1   1  
ATOM 8    H H2   . CYS A 1 1 ? -0.534  -0.615  -5.319 1.00 0.00 ? 1 CYS A H2   1  
ATOM 9    H H3   . CYS A 1 1 ? -1.997  0.152   -5.294 1.00 0.00 ? 1 CYS A H3   1  
ATOM 10   H HA   . CYS A 1 1 ? 0.639   1.438   -4.830 1.00 0.00 ? 1 CYS A HA   1  
ATOM 11   H HB2  . CYS A 1 1 ? -2.198  2.657   -4.694 1.00 0.00 ? 1 CYS A HB2  1  
ATOM 12   H HB3  . CYS A 1 1 ? -0.718  3.461   -4.155 1.00 0.00 ? 1 CYS A HB3  1  
ATOM 13   H HG   . CYS A 1 1 ? -1.649  2.494   -7.169 1.00 0.00 ? 1 CYS A HG   1  
ATOM 14   N N    . GLY A 1 2 ? 0.536   0.688   -2.398 1.00 0.00 ? 2 GLY A N    1  
ATOM 15   C CA   . GLY A 1 2 ? 0.514   0.269   -0.978 1.00 0.00 ? 2 GLY A CA   1  
ATOM 16   C C    . GLY A 1 2 ? 1.897   0.366   -0.318 1.00 0.00 ? 2 GLY A C    1  
ATOM 17   O O    . GLY A 1 2 ? 2.265   1.427   0.193  1.00 0.00 ? 2 GLY A O    1  
ATOM 18   H H    . GLY A 1 2 ? 1.413   0.852   -2.906 1.00 0.00 ? 2 GLY A H    1  
ATOM 19   H HA2  . GLY A 1 2 ? -0.181  0.917   -0.418 1.00 0.00 ? 2 GLY A HA2  1  
ATOM 20   H HA3  . GLY A 1 2 ? 0.096   -0.754  -0.889 1.00 0.00 ? 2 GLY A HA3  1  
ATOM 21   N N    . GLY A 1 3 ? 2.652   -0.744  -0.339 1.00 0.00 ? 3 GLY A N    1  
ATOM 22   C CA   . GLY A 1 3 ? 4.011   -0.817  0.254  1.00 0.00 ? 3 GLY A CA   1  
ATOM 23   C C    . GLY A 1 3 ? 4.056   -1.060  1.762  1.00 0.00 ? 3 GLY A C    1  
ATOM 24   O O    . GLY A 1 3 ? 3.964   -2.184  2.258  1.00 0.00 ? 3 GLY A O    1  
ATOM 25   H H    . GLY A 1 3 ? 2.214   -1.552  -0.795 1.00 0.00 ? 3 GLY A H    1  
ATOM 26   H HA2  . GLY A 1 3 ? 4.570   -1.621  -0.219 1.00 0.00 ? 3 GLY A HA2  1  
ATOM 27   H HA3  . GLY A 1 3 ? 4.531   0.138   0.024  1.00 0.00 ? 3 GLY A HA3  1  
ATOM 28   N N    . ILE A 1 4 ? 4.167   0.069   2.443  1.00 0.00 ? 4 ILE A N    1  
ATOM 29   C CA   . ILE A 1 4 ? 4.139   0.179   3.929  1.00 0.00 ? 4 ILE A CA   1  
ATOM 30   C C    . ILE A 1 4 ? 2.856   1.034   4.323  1.00 0.00 ? 4 ILE A C    1  
ATOM 31   O O    . ILE A 1 4 ? 2.665   1.339   5.504  1.00 0.00 ? 4 ILE A O    1  
ATOM 32   C CB   . ILE A 1 4 ? 5.524   0.731   4.454  1.00 0.00 ? 4 ILE A CB   1  
ATOM 33   C CG1  . ILE A 1 4 ? 6.783   -0.081  4.004  1.00 0.00 ? 4 ILE A CG1  1  
ATOM 34   C CG2  . ILE A 1 4 ? 5.599   0.938   5.989  1.00 0.00 ? 4 ILE A CG2  1  
ATOM 35   C CD1  . ILE A 1 4 ? 6.870   -1.551  4.455  1.00 0.00 ? 4 ILE A CD1  1  
ATOM 36   H H    . ILE A 1 4 ? 4.273   0.887   1.831  1.00 0.00 ? 4 ILE A H    1  
ATOM 37   H HA   . ILE A 1 4 ? 3.983   -0.820  4.385  1.00 0.00 ? 4 ILE A HA   1  
ATOM 38   H HB   . ILE A 1 4 ? 5.649   1.740   4.015  1.00 0.00 ? 4 ILE A HB   1  
ATOM 39   H HG12 . ILE A 1 4 ? 6.860   -0.053  2.901  1.00 0.00 ? 4 ILE A HG12 1  
ATOM 40   H HG13 . ILE A 1 4 ? 7.699   0.444   4.342  1.00 0.00 ? 4 ILE A HG13 1  
ATOM 41   H HG21 . ILE A 1 4 ? 4.924   1.739   6.336  1.00 0.00 ? 4 ILE A HG21 1  
ATOM 42   H HG22 . ILE A 1 4 ? 5.334   0.020   6.546  1.00 0.00 ? 4 ILE A HG22 1  
ATOM 43   H HG23 . ILE A 1 4 ? 6.610   1.242   6.321  1.00 0.00 ? 4 ILE A HG23 1  
ATOM 44   H HD11 . ILE A 1 4 ? 7.793   -2.027  4.077  1.00 0.00 ? 4 ILE A HD11 1  
ATOM 45   H HD12 . ILE A 1 4 ? 6.883   -1.645  5.555  1.00 0.00 ? 4 ILE A HD12 1  
ATOM 46   H HD13 . ILE A 1 4 ? 6.021   -2.149  4.077  1.00 0.00 ? 4 ILE A HD13 1  
ATOM 47   N N    . ARG A 1 5 ? 1.931   1.356   3.374  1.00 0.00 ? 5 ARG A N    1  
ATOM 48   C CA   . ARG A 1 5 ? 0.704   2.155   3.652  1.00 0.00 ? 5 ARG A CA   1  
ATOM 49   C C    . ARG A 1 5 ? -0.367  1.803   2.579  1.00 0.00 ? 5 ARG A C    1  
ATOM 50   O O    . ARG A 1 5 ? -0.458  2.456   1.533  1.00 0.00 ? 5 ARG A O    1  
ATOM 51   C CB   . ARG A 1 5 ? 1.067   3.671   3.712  1.00 0.00 ? 5 ARG A CB   1  
ATOM 52   C CG   . ARG A 1 5 ? -0.090  4.612   4.112  1.00 0.00 ? 5 ARG A CG   1  
ATOM 53   C CD   . ARG A 1 5 ? 0.370   6.075   4.256  1.00 0.00 ? 5 ARG A CD   1  
ATOM 54   N NE   . ARG A 1 5 ? -0.785  6.957   4.548  1.00 0.00 ? 5 ARG A NE   1  
ATOM 55   C CZ   . ARG A 1 5 ? -0.708  8.292   4.694  1.00 0.00 ? 5 ARG A CZ   1  
ATOM 56   N NH1  . ARG A 1 5 ? 0.425   8.984   4.636  1.00 0.00 ? 5 ARG A NH1  1  
ATOM 57   N NH2  . ARG A 1 5 ? -1.830  8.956   4.909  1.00 0.00 ? 5 ARG A NH2  1  
ATOM 58   H H    . ARG A 1 5 ? 2.241   1.013   2.432  1.00 0.00 ? 5 ARG A H    1  
ATOM 59   H HA   . ARG A 1 5 ? 0.308   1.874   4.650  1.00 0.00 ? 5 ARG A HA   1  
ATOM 60   H HB2  . ARG A 1 5 ? 1.892   3.812   4.437  1.00 0.00 ? 5 ARG A HB2  1  
ATOM 61   H HB3  . ARG A 1 5 ? 1.483   3.993   2.737  1.00 0.00 ? 5 ARG A HB3  1  
ATOM 62   H HG2  . ARG A 1 5 ? -0.895  4.544   3.355  1.00 0.00 ? 5 ARG A HG2  1  
ATOM 63   H HG3  . ARG A 1 5 ? -0.541  4.266   5.062  1.00 0.00 ? 5 ARG A HG3  1  
ATOM 64   H HD2  . ARG A 1 5 ? 1.123   6.156   5.064  1.00 0.00 ? 5 ARG A HD2  1  
ATOM 65   H HD3  . ARG A 1 5 ? 0.870   6.407   3.326  1.00 0.00 ? 5 ARG A HD3  1  
ATOM 66   H HE   . ARG A 1 5 ? -1.737  6.582   4.616  1.00 0.00 ? 5 ARG A HE   1  
ATOM 67   H HH11 . ARG A 1 5 ? 1.284   8.446   4.475  1.00 0.00 ? 5 ARG A HH11 1  
ATOM 68   H HH12 . ARG A 1 5 ? 0.354   10.000  4.768  1.00 0.00 ? 5 ARG A HH12 1  
ATOM 69   H HH21 . ARG A 1 5 ? -2.691  8.398   4.949  1.00 0.00 ? 5 ARG A HH21 1  
ATOM 70   H HH22 . ARG A 1 5 ? -1.750  9.972   5.021  1.00 0.00 ? 5 ARG A HH22 1  
ATOM 71   N N    . GLY A 1 6 ? -1.190  0.775   2.866  1.00 0.00 ? 6 GLY A N    1  
ATOM 72   C CA   . GLY A 1 6 ? -2.257  0.316   1.945  1.00 0.00 ? 6 GLY A CA   1  
ATOM 73   C C    . GLY A 1 6 ? -3.626  0.979   2.178  1.00 0.00 ? 6 GLY A C    1  
ATOM 74   O O    . GLY A 1 6 ? -4.507  0.377   2.799  1.00 0.00 ? 6 GLY A O    1  
ATOM 75   H H    . GLY A 1 6 ? -1.010  0.315   3.766  1.00 0.00 ? 6 GLY A H    1  
ATOM 76   H HA2  . GLY A 1 6 ? -1.957  0.427   0.885  1.00 0.00 ? 6 GLY A HA2  1  
ATOM 77   H HA3  . GLY A 1 6 ? -2.373  -0.777  2.075  1.00 0.00 ? 6 GLY A HA3  1  
ATOM 78   N N    . GLU A 1 7 ? -3.789  2.208   1.660  1.00 0.00 ? 7 GLU A N    1  
ATOM 79   C CA   . GLU A 1 7 ? -5.052  2.993   1.782  1.00 0.00 ? 7 GLU A CA   1  
ATOM 80   C C    . GLU A 1 7 ? -5.143  4.094   0.682  1.00 0.00 ? 7 GLU A C    1  
ATOM 81   O O    . GLU A 1 7 ? -6.089  4.082   -0.111 1.00 0.00 ? 7 GLU A O    1  
ATOM 82   C CB   . GLU A 1 7 ? -5.386  3.477   3.231  1.00 0.00 ? 7 GLU A CB   1  
ATOM 83   C CG   . GLU A 1 7 ? -4.379  4.368   4.006  1.00 0.00 ? 7 GLU A CG   1  
ATOM 84   C CD   . GLU A 1 7 ? -4.521  5.879   3.790  1.00 0.00 ? 7 GLU A CD   1  
ATOM 85   O OE1  . GLU A 1 7 ? -5.585  6.445   4.126  1.00 0.00 ? 7 GLU A OE1  1  
ATOM 86   O OE2  . GLU A 1 7 ? -3.564  6.511   3.292  1.00 0.00 ? 7 GLU A OE2  1  
ATOM 87   H H    . GLU A 1 7 ? -2.964  2.577   1.176  1.00 0.00 ? 7 GLU A H    1  
ATOM 88   H HA   . GLU A 1 7 ? -5.872  2.294   1.529  1.00 0.00 ? 7 GLU A HA   1  
ATOM 89   H HB2  . GLU A 1 7 ? -6.385  3.956   3.234  1.00 0.00 ? 7 GLU A HB2  1  
ATOM 90   H HB3  . GLU A 1 7 ? -5.543  2.570   3.845  1.00 0.00 ? 7 GLU A HB3  1  
ATOM 91   H HG2  . GLU A 1 7 ? -4.514  4.189   5.088  1.00 0.00 ? 7 GLU A HG2  1  
ATOM 92   H HG3  . GLU A 1 7 ? -3.342  4.048   3.799  1.00 0.00 ? 7 GLU A HG3  1  
ATOM 93   N N    . ARG A 1 8 ? -4.177  5.033   0.627  1.00 0.00 ? 8 ARG A N    1  
ATOM 94   C CA   . ARG A 1 8 ? -4.146  6.140   -0.371 1.00 0.00 ? 8 ARG A CA   1  
ATOM 95   C C    . ARG A 1 8 ? -2.694  6.696   -0.488 1.00 0.00 ? 8 ARG A C    1  
ATOM 96   O O    . ARG A 1 8 ? -2.088  6.572   -1.557 1.00 0.00 ? 8 ARG A O    1  
ATOM 97   C CB   . ARG A 1 8 ? -5.229  7.229   -0.087 1.00 0.00 ? 8 ARG A CB   1  
ATOM 98   C CG   . ARG A 1 8 ? -5.399  8.276   -1.211 1.00 0.00 ? 8 ARG A CG   1  
ATOM 99   C CD   . ARG A 1 8 ? -6.531  9.279   -0.923 1.00 0.00 ? 8 ARG A CD   1  
ATOM 100  N NE   . ARG A 1 8 ? -6.666  10.252  -2.035 1.00 0.00 ? 8 ARG A NE   1  
ATOM 101  C CZ   . ARG A 1 8 ? -7.616  11.204  -2.106 1.00 0.00 ? 8 ARG A CZ   1  
ATOM 102  N NH1  . ARG A 1 8 ? -8.553  11.393  -1.177 1.00 0.00 ? 8 ARG A NH1  1  
ATOM 103  N NH2  . ARG A 1 8 ? -7.621  11.999  -3.158 1.00 0.00 ? 8 ARG A NH2  1  
ATOM 104  H H    . ARG A 1 8 ? -3.438  4.903   1.329  1.00 0.00 ? 8 ARG A H    1  
ATOM 105  H HA   . ARG A 1 8 ? -4.386  5.697   -1.357 1.00 0.00 ? 8 ARG A HA   1  
ATOM 106  H HB2  . ARG A 1 8 ? -6.210  6.740   0.070  1.00 0.00 ? 8 ARG A HB2  1  
ATOM 107  H HB3  . ARG A 1 8 ? -5.015  7.742   0.871  1.00 0.00 ? 8 ARG A HB3  1  
ATOM 108  H HG2  . ARG A 1 8 ? -4.446  8.820   -1.359 1.00 0.00 ? 8 ARG A HG2  1  
ATOM 109  H HG3  . ARG A 1 8 ? -5.599  7.754   -2.167 1.00 0.00 ? 8 ARG A HG3  1  
ATOM 110  H HD2  . ARG A 1 8 ? -7.486  8.736   -0.779 1.00 0.00 ? 8 ARG A HD2  1  
ATOM 111  H HD3  . ARG A 1 8 ? -6.331  9.817   0.024  1.00 0.00 ? 8 ARG A HD3  1  
ATOM 112  H HE   . ARG A 1 8 ? -6.022  10.241  -2.833 1.00 0.00 ? 8 ARG A HE   1  
ATOM 113  H HH11 . ARG A 1 8 ? -8.530  10.761  -0.369 1.00 0.00 ? 8 ARG A HH11 1  
ATOM 114  H HH12 . ARG A 1 8 ? -9.223  12.150  -1.346 1.00 0.00 ? 8 ARG A HH12 1  
ATOM 115  H HH21 . ARG A 1 8 ? -6.892  11.834  -3.860 1.00 0.00 ? 8 ARG A HH21 1  
ATOM 116  H HH22 . ARG A 1 8 ? -8.354  12.715  -3.191 1.00 0.00 ? 8 ARG A HH22 1  
ATOM 117  N N    . GLY A 1 9 ? -2.151  7.316   0.582  1.00 0.00 ? 9 GLY A N    1  
ATOM 118  C CA   . GLY A 1 9 ? -0.786  7.884   0.584  1.00 0.00 ? 9 GLY A CA   1  
ATOM 119  C C    . GLY A 1 9 ? -0.829  9.412   0.534  1.00 0.00 ? 9 GLY A C    1  
ATOM 120  O O    . GLY A 1 9 ? -0.841  9.981   -0.580 1.00 0.00 ? 9 GLY A O    1  
ATOM 121  O OXT  . GLY A 1 9 ? -0.852  10.054  1.609  1.00 0.00 ? 9 GLY A OXT  1  
ATOM 122  H H    . GLY A 1 9 ? -2.752  7.316   1.414  1.00 0.00 ? 9 GLY A H    1  
ATOM 123  H HA2  . GLY A 1 9 ? -0.268  7.562   1.504  1.00 0.00 ? 9 GLY A HA2  1  
ATOM 124  H HA3  . GLY A 1 9 ? -0.164  7.497   -0.248 1.00 0.00 ? 9 GLY A HA3  1  
ATOM 125  N N    . CYS A 1 1 ? 0.565   0.010   -5.720 1.00 0.00 ? 1 CYS A N    2  
ATOM 126  C CA   . CYS A 1 1 ? 0.563   1.310   -5.018 1.00 0.00 ? 1 CYS A CA   2  
ATOM 127  C C    . CYS A 1 1 ? 0.092   1.102   -3.554 1.00 0.00 ? 1 CYS A C    2  
ATOM 128  O O    . CYS A 1 1 ? -1.111  1.096   -3.269 1.00 0.00 ? 1 CYS A O    2  
ATOM 129  C CB   . CYS A 1 1 ? -0.297  2.316   -5.814 1.00 0.00 ? 1 CYS A CB   2  
ATOM 130  S SG   . CYS A 1 1 ? -0.248  3.963   -5.034 1.00 0.00 ? 1 CYS A SG   2  
ATOM 131  H H1   . CYS A 1 1 ? 0.900   0.103   -6.686 1.00 0.00 ? 1 CYS A H1   2  
ATOM 132  H H2   . CYS A 1 1 ? 1.174   -0.671  -5.252 1.00 0.00 ? 1 CYS A H2   2  
ATOM 133  H H3   . CYS A 1 1 ? -0.375  -0.400  -5.763 1.00 0.00 ? 1 CYS A H3   2  
ATOM 134  H HA   . CYS A 1 1 ? 1.601   1.697   -5.025 1.00 0.00 ? 1 CYS A HA   2  
ATOM 135  H HB2  . CYS A 1 1 ? 0.063   2.415   -6.857 1.00 0.00 ? 1 CYS A HB2  2  
ATOM 136  H HB3  . CYS A 1 1 ? -1.351  1.985   -5.879 1.00 0.00 ? 1 CYS A HB3  2  
ATOM 137  H HG   . CYS A 1 1 ? 1.036   4.214   -5.273 1.00 0.00 ? 1 CYS A HG   2  
ATOM 138  N N    . GLY A 1 2 ? 1.052   0.925   -2.629 1.00 0.00 ? 2 GLY A N    2  
ATOM 139  C CA   . GLY A 1 2 ? 0.737   0.711   -1.200 1.00 0.00 ? 2 GLY A CA   2  
ATOM 140  C C    . GLY A 1 2 ? 1.996   0.409   -0.372 1.00 0.00 ? 2 GLY A C    2  
ATOM 141  O O    . GLY A 1 2 ? 2.652   1.340   0.101  1.00 0.00 ? 2 GLY A O    2  
ATOM 142  H H    . GLY A 1 2 ? 2.017   0.942   -2.977 1.00 0.00 ? 2 GLY A H    2  
ATOM 143  H HA2  . GLY A 1 2 ? 0.261   1.622   -0.793 1.00 0.00 ? 2 GLY A HA2  2  
ATOM 144  H HA3  . GLY A 1 2 ? -0.017  -0.092  -1.081 1.00 0.00 ? 2 GLY A HA3  2  
ATOM 145  N N    . GLY A 1 3 ? 2.291   -0.890  -0.179 1.00 0.00 ? 3 GLY A N    2  
ATOM 146  C CA   . GLY A 1 3 ? 3.472   -1.377  0.586  1.00 0.00 ? 3 GLY A CA   2  
ATOM 147  C C    . GLY A 1 3 ? 3.555   -0.962  2.048  1.00 0.00 ? 3 GLY A C    2  
ATOM 148  O O    . GLY A 1 3 ? 2.973   -1.592  2.934  1.00 0.00 ? 3 GLY A O    2  
ATOM 149  H H    . GLY A 1 3 ? 1.640   -1.543  -0.629 1.00 0.00 ? 3 GLY A H    2  
ATOM 150  H HA2  . GLY A 1 3 ? 3.476   -2.467  0.587  1.00 0.00 ? 3 GLY A HA2  2  
ATOM 151  H HA3  . GLY A 1 3 ? 4.380   -1.026  0.062  1.00 0.00 ? 3 GLY A HA3  2  
ATOM 152  N N    . ILE A 1 4 ? 4.312   0.121   2.247  1.00 0.00 ? 4 ILE A N    2  
ATOM 153  C CA   . ILE A 1 4 ? 4.441   0.817   3.563  1.00 0.00 ? 4 ILE A CA   2  
ATOM 154  C C    . ILE A 1 4 ? 3.063   1.295   4.178  1.00 0.00 ? 4 ILE A C    2  
ATOM 155  O O    . ILE A 1 4 ? 2.998   1.606   5.371  1.00 0.00 ? 4 ILE A O    2  
ATOM 156  C CB   . ILE A 1 4 ? 5.531   1.946   3.451  1.00 0.00 ? 4 ILE A CB   2  
ATOM 157  C CG1  . ILE A 1 4 ? 6.055   2.497   4.810  1.00 0.00 ? 4 ILE A CG1  2  
ATOM 158  C CG2  . ILE A 1 4 ? 5.105   3.142   2.556  1.00 0.00 ? 4 ILE A CG2  2  
ATOM 159  C CD1  . ILE A 1 4 ? 6.769   1.476   5.710  1.00 0.00 ? 4 ILE A CD1  2  
ATOM 160  H H    . ILE A 1 4 ? 4.658   0.497   1.359  1.00 0.00 ? 4 ILE A H    2  
ATOM 161  H HA   . ILE A 1 4 ? 4.829   0.057   4.266  1.00 0.00 ? 4 ILE A HA   2  
ATOM 162  H HB   . ILE A 1 4 ? 6.417   1.500   2.955  1.00 0.00 ? 4 ILE A HB   2  
ATOM 163  H HG12 . ILE A 1 4 ? 6.773   3.319   4.620  1.00 0.00 ? 4 ILE A HG12 2  
ATOM 164  H HG13 . ILE A 1 4 ? 5.232   2.970   5.378  1.00 0.00 ? 4 ILE A HG13 2  
ATOM 165  H HG21 . ILE A 1 4 ? 4.254   3.702   2.988  1.00 0.00 ? 4 ILE A HG21 2  
ATOM 166  H HG22 . ILE A 1 4 ? 5.931   3.863   2.411  1.00 0.00 ? 4 ILE A HG22 2  
ATOM 167  H HG23 . ILE A 1 4 ? 4.796   2.812   1.547  1.00 0.00 ? 4 ILE A HG23 2  
ATOM 168  H HD11 . ILE A 1 4 ? 6.083   0.687   6.067  1.00 0.00 ? 4 ILE A HD11 2  
ATOM 169  H HD12 . ILE A 1 4 ? 7.607   0.982   5.185  1.00 0.00 ? 4 ILE A HD12 2  
ATOM 170  H HD13 . ILE A 1 4 ? 7.189   1.965   6.607  1.00 0.00 ? 4 ILE A HD13 2  
ATOM 171  N N    . ARG A 1 5 ? 1.985   1.342   3.357  1.00 0.00 ? 5 ARG A N    2  
ATOM 172  C CA   . ARG A 1 5 ? 0.635   1.786   3.794  1.00 0.00 ? 5 ARG A CA   2  
ATOM 173  C C    . ARG A 1 5 ? -0.441  1.123   2.889  1.00 0.00 ? 5 ARG A C    2  
ATOM 174  O O    . ARG A 1 5 ? -0.485  1.354   1.675  1.00 0.00 ? 5 ARG A O    2  
ATOM 175  C CB   . ARG A 1 5 ? 0.530   3.343   3.857  1.00 0.00 ? 5 ARG A CB   2  
ATOM 176  C CG   . ARG A 1 5 ? 0.747   4.157   2.551  1.00 0.00 ? 5 ARG A CG   2  
ATOM 177  C CD   . ARG A 1 5 ? -0.552  4.556   1.820  1.00 0.00 ? 5 ARG A CD   2  
ATOM 178  N NE   . ARG A 1 5 ? -0.252  5.048   0.450  1.00 0.00 ? 5 ARG A NE   2  
ATOM 179  C CZ   . ARG A 1 5 ? -0.814  4.589   -0.686 1.00 0.00 ? 5 ARG A CZ   2  
ATOM 180  N NH1  . ARG A 1 5 ? -1.760  3.653   -0.731 1.00 0.00 ? 5 ARG A NH1  2  
ATOM 181  N NH2  . ARG A 1 5 ? -0.401  5.100   -1.829 1.00 0.00 ? 5 ARG A NH2  2  
ATOM 182  H H    . ARG A 1 5 ? 2.195   0.870   2.446  1.00 0.00 ? 5 ARG A H    2  
ATOM 183  H HA   . ARG A 1 5 ? 0.484   1.432   4.835  1.00 0.00 ? 5 ARG A HA   2  
ATOM 184  H HB2  . ARG A 1 5 ? -0.433  3.628   4.323  1.00 0.00 ? 5 ARG A HB2  2  
ATOM 185  H HB3  . ARG A 1 5 ? 1.279   3.695   4.593  1.00 0.00 ? 5 ARG A HB3  2  
ATOM 186  H HG2  . ARG A 1 5 ? 1.310   5.078   2.790  1.00 0.00 ? 5 ARG A HG2  2  
ATOM 187  H HG3  . ARG A 1 5 ? 1.417   3.589   1.874  1.00 0.00 ? 5 ARG A HG3  2  
ATOM 188  H HD2  . ARG A 1 5 ? -1.269  3.714   1.817  1.00 0.00 ? 5 ARG A HD2  2  
ATOM 189  H HD3  . ARG A 1 5 ? -1.064  5.357   2.385  1.00 0.00 ? 5 ARG A HD3  2  
ATOM 190  H HE   . ARG A 1 5 ? 0.461   5.769   0.297  1.00 0.00 ? 5 ARG A HE   2  
ATOM 191  H HH11 . ARG A 1 5 ? -2.064  3.263   0.167  1.00 0.00 ? 5 ARG A HH11 2  
ATOM 192  H HH12 . ARG A 1 5 ? -2.103  3.389   -1.663 1.00 0.00 ? 5 ARG A HH12 2  
ATOM 193  H HH21 . ARG A 1 5 ? 0.328   5.819   -1.773 1.00 0.00 ? 5 ARG A HH21 2  
ATOM 194  H HH22 . ARG A 1 5 ? -0.843  4.738   -2.681 1.00 0.00 ? 5 ARG A HH22 2  
ATOM 195  N N    . GLY A 1 6 ? -1.300  0.277   3.486  1.00 0.00 ? 6 GLY A N    2  
ATOM 196  C CA   . GLY A 1 6 ? -2.389  -0.418  2.756  1.00 0.00 ? 6 GLY A CA   2  
ATOM 197  C C    . GLY A 1 6 ? -1.946  -1.534  1.784  1.00 0.00 ? 6 GLY A C    2  
ATOM 198  O O    . GLY A 1 6 ? -1.786  -1.271  0.589  1.00 0.00 ? 6 GLY A O    2  
ATOM 199  H H    . GLY A 1 6 ? -1.177  0.196   4.503  1.00 0.00 ? 6 GLY A H    2  
ATOM 200  H HA2  . GLY A 1 6 ? -3.101  -0.829  3.497  1.00 0.00 ? 6 GLY A HA2  2  
ATOM 201  H HA3  . GLY A 1 6 ? -2.987  0.323   2.192  1.00 0.00 ? 6 GLY A HA3  2  
ATOM 202  N N    . GLU A 1 7 ? -1.764  -2.764  2.298  1.00 0.00 ? 7 GLU A N    2  
ATOM 203  C CA   . GLU A 1 7 ? -1.351  -3.932  1.475  1.00 0.00 ? 7 GLU A CA   2  
ATOM 204  C C    . GLU A 1 7 ? -1.773  -5.215  2.247  1.00 0.00 ? 7 GLU A C    2  
ATOM 205  O O    . GLU A 1 7 ? -1.153  -5.586  3.251  1.00 0.00 ? 7 GLU A O    2  
ATOM 206  C CB   . GLU A 1 7 ? 0.169   -3.894  1.141  1.00 0.00 ? 7 GLU A CB   2  
ATOM 207  C CG   . GLU A 1 7 ? 0.619   -4.960  0.115  1.00 0.00 ? 7 GLU A CG   2  
ATOM 208  C CD   . GLU A 1 7 ? 2.090   -4.826  -0.280 1.00 0.00 ? 7 GLU A CD   2  
ATOM 209  O OE1  . GLU A 1 7 ? 2.961   -5.360  0.440  1.00 0.00 ? 7 GLU A OE1  2  
ATOM 210  O OE2  . GLU A 1 7 ? 2.380   -4.182  -1.311 1.00 0.00 ? 7 GLU A OE2  2  
ATOM 211  H H    . GLU A 1 7 ? -1.942  -2.853  3.303  1.00 0.00 ? 7 GLU A H    2  
ATOM 212  H HA   . GLU A 1 7 ? -1.897  -3.888  0.510  1.00 0.00 ? 7 GLU A HA   2  
ATOM 213  H HB2  . GLU A 1 7 ? 0.421   -2.897  0.734  1.00 0.00 ? 7 GLU A HB2  2  
ATOM 214  H HB3  . GLU A 1 7 ? 0.768   -3.986  2.068  1.00 0.00 ? 7 GLU A HB3  2  
ATOM 215  H HG2  . GLU A 1 7 ? 0.451   -5.976  0.520  1.00 0.00 ? 7 GLU A HG2  2  
ATOM 216  H HG3  . GLU A 1 7 ? -0.003  -4.897  -0.798 1.00 0.00 ? 7 GLU A HG3  2  
ATOM 217  N N    . ARG A 1 8 ? -2.843  -5.881  1.770  1.00 0.00 ? 8 ARG A N    2  
ATOM 218  C CA   . ARG A 1 8 ? -3.370  -7.127  2.393  1.00 0.00 ? 8 ARG A CA   2  
ATOM 219  C C    . ARG A 1 8 ? -4.208  -7.861  1.303  1.00 0.00 ? 8 ARG A C    2  
ATOM 220  O O    . ARG A 1 8 ? -5.378  -7.527  1.086  1.00 0.00 ? 8 ARG A O    2  
ATOM 221  C CB   . ARG A 1 8 ? -4.178  -6.826  3.692  1.00 0.00 ? 8 ARG A CB   2  
ATOM 222  C CG   . ARG A 1 8 ? -4.615  -8.081  4.488  1.00 0.00 ? 8 ARG A CG   2  
ATOM 223  C CD   . ARG A 1 8 ? -5.351  -7.784  5.810  1.00 0.00 ? 8 ARG A CD   2  
ATOM 224  N NE   . ARG A 1 8 ? -6.710  -7.224  5.590  1.00 0.00 ? 8 ARG A NE   2  
ATOM 225  C CZ   . ARG A 1 8 ? -7.543  -6.835  6.574  1.00 0.00 ? 8 ARG A CZ   2  
ATOM 226  N NH1  . ARG A 1 8 ? -7.253  -6.913  7.871  1.00 0.00 ? 8 ARG A NH1  2  
ATOM 227  N NH2  . ARG A 1 8 ? -8.719  -6.344  6.232  1.00 0.00 ? 8 ARG A NH2  2  
ATOM 228  H H    . ARG A 1 8 ? -3.212  -5.514  0.885  1.00 0.00 ? 8 ARG A H    2  
ATOM 229  H HA   . ARG A 1 8 ? -2.510  -7.759  2.694  1.00 0.00 ? 8 ARG A HA   2  
ATOM 230  H HB2  . ARG A 1 8 ? -3.569  -6.194  4.368  1.00 0.00 ? 8 ARG A HB2  2  
ATOM 231  H HB3  . ARG A 1 8 ? -5.067  -6.211  3.453  1.00 0.00 ? 8 ARG A HB3  2  
ATOM 232  H HG2  . ARG A 1 8 ? -5.238  -8.742  3.854  1.00 0.00 ? 8 ARG A HG2  2  
ATOM 233  H HG3  . ARG A 1 8 ? -3.712  -8.679  4.725  1.00 0.00 ? 8 ARG A HG3  2  
ATOM 234  H HD2  . ARG A 1 8 ? -5.436  -8.722  6.390  1.00 0.00 ? 8 ARG A HD2  2  
ATOM 235  H HD3  . ARG A 1 8 ? -4.745  -7.098  6.434  1.00 0.00 ? 8 ARG A HD3  2  
ATOM 236  H HE   . ARG A 1 8 ? -7.086  -7.096  4.645  1.00 0.00 ? 8 ARG A HE   2  
ATOM 237  H HH11 . ARG A 1 8 ? -6.333  -7.297  8.112  1.00 0.00 ? 8 ARG A HH11 2  
ATOM 238  H HH12 . ARG A 1 8 ? -7.971  -6.583  8.525  1.00 0.00 ? 8 ARG A HH12 2  
ATOM 239  H HH21 . ARG A 1 8 ? -8.920  -6.291  5.227  1.00 0.00 ? 8 ARG A HH21 2  
ATOM 240  H HH22 . ARG A 1 8 ? -9.336  -6.053  6.998  1.00 0.00 ? 8 ARG A HH22 2  
ATOM 241  N N    . GLY A 1 9 ? -3.611  -8.867  0.629  1.00 0.00 ? 9 GLY A N    2  
ATOM 242  C CA   . GLY A 1 9 ? -4.305  -9.638  -0.429 1.00 0.00 ? 9 GLY A CA   2  
ATOM 243  C C    . GLY A 1 9 ? -5.051  -10.854 0.133  1.00 0.00 ? 9 GLY A C    2  
ATOM 244  O O    . GLY A 1 9 ? -4.457  -11.954 0.198  1.00 0.00 ? 9 GLY A O    2  
ATOM 245  O OXT  . GLY A 1 9 ? -6.235  -10.715 0.509  1.00 0.00 ? 9 GLY A OXT  2  
ATOM 246  H H    . GLY A 1 9 ? -2.617  -9.011  0.833  1.00 0.00 ? 9 GLY A H    2  
ATOM 247  H HA2  . GLY A 1 9 ? -5.002  -8.999  -1.007 1.00 0.00 ? 9 GLY A HA2  2  
ATOM 248  H HA3  . GLY A 1 9 ? -3.555  -9.979  -1.167 1.00 0.00 ? 9 GLY A HA3  2  
ATOM 249  N N    . CYS A 1 1 ? -1.558  1.179   -5.043 1.00 0.00 ? 1 CYS A N    3  
ATOM 250  C CA   . CYS A 1 1 ? -1.373  1.761   -3.697 1.00 0.00 ? 1 CYS A CA   3  
ATOM 251  C C    . CYS A 1 1 ? -1.033  0.637   -2.685 1.00 0.00 ? 1 CYS A C    3  
ATOM 252  O O    . CYS A 1 1 ? -1.834  -0.278  -2.469 1.00 0.00 ? 1 CYS A O    3  
ATOM 253  C CB   . CYS A 1 1 ? -2.629  2.554   -3.275 1.00 0.00 ? 1 CYS A CB   3  
ATOM 254  S SG   . CYS A 1 1 ? -2.919  3.968   -4.393 1.00 0.00 ? 1 CYS A SG   3  
ATOM 255  H H1   . CYS A 1 1 ? -2.334  0.509   -5.061 1.00 0.00 ? 1 CYS A H1   3  
ATOM 256  H H2   . CYS A 1 1 ? -1.761  1.900   -5.741 1.00 0.00 ? 1 CYS A H2   3  
ATOM 257  H H3   . CYS A 1 1 ? -0.717  0.679   -5.357 1.00 0.00 ? 1 CYS A H3   3  
ATOM 258  H HA   . CYS A 1 1 ? -0.535  2.483   -3.762 1.00 0.00 ? 1 CYS A HA   3  
ATOM 259  H HB2  . CYS A 1 1 ? -3.530  1.912   -3.251 1.00 0.00 ? 1 CYS A HB2  3  
ATOM 260  H HB3  . CYS A 1 1 ? -2.508  2.951   -2.250 1.00 0.00 ? 1 CYS A HB3  3  
ATOM 261  H HG   . CYS A 1 1 ? -3.491  3.279   -5.379 1.00 0.00 ? 1 CYS A HG   3  
ATOM 262  N N    . GLY A 1 2 ? 0.151   0.715   -2.055 1.00 0.00 ? 2 GLY A N    3  
ATOM 263  C CA   . GLY A 1 2 ? 0.576   -0.295  -1.064 1.00 0.00 ? 2 GLY A CA   3  
ATOM 264  C C    . GLY A 1 2 ? 1.866   0.109   -0.332 1.00 0.00 ? 2 GLY A C    3  
ATOM 265  O O    . GLY A 1 2 ? 1.894   1.129   0.359  1.00 0.00 ? 2 GLY A O    3  
ATOM 266  H H    . GLY A 1 2 ? 0.735   1.524   -2.299 1.00 0.00 ? 2 GLY A H    3  
ATOM 267  H HA2  . GLY A 1 2 ? -0.215  -0.428  -0.301 1.00 0.00 ? 2 GLY A HA2  3  
ATOM 268  H HA3  . GLY A 1 2 ? 0.675   -1.283  -1.558 1.00 0.00 ? 2 GLY A HA3  3  
ATOM 269  N N    . GLY A 1 3 ? 2.928   -0.699  -0.484 1.00 0.00 ? 3 GLY A N    3  
ATOM 270  C CA   . GLY A 1 3 ? 4.239   -0.459  0.172  1.00 0.00 ? 3 GLY A CA   3  
ATOM 271  C C    . GLY A 1 3 ? 4.280   -0.940  1.631  1.00 0.00 ? 3 GLY A C    3  
ATOM 272  O O    . GLY A 1 3 ? 4.423   -2.120  1.953  1.00 0.00 ? 3 GLY A O    3  
ATOM 273  H H    . GLY A 1 3 ? 2.768   -1.508  -1.095 1.00 0.00 ? 3 GLY A H    3  
ATOM 274  H HA2  . GLY A 1 3 ? 5.040   -0.947  -0.376 1.00 0.00 ? 3 GLY A HA2  3  
ATOM 275  H HA3  . GLY A 1 3 ? 4.438   0.639   0.132  1.00 0.00 ? 3 GLY A HA3  3  
ATOM 276  N N    . ILE A 1 4 ? 4.075   0.061   2.463  1.00 0.00 ? 4 ILE A N    3  
ATOM 277  C CA   . ILE A 1 4 ? 3.923   -0.034  3.935  1.00 0.00 ? 4 ILE A CA   3  
ATOM 278  C C    . ILE A 1 4 ? 2.561   0.648   4.350  1.00 0.00 ? 4 ILE A C    3  
ATOM 279  O O    . ILE A 1 4 ? 2.116   0.434   5.481  1.00 0.00 ? 4 ILE A O    3  
ATOM 280  C CB   . ILE A 1 4 ? 5.156   0.504   4.742  1.00 0.00 ? 4 ILE A CB   3  
ATOM 281  C CG1  . ILE A 1 4 ? 5.488   2.020   4.555  1.00 0.00 ? 4 ILE A CG1  3  
ATOM 282  C CG2  . ILE A 1 4 ? 6.402   -0.394  4.540  1.00 0.00 ? 4 ILE A CG2  3  
ATOM 283  C CD1  . ILE A 1 4 ? 6.440   2.622   5.603  1.00 0.00 ? 4 ILE A CD1  3  
ATOM 284  H H    . ILE A 1 4 ? 4.266   0.965   2.021  1.00 0.00 ? 4 ILE A H    3  
ATOM 285  H HA   . ILE A 1 4 ? 3.795   -1.099  4.215  1.00 0.00 ? 4 ILE A HA   3  
ATOM 286  H HB   . ILE A 1 4 ? 4.872   0.384   5.802  1.00 0.00 ? 4 ILE A HB   3  
ATOM 287  H HG12 . ILE A 1 4 ? 5.901   2.204   3.547  1.00 0.00 ? 4 ILE A HG12 3  
ATOM 288  H HG13 . ILE A 1 4 ? 4.555   2.613   4.599  1.00 0.00 ? 4 ILE A HG13 3  
ATOM 289  H HG21 . ILE A 1 4 ? 6.168   -1.461  4.711  1.00 0.00 ? 4 ILE A HG21 3  
ATOM 290  H HG22 . ILE A 1 4 ? 6.812   -0.310  3.517  1.00 0.00 ? 4 ILE A HG22 3  
ATOM 291  H HG23 . ILE A 1 4 ? 7.217   -0.140  5.240  1.00 0.00 ? 4 ILE A HG23 3  
ATOM 292  H HD11 . ILE A 1 4 ? 6.054   2.486   6.630  1.00 0.00 ? 4 ILE A HD11 3  
ATOM 293  H HD12 . ILE A 1 4 ? 7.446   2.166   5.562  1.00 0.00 ? 4 ILE A HD12 3  
ATOM 294  H HD13 . ILE A 1 4 ? 6.570   3.707   5.444  1.00 0.00 ? 4 ILE A HD13 3  
ATOM 295  N N    . ARG A 1 5 ? 1.905   1.454   3.464  1.00 0.00 ? 5 ARG A N    3  
ATOM 296  C CA   . ARG A 1 5 ? 0.621   2.145   3.773  1.00 0.00 ? 5 ARG A CA   3  
ATOM 297  C C    . ARG A 1 5 ? -0.026  2.593   2.432  1.00 0.00 ? 5 ARG A C    3  
ATOM 298  O O    . ARG A 1 5 ? 0.528   3.439   1.720  1.00 0.00 ? 5 ARG A O    3  
ATOM 299  C CB   . ARG A 1 5 ? 0.850   3.353   4.740  1.00 0.00 ? 5 ARG A CB   3  
ATOM 300  C CG   . ARG A 1 5 ? -0.391  3.934   5.462  1.00 0.00 ? 5 ARG A CG   3  
ATOM 301  C CD   . ARG A 1 5 ? -1.313  4.820   4.601  1.00 0.00 ? 5 ARG A CD   3  
ATOM 302  N NE   . ARG A 1 5 ? -2.388  5.430   5.420  1.00 0.00 ? 5 ARG A NE   3  
ATOM 303  C CZ   . ARG A 1 5 ? -3.435  6.113   4.917  1.00 0.00 ? 5 ARG A CZ   3  
ATOM 304  N NH1  . ARG A 1 5 ? -3.636  6.318   3.618  1.00 0.00 ? 5 ARG A NH1  3  
ATOM 305  N NH2  . ARG A 1 5 ? -4.315  6.609   5.765  1.00 0.00 ? 5 ARG A NH2  3  
ATOM 306  H H    . ARG A 1 5 ? 2.300   1.331   2.500  1.00 0.00 ? 5 ARG A H    3  
ATOM 307  H HA   . ARG A 1 5 ? -0.042  1.420   4.288  1.00 0.00 ? 5 ARG A HA   3  
ATOM 308  H HB2  . ARG A 1 5 ? 1.540   3.032   5.544  1.00 0.00 ? 5 ARG A HB2  3  
ATOM 309  H HB3  . ARG A 1 5 ? 1.404   4.163   4.224  1.00 0.00 ? 5 ARG A HB3  3  
ATOM 310  H HG2  . ARG A 1 5 ? -0.971  3.110   5.920  1.00 0.00 ? 5 ARG A HG2  3  
ATOM 311  H HG3  . ARG A 1 5 ? -0.025  4.535   6.318  1.00 0.00 ? 5 ARG A HG3  3  
ATOM 312  H HD2  . ARG A 1 5 ? -0.723  5.618   4.108  1.00 0.00 ? 5 ARG A HD2  3  
ATOM 313  H HD3  . ARG A 1 5 ? -1.766  4.221   3.789  1.00 0.00 ? 5 ARG A HD3  3  
ATOM 314  H HE   . ARG A 1 5 ? -2.382  5.363   6.444  1.00 0.00 ? 5 ARG A HE   3  
ATOM 315  H HH11 . ARG A 1 5 ? -2.939  5.922   2.978  1.00 0.00 ? 5 ARG A HH11 3  
ATOM 316  H HH12 . ARG A 1 5 ? -4.472  6.852   3.359  1.00 0.00 ? 5 ARG A HH12 3  
ATOM 317  H HH21 . ARG A 1 5 ? -4.141  6.441   6.762  1.00 0.00 ? 5 ARG A HH21 3  
ATOM 318  H HH22 . ARG A 1 5 ? -5.105  7.126   5.360  1.00 0.00 ? 5 ARG A HH22 3  
ATOM 319  N N    . GLY A 1 6 ? -1.208  2.042   2.104  1.00 0.00 ? 6 GLY A N    3  
ATOM 320  C CA   . GLY A 1 6 ? -1.922  2.406   0.861  1.00 0.00 ? 6 GLY A CA   3  
ATOM 321  C C    . GLY A 1 6 ? -3.369  1.887   0.861  1.00 0.00 ? 6 GLY A C    3  
ATOM 322  O O    . GLY A 1 6 ? -4.222  2.436   1.565  1.00 0.00 ? 6 GLY A O    3  
ATOM 323  H H    . GLY A 1 6 ? -1.580  1.363   2.778  1.00 0.00 ? 6 GLY A H    3  
ATOM 324  H HA2  . GLY A 1 6 ? -1.956  3.508   0.750  1.00 0.00 ? 6 GLY A HA2  3  
ATOM 325  H HA3  . GLY A 1 6 ? -1.355  2.043   -0.015 1.00 0.00 ? 6 GLY A HA3  3  
ATOM 326  N N    . GLU A 1 7 ? -3.631  0.838   0.064  1.00 0.00 ? 7 GLU A N    3  
ATOM 327  C CA   . GLU A 1 7 ? -4.978  0.218   -0.053 1.00 0.00 ? 7 GLU A CA   3  
ATOM 328  C C    . GLU A 1 7 ? -4.744  -1.240  -0.536 1.00 0.00 ? 7 GLU A C    3  
ATOM 329  O O    . GLU A 1 7 ? -4.396  -1.476  -1.699 1.00 0.00 ? 7 GLU A O    3  
ATOM 330  C CB   . GLU A 1 7 ? -5.893  1.036   -1.009 1.00 0.00 ? 7 GLU A CB   3  
ATOM 331  C CG   . GLU A 1 7 ? -7.364  0.564   -1.046 1.00 0.00 ? 7 GLU A CG   3  
ATOM 332  C CD   . GLU A 1 7 ? -8.232  1.403   -1.984 1.00 0.00 ? 7 GLU A CD   3  
ATOM 333  O OE1  . GLU A 1 7 ? -8.324  1.064   -3.185 1.00 0.00 ? 7 GLU A OE1  3  
ATOM 334  O OE2  . GLU A 1 7 ? -8.825  2.403   -1.526 1.00 0.00 ? 7 GLU A OE2  3  
ATOM 335  H H    . GLU A 1 7 ? -2.835  0.499   -0.485 1.00 0.00 ? 7 GLU A H    3  
ATOM 336  H HA   . GLU A 1 7 ? -5.457  0.213   0.949  1.00 0.00 ? 7 GLU A HA   3  
ATOM 337  H HB2  . GLU A 1 7 ? -5.881  2.101   -0.703 1.00 0.00 ? 7 GLU A HB2  3  
ATOM 338  H HB3  . GLU A 1 7 ? -5.473  1.025   -2.034 1.00 0.00 ? 7 GLU A HB3  3  
ATOM 339  H HG2  . GLU A 1 7 ? -7.421  -0.495  -1.362 1.00 0.00 ? 7 GLU A HG2  3  
ATOM 340  H HG3  . GLU A 1 7 ? -7.799  0.595   -0.029 1.00 0.00 ? 7 GLU A HG3  3  
ATOM 341  N N    . ARG A 1 8 ? -4.972  -2.215  0.363  1.00 0.00 ? 8 ARG A N    3  
ATOM 342  C CA   . ARG A 1 8 ? -4.763  -3.662  0.070  1.00 0.00 ? 8 ARG A CA   3  
ATOM 343  C C    . ARG A 1 8 ? -5.780  -4.451  0.948  1.00 0.00 ? 8 ARG A C    3  
ATOM 344  O O    . ARG A 1 8 ? -5.519  -4.744  2.121  1.00 0.00 ? 8 ARG A O    3  
ATOM 345  C CB   . ARG A 1 8 ? -3.301  -4.107  0.387  1.00 0.00 ? 8 ARG A CB   3  
ATOM 346  C CG   . ARG A 1 8 ? -2.189  -3.579  -0.555 1.00 0.00 ? 8 ARG A CG   3  
ATOM 347  C CD   . ARG A 1 8 ? -0.754  -3.943  -0.123 1.00 0.00 ? 8 ARG A CD   3  
ATOM 348  N NE   . ARG A 1 8 ? -0.328  -3.173  1.076  1.00 0.00 ? 8 ARG A NE   3  
ATOM 349  C CZ   . ARG A 1 8 ? 0.901   -3.216  1.617  1.00 0.00 ? 8 ARG A CZ   3  
ATOM 350  N NH1  . ARG A 1 8 ? 1.897   -3.963  1.144  1.00 0.00 ? 8 ARG A NH1  3  
ATOM 351  N NH2  . ARG A 1 8 ? 1.135   -2.473  2.682  1.00 0.00 ? 8 ARG A NH2  3  
ATOM 352  H H    . ARG A 1 8 ? -5.323  -1.891  1.270  1.00 0.00 ? 8 ARG A H    3  
ATOM 353  H HA   . ARG A 1 8 ? -4.949  -3.872  -1.004 1.00 0.00 ? 8 ARG A HA   3  
ATOM 354  H HB2  . ARG A 1 8 ? -3.057  -3.837  1.433  1.00 0.00 ? 8 ARG A HB2  3  
ATOM 355  H HB3  . ARG A 1 8 ? -3.250  -5.214  0.368  1.00 0.00 ? 8 ARG A HB3  3  
ATOM 356  H HG2  . ARG A 1 8 ? -2.369  -3.976  -1.572 1.00 0.00 ? 8 ARG A HG2  3  
ATOM 357  H HG3  . ARG A 1 8 ? -2.255  -2.481  -0.665 1.00 0.00 ? 8 ARG A HG3  3  
ATOM 358  H HD2  . ARG A 1 8 ? -0.671  -5.030  0.066  1.00 0.00 ? 8 ARG A HD2  3  
ATOM 359  H HD3  . ARG A 1 8 ? -0.065  -3.727  -0.963 1.00 0.00 ? 8 ARG A HD3  3  
ATOM 360  H HE   . ARG A 1 8 ? -0.982  -2.551  1.564  1.00 0.00 ? 8 ARG A HE   3  
ATOM 361  H HH11 . ARG A 1 8 ? 1.689   -4.535  0.319  1.00 0.00 ? 8 ARG A HH11 3  
ATOM 362  H HH12 . ARG A 1 8 ? 2.792   -3.902  1.640  1.00 0.00 ? 8 ARG A HH12 3  
ATOM 363  H HH21 . ARG A 1 8 ? 0.352   -1.908  3.029  1.00 0.00 ? 8 ARG A HH21 3  
ATOM 364  H HH22 . ARG A 1 8 ? 2.081   -2.519  3.075  1.00 0.00 ? 8 ARG A HH22 3  
ATOM 365  N N    . GLY A 1 9 ? -6.954  -4.780  0.374  1.00 0.00 ? 9 GLY A N    3  
ATOM 366  C CA   . GLY A 1 9 ? -8.002  -5.526  1.101  1.00 0.00 ? 9 GLY A CA   3  
ATOM 367  C C    . GLY A 1 9 ? -9.237  -5.725  0.221  1.00 0.00 ? 9 GLY A C    3  
ATOM 368  O O    . GLY A 1 9 ? -9.318  -6.752  -0.488 1.00 0.00 ? 9 GLY A O    3  
ATOM 369  O OXT  . GLY A 1 9 ? -10.138 -4.856  0.238  1.00 0.00 ? 9 GLY A OXT  3  
ATOM 370  H H    . GLY A 1 9 ? -7.107  -4.404  -0.568 1.00 0.00 ? 9 GLY A H    3  
ATOM 371  H HA2  . GLY A 1 9 ? -7.614  -6.512  1.427  1.00 0.00 ? 9 GLY A HA2  3  
ATOM 372  H HA3  . GLY A 1 9 ? -8.287  -4.989  2.025  1.00 0.00 ? 9 GLY A HA3  3  
ATOM 373  N N    . CYS A 1 1 ? -0.987  4.757   -1.572 1.00 0.00 ? 1 CYS A N    4  
ATOM 374  C CA   . CYS A 1 1 ? -1.375  3.407   -1.111 1.00 0.00 ? 1 CYS A CA   4  
ATOM 375  C C    . CYS A 1 1 ? -0.497  2.344   -1.823 1.00 0.00 ? 1 CYS A C    4  
ATOM 376  O O    . CYS A 1 1 ? -0.569  2.176   -3.044 1.00 0.00 ? 1 CYS A O    4  
ATOM 377  C CB   . CYS A 1 1 ? -2.883  3.190   -1.340 1.00 0.00 ? 1 CYS A CB   4  
ATOM 378  S SG   . CYS A 1 1 ? -3.408  1.589   -0.637 1.00 0.00 ? 1 CYS A SG   4  
ATOM 379  H H1   . CYS A 1 1 ? -1.531  5.488   -1.101 1.00 0.00 ? 1 CYS A H1   4  
ATOM 380  H H2   . CYS A 1 1 ? 0.005   4.949   -1.388 1.00 0.00 ? 1 CYS A H2   4  
ATOM 381  H H3   . CYS A 1 1 ? -1.136  4.869   -2.581 1.00 0.00 ? 1 CYS A H3   4  
ATOM 382  H HA   . CYS A 1 1 ? -1.206  3.378   -0.017 1.00 0.00 ? 1 CYS A HA   4  
ATOM 383  H HB2  . CYS A 1 1 ? -3.481  3.990   -0.862 1.00 0.00 ? 1 CYS A HB2  4  
ATOM 384  H HB3  . CYS A 1 1 ? -3.139  3.213   -2.417 1.00 0.00 ? 1 CYS A HB3  4  
ATOM 385  H HG   . CYS A 1 1 ? -3.288  1.934   0.643  1.00 0.00 ? 1 CYS A HG   4  
ATOM 386  N N    . GLY A 1 2 ? 0.334   1.636   -1.041 1.00 0.00 ? 2 GLY A N    4  
ATOM 387  C CA   . GLY A 1 2 ? 1.237   0.589   -1.565 1.00 0.00 ? 2 GLY A CA   4  
ATOM 388  C C    . GLY A 1 2 ? 2.346   0.240   -0.556 1.00 0.00 ? 2 GLY A C    4  
ATOM 389  O O    . GLY A 1 2 ? 3.024   1.142   -0.059 1.00 0.00 ? 2 GLY A O    4  
ATOM 390  H H    . GLY A 1 2 ? 0.254   1.823   -0.035 1.00 0.00 ? 2 GLY A H    4  
ATOM 391  H HA2  . GLY A 1 2 ? 0.636   -0.300  -1.833 1.00 0.00 ? 2 GLY A HA2  4  
ATOM 392  H HA3  . GLY A 1 2 ? 1.716   0.921   -2.505 1.00 0.00 ? 2 GLY A HA3  4  
ATOM 393  N N    . GLY A 1 3 ? 2.514   -1.064  -0.249 1.00 0.00 ? 3 GLY A N    4  
ATOM 394  C CA   . GLY A 1 3 ? 3.555   -1.572  0.692  1.00 0.00 ? 3 GLY A CA   4  
ATOM 395  C C    . GLY A 1 3 ? 3.516   -1.021  2.113  1.00 0.00 ? 3 GLY A C    4  
ATOM 396  O O    . GLY A 1 3 ? 2.835   -1.544  2.997  1.00 0.00 ? 3 GLY A O    4  
ATOM 397  H H    . GLY A 1 3 ? 1.862   -1.699  -0.720 1.00 0.00 ? 3 GLY A H    4  
ATOM 398  H HA2  . GLY A 1 3 ? 3.449   -2.655  0.784  1.00 0.00 ? 3 GLY A HA2  4  
ATOM 399  H HA3  . GLY A 1 3 ? 4.547   -1.355  0.251  1.00 0.00 ? 3 GLY A HA3  4  
ATOM 400  N N    . ILE A 1 4 ? 4.310   0.041   2.287  1.00 0.00 ? 4 ILE A N    4  
ATOM 401  C CA   . ILE A 1 4 ? 4.345   0.869   3.532  1.00 0.00 ? 4 ILE A CA   4  
ATOM 402  C C    . ILE A 1 4 ? 2.941   1.470   3.958  1.00 0.00 ? 4 ILE A C    4  
ATOM 403  O O    . ILE A 1 4 ? 2.806   1.988   5.069  1.00 0.00 ? 4 ILE A O    4  
ATOM 404  C CB   . ILE A 1 4 ? 5.509   1.924   3.420  1.00 0.00 ? 4 ILE A CB   4  
ATOM 405  C CG1  . ILE A 1 4 ? 5.934   2.591   4.761  1.00 0.00 ? 4 ILE A CG1  4  
ATOM 406  C CG2  . ILE A 1 4 ? 5.249   3.034   2.367  1.00 0.00 ? 4 ILE A CG2  4  
ATOM 407  C CD1  . ILE A 1 4 ? 6.475   1.636   5.839  1.00 0.00 ? 4 ILE A CD1  4  
ATOM 408  H H    . ILE A 1 4 ? 4.733   0.316   1.395  1.00 0.00 ? 4 ILE A H    4  
ATOM 409  H HA   . ILE A 1 4 ? 4.620   0.169   4.344  1.00 0.00 ? 4 ILE A HA   4  
ATOM 410  H HB   . ILE A 1 4 ? 6.409   1.381   3.069  1.00 0.00 ? 4 ILE A HB   4  
ATOM 411  H HG12 . ILE A 1 4 ? 6.726   3.337   4.563  1.00 0.00 ? 4 ILE A HG12 4  
ATOM 412  H HG13 . ILE A 1 4 ? 5.097   3.177   5.184  1.00 0.00 ? 4 ILE A HG13 4  
ATOM 413  H HG21 . ILE A 1 4 ? 6.128   3.692   2.236  1.00 0.00 ? 4 ILE A HG21 4  
ATOM 414  H HG22 . ILE A 1 4 ? 5.021   2.614   1.372  1.00 0.00 ? 4 ILE A HG22 4  
ATOM 415  H HG23 . ILE A 1 4 ? 4.396   3.681   2.648  1.00 0.00 ? 4 ILE A HG23 4  
ATOM 416  H HD11 . ILE A 1 4 ? 6.840   2.197   6.717  1.00 0.00 ? 4 ILE A HD11 4  
ATOM 417  H HD12 . ILE A 1 4 ? 5.699   0.940   6.204  1.00 0.00 ? 4 ILE A HD12 4  
ATOM 418  H HD13 . ILE A 1 4 ? 7.320   1.030   5.463  1.00 0.00 ? 4 ILE A HD13 4  
ATOM 419  N N    . ARG A 1 5 ? 1.908   1.365   3.084  1.00 0.00 ? 5 ARG A N    4  
ATOM 420  C CA   . ARG A 1 5 ? 0.535   1.878   3.349  1.00 0.00 ? 5 ARG A CA   4  
ATOM 421  C C    . ARG A 1 5 ? -0.445  0.867   2.680  1.00 0.00 ? 5 ARG A C    4  
ATOM 422  O O    . ARG A 1 5 ? -0.927  1.067   1.561  1.00 0.00 ? 5 ARG A O    4  
ATOM 423  C CB   . ARG A 1 5 ? 0.350   3.314   2.775  1.00 0.00 ? 5 ARG A CB   4  
ATOM 424  C CG   . ARG A 1 5 ? 1.112   4.456   3.491  1.00 0.00 ? 5 ARG A CG   4  
ATOM 425  C CD   . ARG A 1 5 ? 0.945   5.837   2.827  1.00 0.00 ? 5 ARG A CD   4  
ATOM 426  N NE   . ARG A 1 5 ? 1.645   5.917   1.518  1.00 0.00 ? 5 ARG A NE   4  
ATOM 427  C CZ   . ARG A 1 5 ? 1.493   6.913   0.625  1.00 0.00 ? 5 ARG A CZ   4  
ATOM 428  N NH1  . ARG A 1 5 ? 0.700   7.965   0.813  1.00 0.00 ? 5 ARG A NH1  4  
ATOM 429  N NH2  . ARG A 1 5 ? 2.169   6.839   -0.505 1.00 0.00 ? 5 ARG A NH2  4  
ATOM 430  H H    . ARG A 1 5 ? 2.192   0.824   2.234  1.00 0.00 ? 5 ARG A H    4  
ATOM 431  H HA   . ARG A 1 5 ? 0.329   1.908   4.438  1.00 0.00 ? 5 ARG A HA   4  
ATOM 432  H HB2  . ARG A 1 5 ? 0.620   3.309   1.701  1.00 0.00 ? 5 ARG A HB2  4  
ATOM 433  H HB3  . ARG A 1 5 ? -0.728  3.569   2.794  1.00 0.00 ? 5 ARG A HB3  4  
ATOM 434  H HG2  . ARG A 1 5 ? 0.761   4.516   4.539  1.00 0.00 ? 5 ARG A HG2  4  
ATOM 435  H HG3  . ARG A 1 5 ? 2.189   4.215   3.567  1.00 0.00 ? 5 ARG A HG3  4  
ATOM 436  H HD2  . ARG A 1 5 ? -0.132  6.071   2.715  1.00 0.00 ? 5 ARG A HD2  4  
ATOM 437  H HD3  . ARG A 1 5 ? 1.354   6.614   3.502  1.00 0.00 ? 5 ARG A HD3  4  
ATOM 438  H HE   . ARG A 1 5 ? 2.297   5.182   1.220  1.00 0.00 ? 5 ARG A HE   4  
ATOM 439  H HH11 . ARG A 1 5 ? 0.187   8.002   1.700  1.00 0.00 ? 5 ARG A HH11 4  
ATOM 440  H HH12 . ARG A 1 5 ? 0.670   8.658   0.057  1.00 0.00 ? 5 ARG A HH12 4  
ATOM 441  H HH21 . ARG A 1 5 ? 2.774   6.021   -0.626 1.00 0.00 ? 5 ARG A HH21 4  
ATOM 442  H HH22 . ARG A 1 5 ? 2.039   7.609   -1.170 1.00 0.00 ? 5 ARG A HH22 4  
ATOM 443  N N    . GLY A 1 6 ? -0.743  -0.235  3.397  1.00 0.00 ? 6 GLY A N    4  
ATOM 444  C CA   . GLY A 1 6 ? -1.631  -1.309  2.892  1.00 0.00 ? 6 GLY A CA   4  
ATOM 445  C C    . GLY A 1 6 ? -0.851  -2.333  2.035  1.00 0.00 ? 6 GLY A C    4  
ATOM 446  O O    . GLY A 1 6 ? 0.193   -2.833  2.464  1.00 0.00 ? 6 GLY A O    4  
ATOM 447  H H    . GLY A 1 6 ? -0.243  -0.317  4.290  1.00 0.00 ? 6 GLY A H    4  
ATOM 448  H HA2  . GLY A 1 6 ? -2.068  -1.843  3.755  1.00 0.00 ? 6 GLY A HA2  4  
ATOM 449  H HA3  . GLY A 1 6 ? -2.498  -0.880  2.348  1.00 0.00 ? 6 GLY A HA3  4  
ATOM 450  N N    . GLU A 1 7 ? -1.375  -2.656  0.840  1.00 0.00 ? 7 GLU A N    4  
ATOM 451  C CA   . GLU A 1 7 ? -0.712  -3.610  -0.090 1.00 0.00 ? 7 GLU A CA   4  
ATOM 452  C C    . GLU A 1 7 ? -1.259  -3.381  -1.528 1.00 0.00 ? 7 GLU A C    4  
ATOM 453  O O    . GLU A 1 7 ? -2.391  -3.755  -1.852 1.00 0.00 ? 7 GLU A O    4  
ATOM 454  C CB   . GLU A 1 7 ? -0.833  -5.096  0.364  1.00 0.00 ? 7 GLU A CB   4  
ATOM 455  C CG   . GLU A 1 7 ? -0.058  -6.139  -0.484 1.00 0.00 ? 7 GLU A CG   4  
ATOM 456  C CD   . GLU A 1 7 ? 1.457   -5.912  -0.573 1.00 0.00 ? 7 GLU A CD   4  
ATOM 457  O OE1  . GLU A 1 7 ? 2.191   -6.363  0.333  1.00 0.00 ? 7 GLU A OE1  4  
ATOM 458  O OE2  . GLU A 1 7 ? 1.914   -5.273  -1.548 1.00 0.00 ? 7 GLU A OE2  4  
ATOM 459  H H    . GLU A 1 7 ? -2.258  -2.191  0.607  1.00 0.00 ? 7 GLU A H    4  
ATOM 460  H HA   . GLU A 1 7 ? 0.372   -3.371  -0.078 1.00 0.00 ? 7 GLU A HA   4  
ATOM 461  H HB2  . GLU A 1 7 ? -0.489  -5.190  1.412  1.00 0.00 ? 7 GLU A HB2  4  
ATOM 462  H HB3  . GLU A 1 7 ? -1.900  -5.388  0.395  1.00 0.00 ? 7 GLU A HB3  4  
ATOM 463  H HG2  . GLU A 1 7 ? -0.236  -7.148  -0.067 1.00 0.00 ? 7 GLU A HG2  4  
ATOM 464  H HG3  . GLU A 1 7 ? -0.478  -6.178  -1.506 1.00 0.00 ? 7 GLU A HG3  4  
ATOM 465  N N    . ARG A 1 8 ? -0.414  -2.783  -2.380 1.00 0.00 ? 8 ARG A N    4  
ATOM 466  C CA   . ARG A 1 8 ? -0.721  -2.490  -3.805 1.00 0.00 ? 8 ARG A CA   4  
ATOM 467  C C    . ARG A 1 8 ? 0.678   -2.420  -4.488 1.00 0.00 ? 8 ARG A C    4  
ATOM 468  O O    . ARG A 1 8 ? 1.315   -1.361  -4.520 1.00 0.00 ? 8 ARG A O    4  
ATOM 469  C CB   . ARG A 1 8 ? -1.521  -1.172  -4.029 1.00 0.00 ? 8 ARG A CB   4  
ATOM 470  C CG   . ARG A 1 8 ? -3.007  -1.176  -3.601 1.00 0.00 ? 8 ARG A CG   4  
ATOM 471  C CD   . ARG A 1 8 ? -3.767  0.135   -3.892 1.00 0.00 ? 8 ARG A CD   4  
ATOM 472  N NE   . ARG A 1 8 ? -4.047  0.354   -5.337 1.00 0.00 ? 8 ARG A NE   4  
ATOM 473  C CZ   . ARG A 1 8 ? -3.418  1.250   -6.124 1.00 0.00 ? 8 ARG A CZ   4  
ATOM 474  N NH1  . ARG A 1 8 ? -2.434  2.046   -5.715 1.00 0.00 ? 8 ARG A NH1  4  
ATOM 475  N NH2  . ARG A 1 8 ? -3.800  1.339   -7.383 1.00 0.00 ? 8 ARG A NH2  4  
ATOM 476  H H    . ARG A 1 8 ? 0.511   -2.585  -1.981 1.00 0.00 ? 8 ARG A H    4  
ATOM 477  H HA   . ARG A 1 8 ? -1.312  -3.320  -4.242 1.00 0.00 ? 8 ARG A HA   4  
ATOM 478  H HB2  . ARG A 1 8 ? -1.003  -0.330  -3.534 1.00 0.00 ? 8 ARG A HB2  4  
ATOM 479  H HB3  . ARG A 1 8 ? -1.482  -0.927  -5.109 1.00 0.00 ? 8 ARG A HB3  4  
ATOM 480  H HG2  . ARG A 1 8 ? -3.535  -2.034  -4.064 1.00 0.00 ? 8 ARG A HG2  4  
ATOM 481  H HG3  . ARG A 1 8 ? -3.061  -1.357  -2.512 1.00 0.00 ? 8 ARG A HG3  4  
ATOM 482  H HD2  . ARG A 1 8 ? -4.740  0.095   -3.368 1.00 0.00 ? 8 ARG A HD2  4  
ATOM 483  H HD3  . ARG A 1 8 ? -3.242  0.990   -3.428 1.00 0.00 ? 8 ARG A HD3  4  
ATOM 484  H HE   . ARG A 1 8 ? -4.779  -0.179  -5.818 1.00 0.00 ? 8 ARG A HE   4  
ATOM 485  H HH11 . ARG A 1 8 ? -2.143  1.953   -4.735 1.00 0.00 ? 8 ARG A HH11 4  
ATOM 486  H HH12 . ARG A 1 8 ? -2.037  2.683   -6.414 1.00 0.00 ? 8 ARG A HH12 4  
ATOM 487  H HH21 . ARG A 1 8 ? -4.560  0.717   -7.679 1.00 0.00 ? 8 ARG A HH21 4  
ATOM 488  H HH22 . ARG A 1 8 ? -3.307  2.026   -7.965 1.00 0.00 ? 8 ARG A HH22 4  
ATOM 489  N N    . GLY A 1 9 ? 1.174   -3.565  -5.006 1.00 0.00 ? 9 GLY A N    4  
ATOM 490  C CA   . GLY A 1 9 ? 2.498   -3.635  -5.664 1.00 0.00 ? 9 GLY A CA   4  
ATOM 491  C C    . GLY A 1 9 ? 3.615   -3.924  -4.652 1.00 0.00 ? 9 GLY A C    4  
ATOM 492  O O    . GLY A 1 9 ? 3.916   -5.113  -4.403 1.00 0.00 ? 9 GLY A O    4  
ATOM 493  O OXT  . GLY A 1 9 ? 4.190   -2.961  -4.096 1.00 0.00 ? 9 GLY A OXT  4  
ATOM 494  H H    . GLY A 1 9 ? 0.594   -4.402  -4.875 1.00 0.00 ? 9 GLY A H    4  
ATOM 495  H HA2  . GLY A 1 9 ? 2.477   -4.437  -6.426 1.00 0.00 ? 9 GLY A HA2  4  
ATOM 496  H HA3  . GLY A 1 9 ? 2.723   -2.708  -6.225 1.00 0.00 ? 9 GLY A HA3  4  
ATOM 497  N N    . CYS A 1 1 ? -1.029  4.297   -3.258 1.00 0.00 ? 1 CYS A N    5  
ATOM 498  C CA   . CYS A 1 1 ? -1.018  3.683   -1.913 1.00 0.00 ? 1 CYS A CA   5  
ATOM 499  C C    . CYS A 1 1 ? -0.627  2.186   -2.010 1.00 0.00 ? 1 CYS A C    5  
ATOM 500  O O    . CYS A 1 1 ? -1.307  1.393   -2.671 1.00 0.00 ? 1 CYS A O    5  
ATOM 501  C CB   . CYS A 1 1 ? -2.374  3.904   -1.213 1.00 0.00 ? 1 CYS A CB   5  
ATOM 502  S SG   . CYS A 1 1 ? -3.749  3.149   -2.151 1.00 0.00 ? 1 CYS A SG   5  
ATOM 503  H H1   . CYS A 1 1 ? -0.116  4.210   -3.720 1.00 0.00 ? 1 CYS A H1   5  
ATOM 504  H H2   . CYS A 1 1 ? -1.723  3.856   -3.870 1.00 0.00 ? 1 CYS A H2   5  
ATOM 505  H H3   . CYS A 1 1 ? -1.252  5.298   -3.215 1.00 0.00 ? 1 CYS A H3   5  
ATOM 506  H HA   . CYS A 1 1 ? -0.260  4.233   -1.319 1.00 0.00 ? 1 CYS A HA   5  
ATOM 507  H HB2  . CYS A 1 1 ? -2.358  3.476   -0.193 1.00 0.00 ? 1 CYS A HB2  5  
ATOM 508  H HB3  . CYS A 1 1 ? -2.580  4.984   -1.085 1.00 0.00 ? 1 CYS A HB3  5  
ATOM 509  H HG   . CYS A 1 1 ? -4.714  3.503   -1.305 1.00 0.00 ? 1 CYS A HG   5  
ATOM 510  N N    . GLY A 1 2 ? 0.477   1.808   -1.346 1.00 0.00 ? 2 GLY A N    5  
ATOM 511  C CA   . GLY A 1 2 ? 0.960   0.410   -1.346 1.00 0.00 ? 2 GLY A CA   5  
ATOM 512  C C    . GLY A 1 2 ? 2.211   0.186   -0.470 1.00 0.00 ? 2 GLY A C    5  
ATOM 513  O O    . GLY A 1 2 ? 2.914   1.127   -0.090 1.00 0.00 ? 2 GLY A O    5  
ATOM 514  H H    . GLY A 1 2 ? 0.943   2.542   -0.803 1.00 0.00 ? 2 GLY A H    5  
ATOM 515  H HA2  . GLY A 1 2 ? 0.138   -0.251  -1.011 1.00 0.00 ? 2 GLY A HA2  5  
ATOM 516  H HA3  . GLY A 1 2 ? 1.189   0.103   -2.385 1.00 0.00 ? 2 GLY A HA3  5  
ATOM 517  N N    . GLY A 1 3 ? 2.469   -1.094  -0.142 1.00 0.00 ? 3 GLY A N    5  
ATOM 518  C CA   . GLY A 1 3 ? 3.632   -1.529  0.681  1.00 0.00 ? 3 GLY A CA   5  
ATOM 519  C C    . GLY A 1 3 ? 3.628   -1.015  2.110  1.00 0.00 ? 3 GLY A C    5  
ATOM 520  O O    . GLY A 1 3 ? 3.010   -1.595  3.008  1.00 0.00 ? 3 GLY A O    5  
ATOM 521  H H    . GLY A 1 3 ? 1.791   -1.777  -0.496 1.00 0.00 ? 3 GLY A H    5  
ATOM 522  H HA2  . GLY A 1 3 ? 3.643   -2.618  0.741  1.00 0.00 ? 3 GLY A HA2  5  
ATOM 523  H HA3  . GLY A 1 3 ? 4.557   -1.194  0.172  1.00 0.00 ? 3 GLY A HA3  5  
ATOM 524  N N    . ILE A 1 4 ? 4.350   0.098   2.270  1.00 0.00 ? 4 ILE A N    5  
ATOM 525  C CA   . ILE A 1 4 ? 4.377   0.895   3.530  1.00 0.00 ? 4 ILE A CA   5  
ATOM 526  C C    . ILE A 1 4 ? 2.951   1.377   4.008  1.00 0.00 ? 4 ILE A C    5  
ATOM 527  O O    . ILE A 1 4 ? 2.800   1.768   5.168  1.00 0.00 ? 4 ILE A O    5  
ATOM 528  C CB   . ILE A 1 4 ? 5.444   2.049   3.472  1.00 0.00 ? 4 ILE A CB   5  
ATOM 529  C CG1  . ILE A 1 4 ? 5.420   3.030   2.256  1.00 0.00 ? 4 ILE A CG1  5  
ATOM 530  C CG2  . ILE A 1 4 ? 6.878   1.485   3.626  1.00 0.00 ? 4 ILE A CG2  5  
ATOM 531  C CD1  . ILE A 1 4 ? 4.171   3.911   2.105  1.00 0.00 ? 4 ILE A CD1  5  
ATOM 532  H H    . ILE A 1 4 ? 4.756   0.417   1.386  1.00 0.00 ? 4 ILE A H    5  
ATOM 533  H HA   . ILE A 1 4 ? 4.698   0.203   4.334  1.00 0.00 ? 4 ILE A HA   5  
ATOM 534  H HB   . ILE A 1 4 ? 5.288   2.668   4.372  1.00 0.00 ? 4 ILE A HB   5  
ATOM 535  H HG12 . ILE A 1 4 ? 6.284   3.718   2.331  1.00 0.00 ? 4 ILE A HG12 5  
ATOM 536  H HG13 . ILE A 1 4 ? 5.586   2.476   1.312  1.00 0.00 ? 4 ILE A HG13 5  
ATOM 537  H HG21 . ILE A 1 4 ? 6.979   0.864   4.536  1.00 0.00 ? 4 ILE A HG21 5  
ATOM 538  H HG22 . ILE A 1 4 ? 7.172   0.854   2.767  1.00 0.00 ? 4 ILE A HG22 5  
ATOM 539  H HG23 . ILE A 1 4 ? 7.632   2.290   3.713  1.00 0.00 ? 4 ILE A HG23 5  
ATOM 540  H HD11 . ILE A 1 4 ? 3.919   4.435   3.045  1.00 0.00 ? 4 ILE A HD11 5  
ATOM 541  H HD12 . ILE A 1 4 ? 4.323   4.682   1.328  1.00 0.00 ? 4 ILE A HD12 5  
ATOM 542  H HD13 . ILE A 1 4 ? 3.290   3.323   1.797  1.00 0.00 ? 4 ILE A HD13 5  
ATOM 543  N N    . ARG A 1 5 ? 1.930   1.350   3.112  1.00 0.00 ? 5 ARG A N    5  
ATOM 544  C CA   . ARG A 1 5 ? 0.539   1.761   3.437  1.00 0.00 ? 5 ARG A CA   5  
ATOM 545  C C    . ARG A 1 5 ? -0.427  1.053   2.440  1.00 0.00 ? 5 ARG A C    5  
ATOM 546  O O    . ARG A 1 5 ? -0.841  1.637   1.433  1.00 0.00 ? 5 ARG A O    5  
ATOM 547  C CB   . ARG A 1 5 ? 0.418   3.315   3.439  1.00 0.00 ? 5 ARG A CB   5  
ATOM 548  C CG   . ARG A 1 5 ? -0.925  3.859   3.988  1.00 0.00 ? 5 ARG A CG   5  
ATOM 549  C CD   . ARG A 1 5 ? -1.042  5.397   4.001  1.00 0.00 ? 5 ARG A CD   5  
ATOM 550  N NE   . ARG A 1 5 ? -0.164  6.025   5.021  1.00 0.00 ? 5 ARG A NE   5  
ATOM 551  C CZ   . ARG A 1 5 ? -0.071  7.351   5.237  1.00 0.00 ? 5 ARG A CZ   5  
ATOM 552  N NH1  . ARG A 1 5 ? -0.766  8.266   4.563  1.00 0.00 ? 5 ARG A NH1  5  
ATOM 553  N NH2  . ARG A 1 5 ? 0.758   7.769   6.174  1.00 0.00 ? 5 ARG A NH2  5  
ATOM 554  H H    . ARG A 1 5 ? 2.214   0.843   2.241  1.00 0.00 ? 5 ARG A H    5  
ATOM 555  H HA   . ARG A 1 5 ? 0.298   1.410   4.462  1.00 0.00 ? 5 ARG A HA   5  
ATOM 556  H HB2  . ARG A 1 5 ? 1.236   3.742   4.052  1.00 0.00 ? 5 ARG A HB2  5  
ATOM 557  H HB3  . ARG A 1 5 ? 0.593   3.708   2.419  1.00 0.00 ? 5 ARG A HB3  5  
ATOM 558  H HG2  . ARG A 1 5 ? -1.750  3.460   3.369  1.00 0.00 ? 5 ARG A HG2  5  
ATOM 559  H HG3  . ARG A 1 5 ? -1.111  3.459   5.003  1.00 0.00 ? 5 ARG A HG3  5  
ATOM 560  H HD2  . ARG A 1 5 ? -0.816  5.800   2.994  1.00 0.00 ? 5 ARG A HD2  5  
ATOM 561  H HD3  . ARG A 1 5 ? -2.094  5.671   4.207  1.00 0.00 ? 5 ARG A HD3  5  
ATOM 562  H HE   . ARG A 1 5 ? 0.439   5.456   5.627  1.00 0.00 ? 5 ARG A HE   5  
ATOM 563  H HH11 . ARG A 1 5 ? -1.404  7.915   3.841  1.00 0.00 ? 5 ARG A HH11 5  
ATOM 564  H HH12 . ARG A 1 5 ? -0.608  9.244   4.821  1.00 0.00 ? 5 ARG A HH12 5  
ATOM 565  H HH21 . ARG A 1 5 ? 1.282   7.047   6.681  1.00 0.00 ? 5 ARG A HH21 5  
ATOM 566  H HH22 . ARG A 1 5 ? 0.812   8.783   6.322  1.00 0.00 ? 5 ARG A HH22 5  
ATOM 567  N N    . GLY A 1 6 ? -0.782  -0.212  2.740  1.00 0.00 ? 6 GLY A N    5  
ATOM 568  C CA   . GLY A 1 6 ? -1.696  -1.020  1.898  1.00 0.00 ? 6 GLY A CA   5  
ATOM 569  C C    . GLY A 1 6 ? -1.086  -2.383  1.521  1.00 0.00 ? 6 GLY A C    5  
ATOM 570  O O    . GLY A 1 6 ? -0.843  -3.221  2.396  1.00 0.00 ? 6 GLY A O    5  
ATOM 571  H H    . GLY A 1 6 ? -0.345  -0.594  3.586  1.00 0.00 ? 6 GLY A H    5  
ATOM 572  H HA2  . GLY A 1 6 ? -2.620  -1.210  2.474  1.00 0.00 ? 6 GLY A HA2  5  
ATOM 573  H HA3  . GLY A 1 6 ? -2.040  -0.468  0.999  1.00 0.00 ? 6 GLY A HA3  5  
ATOM 574  N N    . GLU A 1 7 ? -0.851  -2.594  0.215  1.00 0.00 ? 7 GLU A N    5  
ATOM 575  C CA   . GLU A 1 7 ? -0.277  -3.861  -0.321 1.00 0.00 ? 7 GLU A CA   5  
ATOM 576  C C    . GLU A 1 7 ? 0.412   -3.568  -1.691 1.00 0.00 ? 7 GLU A C    5  
ATOM 577  O O    . GLU A 1 7 ? -0.104  -2.819  -2.528 1.00 0.00 ? 7 GLU A O    5  
ATOM 578  C CB   . GLU A 1 7 ? -1.387  -4.946  -0.454 1.00 0.00 ? 7 GLU A CB   5  
ATOM 579  C CG   . GLU A 1 7 ? -0.873  -6.373  -0.750 1.00 0.00 ? 7 GLU A CG   5  
ATOM 580  C CD   . GLU A 1 7 ? -1.996  -7.405  -0.846 1.00 0.00 ? 7 GLU A CD   5  
ATOM 581  O OE1  . GLU A 1 7 ? -2.374  -7.988  0.193  1.00 0.00 ? 7 GLU A OE1  5  
ATOM 582  O OE2  . GLU A 1 7 ? -2.507  -7.638  -1.966 1.00 0.00 ? 7 GLU A OE2  5  
ATOM 583  H H    . GLU A 1 7 ? -1.141  -1.831  -0.406 1.00 0.00 ? 7 GLU A H    5  
ATOM 584  H HA   . GLU A 1 7 ? 0.484   -4.226  0.401  1.00 0.00 ? 7 GLU A HA   5  
ATOM 585  H HB2  . GLU A 1 7 ? -1.969  -4.988  0.488  1.00 0.00 ? 7 GLU A HB2  5  
ATOM 586  H HB3  . GLU A 1 7 ? -2.119  -4.643  -1.229 1.00 0.00 ? 7 GLU A HB3  5  
ATOM 587  H HG2  . GLU A 1 7 ? -0.298  -6.391  -1.695 1.00 0.00 ? 7 GLU A HG2  5  
ATOM 588  H HG3  . GLU A 1 7 ? -0.161  -6.692  0.036  1.00 0.00 ? 7 GLU A HG3  5  
ATOM 589  N N    . ARG A 1 8 ? 1.590   -4.185  -1.905 1.00 0.00 ? 8 ARG A N    5  
ATOM 590  C CA   . ARG A 1 8 ? 2.378   -4.024  -3.160 1.00 0.00 ? 8 ARG A CA   5  
ATOM 591  C C    . ARG A 1 8 ? 3.291   -5.279  -3.288 1.00 0.00 ? 8 ARG A C    5  
ATOM 592  O O    . ARG A 1 8 ? 4.399   -5.309  -2.740 1.00 0.00 ? 8 ARG A O    5  
ATOM 593  C CB   . ARG A 1 8 ? 3.166   -2.678  -3.156 1.00 0.00 ? 8 ARG A CB   5  
ATOM 594  C CG   . ARG A 1 8 ? 3.884   -2.310  -4.475 1.00 0.00 ? 8 ARG A CG   5  
ATOM 595  C CD   . ARG A 1 8 ? 4.684   -0.992  -4.399 1.00 0.00 ? 8 ARG A CD   5  
ATOM 596  N NE   . ARG A 1 8 ? 3.805   0.207   -4.323 1.00 0.00 ? 8 ARG A NE   5  
ATOM 597  C CZ   . ARG A 1 8 ? 4.077   1.328   -3.626 1.00 0.00 ? 8 ARG A CZ   5  
ATOM 598  N NH1  . ARG A 1 8 ? 5.170   1.501   -2.887 1.00 0.00 ? 8 ARG A NH1  5  
ATOM 599  N NH2  . ARG A 1 8 ? 3.206   2.316   -3.679 1.00 0.00 ? 8 ARG A NH2  5  
ATOM 600  H H    . ARG A 1 8 ? 1.852   -4.860  -1.176 1.00 0.00 ? 8 ARG A H    5  
ATOM 601  H HA   . ARG A 1 8 ? 1.680   -3.980  -4.021 1.00 0.00 ? 8 ARG A HA   5  
ATOM 602  H HB2  . ARG A 1 8 ? 2.465   -1.854  -2.925 1.00 0.00 ? 8 ARG A HB2  5  
ATOM 603  H HB3  . ARG A 1 8 ? 3.900   -2.670  -2.326 1.00 0.00 ? 8 ARG A HB3  5  
ATOM 604  H HG2  . ARG A 1 8 ? 4.585   -3.123  -4.741 1.00 0.00 ? 8 ARG A HG2  5  
ATOM 605  H HG3  . ARG A 1 8 ? 3.157   -2.270  -5.309 1.00 0.00 ? 8 ARG A HG3  5  
ATOM 606  H HD2  . ARG A 1 8 ? 5.393   -1.049  -3.551 1.00 0.00 ? 8 ARG A HD2  5  
ATOM 607  H HD3  . ARG A 1 8 ? 5.316   -0.901  -5.302 1.00 0.00 ? 8 ARG A HD3  5  
ATOM 608  H HE   . ARG A 1 8 ? 2.918   0.243   -4.839 1.00 0.00 ? 8 ARG A HE   5  
ATOM 609  H HH11 . ARG A 1 8 ? 5.836   0.721   -2.862 1.00 0.00 ? 8 ARG A HH11 5  
ATOM 610  H HH12 . ARG A 1 8 ? 5.260   2.401   -2.404 1.00 0.00 ? 8 ARG A HH12 5  
ATOM 611  H HH21 . ARG A 1 8 ? 2.372   2.163   -4.256 1.00 0.00 ? 8 ARG A HH21 5  
ATOM 612  H HH22 . ARG A 1 8 ? 3.435   3.159   -3.143 1.00 0.00 ? 8 ARG A HH22 5  
ATOM 613  N N    . GLY A 1 9 ? 2.817   -6.316  -4.006 1.00 0.00 ? 9 GLY A N    5  
ATOM 614  C CA   . GLY A 1 9 ? 3.591   -7.559  -4.194 1.00 0.00 ? 9 GLY A CA   5  
ATOM 615  C C    . GLY A 1 9 ? 2.737   -8.631  -4.873 1.00 0.00 ? 9 GLY A C    5  
ATOM 616  O O    . GLY A 1 9 ? 2.757   -8.721  -6.121 1.00 0.00 ? 9 GLY A O    5  
ATOM 617  O OXT  . GLY A 1 9 ? 2.043   -9.393  -4.163 1.00 0.00 ? 9 GLY A OXT  5  
ATOM 618  H H    . GLY A 1 9 ? 1.866   -6.208  -4.375 1.00 0.00 ? 9 GLY A H    5  
ATOM 619  H HA2  . GLY A 1 9 ? 4.494   -7.357  -4.803 1.00 0.00 ? 9 GLY A HA2  5  
ATOM 620  H HA3  . GLY A 1 9 ? 3.957   -7.943  -3.222 1.00 0.00 ? 9 GLY A HA3  5  
ATOM 621  N N    . CYS A 1 1 ? -0.034  0.275   -5.634 1.00 0.00 ? 1 CYS A N    6  
ATOM 622  C CA   . CYS A 1 1 ? -0.268  1.369   -4.668 1.00 0.00 ? 1 CYS A CA   6  
ATOM 623  C C    . CYS A 1 1 ? -0.463  0.763   -3.254 1.00 0.00 ? 1 CYS A C    6  
ATOM 624  O O    . CYS A 1 1 ? -1.550  0.281   -2.919 1.00 0.00 ? 1 CYS A O    6  
ATOM 625  C CB   . CYS A 1 1 ? -1.459  2.230   -5.143 1.00 0.00 ? 1 CYS A CB   6  
ATOM 626  S SG   . CYS A 1 1 ? -1.686  3.671   -4.046 1.00 0.00 ? 1 CYS A SG   6  
ATOM 627  H H1   . CYS A 1 1 ? 0.784   -0.289  -5.375 1.00 0.00 ? 1 CYS A H1   6  
ATOM 628  H H2   . CYS A 1 1 ? -0.836  -0.361  -5.688 1.00 0.00 ? 1 CYS A H2   6  
ATOM 629  H H3   . CYS A 1 1 ? 0.133   0.636   -6.580 1.00 0.00 ? 1 CYS A H3   6  
ATOM 630  H HA   . CYS A 1 1 ? 0.626   2.021   -4.679 1.00 0.00 ? 1 CYS A HA   6  
ATOM 631  H HB2  . CYS A 1 1 ? -1.290  2.605   -6.169 1.00 0.00 ? 1 CYS A HB2  6  
ATOM 632  H HB3  . CYS A 1 1 ? -2.401  1.648   -5.176 1.00 0.00 ? 1 CYS A HB3  6  
ATOM 633  H HG   . CYS A 1 1 ? -2.274  3.023   -3.043 1.00 0.00 ? 1 CYS A HG   6  
ATOM 634  N N    . GLY A 1 2 ? 0.595   0.793   -2.425 1.00 0.00 ? 2 GLY A N    6  
ATOM 635  C CA   . GLY A 1 2 ? 0.533   0.248   -1.052 1.00 0.00 ? 2 GLY A CA   6  
ATOM 636  C C    . GLY A 1 2 ? 1.898   0.342   -0.350 1.00 0.00 ? 2 GLY A C    6  
ATOM 637  O O    . GLY A 1 2 ? 2.261   1.400   0.168  1.00 0.00 ? 2 GLY A O    6  
ATOM 638  H H    . GLY A 1 2 ? 1.444   1.228   -2.803 1.00 0.00 ? 2 GLY A H    6  
ATOM 639  H HA2  . GLY A 1 2 ? -0.214  0.810   -0.465 1.00 0.00 ? 2 GLY A HA2  6  
ATOM 640  H HA3  . GLY A 1 2 ? 0.161   -0.796  -1.070 1.00 0.00 ? 2 GLY A HA3  6  
ATOM 641  N N    . GLY A 1 3 ? 2.640   -0.779  -0.345 1.00 0.00 ? 3 GLY A N    6  
ATOM 642  C CA   . GLY A 1 3 ? 3.987   -0.869  0.273  1.00 0.00 ? 3 GLY A CA   6  
ATOM 643  C C    . GLY A 1 3 ? 4.014   -1.076  1.786  1.00 0.00 ? 3 GLY A C    6  
ATOM 644  O O    . GLY A 1 3 ? 3.867   -2.183  2.308  1.00 0.00 ? 3 GLY A O    6  
ATOM 645  H H    . GLY A 1 3 ? 2.198   -1.586  -0.797 1.00 0.00 ? 3 GLY A H    6  
ATOM 646  H HA2  . GLY A 1 3 ? 4.533   -1.697  -0.171 1.00 0.00 ? 3 GLY A HA2  6  
ATOM 647  H HA3  . GLY A 1 3 ? 4.529   0.070   0.027  1.00 0.00 ? 3 GLY A HA3  6  
ATOM 648  N N    . ILE A 1 4 ? 4.165   0.065   2.436  1.00 0.00 ? 4 ILE A N    6  
ATOM 649  C CA   . ILE A 1 4 ? 4.126   0.213   3.913  1.00 0.00 ? 4 ILE A CA   6  
ATOM 650  C C    . ILE A 1 4 ? 2.900   1.128   4.306  1.00 0.00 ? 4 ILE A C    6  
ATOM 651  O O    . ILE A 1 4 ? 2.814   1.563   5.459  1.00 0.00 ? 4 ILE A O    6  
ATOM 652  C CB   . ILE A 1 4 ? 5.498   0.707   4.495  1.00 0.00 ? 4 ILE A CB   6  
ATOM 653  C CG1  . ILE A 1 4 ? 5.956   2.166   4.177  1.00 0.00 ? 4 ILE A CG1  6  
ATOM 654  C CG2  . ILE A 1 4 ? 6.646   -0.314  4.301  1.00 0.00 ? 4 ILE A CG2  6  
ATOM 655  C CD1  . ILE A 1 4 ? 6.310   2.520   2.723  1.00 0.00 ? 4 ILE A CD1  6  
ATOM 656  H H    . ILE A 1 4 ? 4.386   0.857   1.830  1.00 0.00 ? 4 ILE A H    6  
ATOM 657  H HA   . ILE A 1 4 ? 3.912   -0.767  4.385  1.00 0.00 ? 4 ILE A HA   6  
ATOM 658  H HB   . ILE A 1 4 ? 5.333   0.715   5.585  1.00 0.00 ? 4 ILE A HB   6  
ATOM 659  H HG12 . ILE A 1 4 ? 5.180   2.873   4.526  1.00 0.00 ? 4 ILE A HG12 6  
ATOM 660  H HG13 . ILE A 1 4 ? 6.834   2.403   4.809  1.00 0.00 ? 4 ILE A HG13 6  
ATOM 661  H HG21 . ILE A 1 4 ? 6.365   -1.317  4.671  1.00 0.00 ? 4 ILE A HG21 6  
ATOM 662  H HG22 . ILE A 1 4 ? 6.927   -0.427  3.238  1.00 0.00 ? 4 ILE A HG22 6  
ATOM 663  H HG23 . ILE A 1 4 ? 7.559   -0.016  4.852  1.00 0.00 ? 4 ILE A HG23 6  
ATOM 664  H HD11 . ILE A 1 4 ? 5.429   2.479   2.060  1.00 0.00 ? 4 ILE A HD11 6  
ATOM 665  H HD12 . ILE A 1 4 ? 6.712   3.548   2.654  1.00 0.00 ? 4 ILE A HD12 6  
ATOM 666  H HD13 . ILE A 1 4 ? 7.080   1.843   2.307  1.00 0.00 ? 4 ILE A HD13 6  
ATOM 667  N N    . ARG A 1 5 ? 1.928   1.359   3.382  1.00 0.00 ? 5 ARG A N    6  
ATOM 668  C CA   . ARG A 1 5 ? 0.730   2.208   3.628  1.00 0.00 ? 5 ARG A CA   6  
ATOM 669  C C    . ARG A 1 5 ? -0.418  1.666   2.730  1.00 0.00 ? 5 ARG A C    6  
ATOM 670  O O    . ARG A 1 5 ? -0.640  2.135   1.608  1.00 0.00 ? 5 ARG A O    6  
ATOM 671  C CB   . ARG A 1 5 ? 1.000   3.721   3.341  1.00 0.00 ? 5 ARG A CB   6  
ATOM 672  C CG   . ARG A 1 5 ? 1.968   4.486   4.272  1.00 0.00 ? 5 ARG A CG   6  
ATOM 673  C CD   . ARG A 1 5 ? 1.470   4.655   5.722  1.00 0.00 ? 5 ARG A CD   6  
ATOM 674  N NE   . ARG A 1 5 ? 2.460   5.406   6.530  1.00 0.00 ? 5 ARG A NE   6  
ATOM 675  C CZ   . ARG A 1 5 ? 2.326   5.676   7.843  1.00 0.00 ? 5 ARG A CZ   6  
ATOM 676  N NH1  . ARG A 1 5 ? 1.280   5.303   8.577  1.00 0.00 ? 5 ARG A NH1  6  
ATOM 677  N NH2  . ARG A 1 5 ? 3.291   6.349   8.439  1.00 0.00 ? 5 ARG A NH2  6  
ATOM 678  H H    . ARG A 1 5 ? 2.219   0.959   2.454  1.00 0.00 ? 5 ARG A H    6  
ATOM 679  H HA   . ARG A 1 5 ? 0.415   2.113   4.688  1.00 0.00 ? 5 ARG A HA   6  
ATOM 680  H HB2  . ARG A 1 5 ? 1.370   3.826   2.304  1.00 0.00 ? 5 ARG A HB2  6  
ATOM 681  H HB3  . ARG A 1 5 ? 0.035   4.265   3.342  1.00 0.00 ? 5 ARG A HB3  6  
ATOM 682  H HG2  . ARG A 1 5 ? 2.958   3.995   4.260  1.00 0.00 ? 5 ARG A HG2  6  
ATOM 683  H HG3  . ARG A 1 5 ? 2.143   5.487   3.832  1.00 0.00 ? 5 ARG A HG3  6  
ATOM 684  H HD2  . ARG A 1 5 ? 0.497   5.183   5.728  1.00 0.00 ? 5 ARG A HD2  6  
ATOM 685  H HD3  . ARG A 1 5 ? 1.291   3.664   6.182  1.00 0.00 ? 5 ARG A HD3  6  
ATOM 686  H HE   . ARG A 1 5 ? 3.326   5.763   6.114  1.00 0.00 ? 5 ARG A HE   6  
ATOM 687  H HH11 . ARG A 1 5 ? 0.544   4.778   8.091  1.00 0.00 ? 5 ARG A HH11 6  
ATOM 688  H HH12 . ARG A 1 5 ? 1.295   5.566   9.568  1.00 0.00 ? 5 ARG A HH12 6  
ATOM 689  H HH21 . ARG A 1 5 ? 4.087   6.625   7.854  1.00 0.00 ? 5 ARG A HH21 6  
ATOM 690  H HH22 . ARG A 1 5 ? 3.167   6.542   9.439  1.00 0.00 ? 5 ARG A HH22 6  
ATOM 691  N N    . GLY A 1 6 ? -1.154  0.664   3.249  1.00 0.00 ? 6 GLY A N    6  
ATOM 692  C CA   . GLY A 1 6 ? -2.280  0.031   2.518  1.00 0.00 ? 6 GLY A CA   6  
ATOM 693  C C    . GLY A 1 6 ? -1.877  -1.082  1.518  1.00 0.00 ? 6 GLY A C    6  
ATOM 694  O O    . GLY A 1 6 ? -0.712  -1.478  1.416  1.00 0.00 ? 6 GLY A O    6  
ATOM 695  H H    . GLY A 1 6 ? -0.848  0.340   4.174  1.00 0.00 ? 6 GLY A H    6  
ATOM 696  H HA2  . GLY A 1 6 ? -2.964  -0.401  3.271  1.00 0.00 ? 6 GLY A HA2  6  
ATOM 697  H HA3  . GLY A 1 6 ? -2.877  0.810   2.004  1.00 0.00 ? 6 GLY A HA3  6  
ATOM 698  N N    . GLU A 1 7 ? -2.882  -1.567  0.769  1.00 0.00 ? 7 GLU A N    6  
ATOM 699  C CA   . GLU A 1 7 ? -2.706  -2.641  -0.249 1.00 0.00 ? 7 GLU A CA   6  
ATOM 700  C C    . GLU A 1 7 ? -3.834  -2.446  -1.303 1.00 0.00 ? 7 GLU A C    6  
ATOM 701  O O    . GLU A 1 7 ? -5.024  -2.605  -1.004 1.00 0.00 ? 7 GLU A O    6  
ATOM 702  C CB   . GLU A 1 7 ? -2.786  -4.083  0.340  1.00 0.00 ? 7 GLU A CB   6  
ATOM 703  C CG   . GLU A 1 7 ? -1.582  -4.533  1.198  1.00 0.00 ? 7 GLU A CG   6  
ATOM 704  C CD   . GLU A 1 7 ? -1.674  -5.998  1.630  1.00 0.00 ? 7 GLU A CD   6  
ATOM 705  O OE1  . GLU A 1 7 ? -2.254  -6.277  2.702  1.00 0.00 ? 7 GLU A OE1  6  
ATOM 706  O OE2  . GLU A 1 7 ? -1.165  -6.876  0.899  1.00 0.00 ? 7 GLU A OE2  6  
ATOM 707  H H    . GLU A 1 7 ? -3.807  -1.165  0.954  1.00 0.00 ? 7 GLU A H    6  
ATOM 708  H HA   . GLU A 1 7 ? -1.717  -2.527  -0.739 1.00 0.00 ? 7 GLU A HA   6  
ATOM 709  H HB2  . GLU A 1 7 ? -3.720  -4.200  0.924  1.00 0.00 ? 7 GLU A HB2  6  
ATOM 710  H HB3  . GLU A 1 7 ? -2.883  -4.800  -0.499 1.00 0.00 ? 7 GLU A HB3  6  
ATOM 711  H HG2  . GLU A 1 7 ? -0.638  -4.380  0.644  1.00 0.00 ? 7 GLU A HG2  6  
ATOM 712  H HG3  . GLU A 1 7 ? -1.501  -3.905  2.103  1.00 0.00 ? 7 GLU A HG3  6  
ATOM 713  N N    . ARG A 1 8 ? -3.444  -2.098  -2.543 1.00 0.00 ? 8 ARG A N    6  
ATOM 714  C CA   . ARG A 1 8 ? -4.394  -1.868  -3.665 1.00 0.00 ? 8 ARG A CA   6  
ATOM 715  C C    . ARG A 1 8 ? -3.593  -2.041  -4.991 1.00 0.00 ? 8 ARG A C    6  
ATOM 716  O O    . ARG A 1 8 ? -2.967  -1.092  -5.473 1.00 0.00 ? 8 ARG A O    6  
ATOM 717  C CB   . ARG A 1 8 ? -5.091  -0.477  -3.541 1.00 0.00 ? 8 ARG A CB   6  
ATOM 718  C CG   . ARG A 1 8 ? -6.223  -0.225  -4.563 1.00 0.00 ? 8 ARG A CG   6  
ATOM 719  C CD   . ARG A 1 8 ? -6.890  1.149   -4.378 1.00 0.00 ? 8 ARG A CD   6  
ATOM 720  N NE   . ARG A 1 8 ? -7.972  1.350   -5.373 1.00 0.00 ? 8 ARG A NE   6  
ATOM 721  C CZ   . ARG A 1 8 ? -8.741  2.453   -5.453 1.00 0.00 ? 8 ARG A CZ   6  
ATOM 722  N NH1  . ARG A 1 8 ? -8.621  3.504   -4.645 1.00 0.00 ? 8 ARG A NH1  6  
ATOM 723  N NH2  . ARG A 1 8 ? -9.670  2.495   -6.390 1.00 0.00 ? 8 ARG A NH2  6  
ATOM 724  H H    . ARG A 1 8 ? -2.425  -2.048  -2.671 1.00 0.00 ? 8 ARG A H    6  
ATOM 725  H HA   . ARG A 1 8 ? -5.197  -2.632  -3.612 1.00 0.00 ? 8 ARG A HA   6  
ATOM 726  H HB2  . ARG A 1 8 ? -5.525  -0.370  -2.527 1.00 0.00 ? 8 ARG A HB2  6  
ATOM 727  H HB3  . ARG A 1 8 ? -4.341  0.335   -3.615 1.00 0.00 ? 8 ARG A HB3  6  
ATOM 728  H HG2  . ARG A 1 8 ? -5.817  -0.305  -5.591 1.00 0.00 ? 8 ARG A HG2  6  
ATOM 729  H HG3  . ARG A 1 8 ? -6.980  -1.027  -4.474 1.00 0.00 ? 8 ARG A HG3  6  
ATOM 730  H HD2  . ARG A 1 8 ? -7.304  1.233   -3.353 1.00 0.00 ? 8 ARG A HD2  6  
ATOM 731  H HD3  . ARG A 1 8 ? -6.134  1.952   -4.478 1.00 0.00 ? 8 ARG A HD3  6  
ATOM 732  H HE   . ARG A 1 8 ? -8.194  0.631   -6.071 1.00 0.00 ? 8 ARG A HE   6  
ATOM 733  H HH11 . ARG A 1 8 ? -7.893  3.448   -3.924 1.00 0.00 ? 8 ARG A HH11 6  
ATOM 734  H HH12 . ARG A 1 8 ? -9.267  4.284   -4.806 1.00 0.00 ? 8 ARG A HH12 6  
ATOM 735  H HH21 . ARG A 1 8 ? -9.743  1.674   -7.001 1.00 0.00 ? 8 ARG A HH21 6  
ATOM 736  H HH22 . ARG A 1 8 ? -10.242 3.344   -6.432 1.00 0.00 ? 8 ARG A HH22 6  
ATOM 737  N N    . GLY A 1 9 ? -3.616  -3.254  -5.577 1.00 0.00 ? 9 GLY A N    6  
ATOM 738  C CA   . GLY A 1 9 ? -2.892  -3.530  -6.835 1.00 0.00 ? 9 GLY A CA   6  
ATOM 739  C C    . GLY A 1 9 ? -3.079  -4.985  -7.265 1.00 0.00 ? 9 GLY A C    6  
ATOM 740  O O    . GLY A 1 9 ? -2.267  -5.845  -6.861 1.00 0.00 ? 9 GLY A O    6  
ATOM 741  O OXT  . GLY A 1 9 ? -4.038  -5.275  -8.015 1.00 0.00 ? 9 GLY A OXT  6  
ATOM 742  H H    . GLY A 1 9 ? -4.116  -3.990  -5.066 1.00 0.00 ? 9 GLY A H    6  
ATOM 743  H HA2  . GLY A 1 9 ? -3.247  -2.854  -7.638 1.00 0.00 ? 9 GLY A HA2  6  
ATOM 744  H HA3  . GLY A 1 9 ? -1.812  -3.314  -6.711 1.00 0.00 ? 9 GLY A HA3  6  
ATOM 745  N N    . CYS A 1 1 ? -2.818  -2.165  -1.632 1.00 0.00 ? 1 CYS A N    7  
ATOM 746  C CA   . CYS A 1 1 ? -1.901  -1.627  -0.605 1.00 0.00 ? 1 CYS A CA   7  
ATOM 747  C C    . CYS A 1 1 ? -0.560  -1.199  -1.255 1.00 0.00 ? 1 CYS A C    7  
ATOM 748  O O    . CYS A 1 1 ? 0.124   -2.004  -1.897 1.00 0.00 ? 1 CYS A O    7  
ATOM 749  C CB   . CYS A 1 1 ? -1.695  -2.670  0.513  1.00 0.00 ? 1 CYS A CB   7  
ATOM 750  S SG   . CYS A 1 1 ? -0.627  -1.997  1.832  1.00 0.00 ? 1 CYS A SG   7  
ATOM 751  H H1   . CYS A 1 1 ? -2.428  -2.997  -2.088 1.00 0.00 ? 1 CYS A H1   7  
ATOM 752  H H2   . CYS A 1 1 ? -3.722  -2.435  -1.227 1.00 0.00 ? 1 CYS A H2   7  
ATOM 753  H H3   . CYS A 1 1 ? -3.008  -1.476  -2.368 1.00 0.00 ? 1 CYS A H3   7  
ATOM 754  H HA   . CYS A 1 1 ? -2.405  -0.751  -0.151 1.00 0.00 ? 1 CYS A HA   7  
ATOM 755  H HB2  . CYS A 1 1 ? -2.661  -2.969  0.963  1.00 0.00 ? 1 CYS A HB2  7  
ATOM 756  H HB3  . CYS A 1 1 ? -1.232  -3.596  0.122  1.00 0.00 ? 1 CYS A HB3  7  
ATOM 757  H HG   . CYS A 1 1 ? -1.472  -1.064  2.261  1.00 0.00 ? 1 CYS A HG   7  
ATOM 758  N N    . GLY A 1 2 ? -0.183  0.078   -1.063 1.00 0.00 ? 2 GLY A N    7  
ATOM 759  C CA   . GLY A 1 2 ? 1.074   0.640   -1.603 1.00 0.00 ? 2 GLY A CA   7  
ATOM 760  C C    . GLY A 1 2 ? 2.261   0.582   -0.619 1.00 0.00 ? 2 GLY A C    7  
ATOM 761  O O    . GLY A 1 2 ? 2.539   1.548   0.095  1.00 0.00 ? 2 GLY A O    7  
ATOM 762  H H    . GLY A 1 2 ? -0.796  0.631   -0.453 1.00 0.00 ? 2 GLY A H    7  
ATOM 763  H HA2  . GLY A 1 2 ? 1.343   0.174   -2.572 1.00 0.00 ? 2 GLY A HA2  7  
ATOM 764  H HA3  . GLY A 1 2 ? 0.895   1.700   -1.858 1.00 0.00 ? 2 GLY A HA3  7  
ATOM 765  N N    . GLY A 1 3 ? 2.939   -0.576  -0.592 1.00 0.00 ? 3 GLY A N    7  
ATOM 766  C CA   . GLY A 1 3 ? 4.133   -0.817  0.252  1.00 0.00 ? 3 GLY A CA   7  
ATOM 767  C C    . GLY A 1 3 ? 3.934   -1.110  1.736  1.00 0.00 ? 3 GLY A C    7  
ATOM 768  O O    . GLY A 1 3 ? 3.608   -2.224  2.149  1.00 0.00 ? 3 GLY A O    7  
ATOM 769  H H    . GLY A 1 3 ? 2.562   -1.299  -1.214 1.00 0.00 ? 3 GLY A H    7  
ATOM 770  H HA2  . GLY A 1 3 ? 4.684   -1.662  -0.148 1.00 0.00 ? 3 GLY A HA2  7  
ATOM 771  H HA3  . GLY A 1 3 ? 4.771   0.087   0.159  1.00 0.00 ? 3 GLY A HA3  7  
ATOM 772  N N    . ILE A 1 4 ? 4.124   -0.038  2.491  1.00 0.00 ? 4 ILE A N    7  
ATOM 773  C CA   . ILE A 1 4 ? 3.915   -0.001  3.962  1.00 0.00 ? 4 ILE A CA   7  
ATOM 774  C C    . ILE A 1 4 ? 2.778   1.039   4.283  1.00 0.00 ? 4 ILE A C    7  
ATOM 775  O O    . ILE A 1 4 ? 2.714   1.556   5.402  1.00 0.00 ? 4 ILE A O    7  
ATOM 776  C CB   . ILE A 1 4 ? 5.254   0.229   4.752  1.00 0.00 ? 4 ILE A CB   7  
ATOM 777  C CG1  . ILE A 1 4 ? 5.992   1.574   4.464  1.00 0.00 ? 4 ILE A CG1  7  
ATOM 778  C CG2  . ILE A 1 4 ? 6.203   -0.993  4.638  1.00 0.00 ? 4 ILE A CG2  7  
ATOM 779  C CD1  . ILE A 1 4 ? 7.061   1.974   5.495  1.00 0.00 ? 4 ILE A CD1  7  
ATOM 780  H H    . ILE A 1 4 ? 4.416   0.787   1.960  1.00 0.00 ? 4 ILE A H    7  
ATOM 781  H HA   . ILE A 1 4 ? 3.503   -0.968  4.310  1.00 0.00 ? 4 ILE A HA   7  
ATOM 782  H HB   . ILE A 1 4 ? 4.950   0.268   5.810  1.00 0.00 ? 4 ILE A HB   7  
ATOM 783  H HG12 . ILE A 1 4 ? 6.451   1.554   3.458  1.00 0.00 ? 4 ILE A HG12 7  
ATOM 784  H HG13 . ILE A 1 4 ? 5.258   2.400   4.431  1.00 0.00 ? 4 ILE A HG13 7  
ATOM 785  H HG21 . ILE A 1 4 ? 7.060   -0.920  5.333  1.00 0.00 ? 4 ILE A HG21 7  
ATOM 786  H HG22 . ILE A 1 4 ? 5.684   -1.938  4.882  1.00 0.00 ? 4 ILE A HG22 7  
ATOM 787  H HG23 . ILE A 1 4 ? 6.616   -1.102  3.619  1.00 0.00 ? 4 ILE A HG23 7  
ATOM 788  H HD11 . ILE A 1 4 ? 7.490   2.965   5.257  1.00 0.00 ? 4 ILE A HD11 7  
ATOM 789  H HD12 . ILE A 1 4 ? 6.642   2.037   6.515  1.00 0.00 ? 4 ILE A HD12 7  
ATOM 790  H HD13 . ILE A 1 4 ? 7.902   1.258   5.521  1.00 0.00 ? 4 ILE A HD13 7  
ATOM 791  N N    . ARG A 1 5 ? 1.852   1.300   3.324  1.00 0.00 ? 5 ARG A N    7  
ATOM 792  C CA   . ARG A 1 5 ? 0.738   2.269   3.516  1.00 0.00 ? 5 ARG A CA   7  
ATOM 793  C C    . ARG A 1 5 ? -0.468  1.933   2.598  1.00 0.00 ? 5 ARG A C    7  
ATOM 794  O O    . ARG A 1 5 ? -0.317  1.434   1.482  1.00 0.00 ? 5 ARG A O    7  
ATOM 795  C CB   . ARG A 1 5 ? 1.197   3.750   3.356  1.00 0.00 ? 5 ARG A CB   7  
ATOM 796  C CG   . ARG A 1 5 ? 1.765   4.183   1.977  1.00 0.00 ? 5 ARG A CG   7  
ATOM 797  C CD   . ARG A 1 5 ? 1.940   5.708   1.807  1.00 0.00 ? 5 ARG A CD   7  
ATOM 798  N NE   . ARG A 1 5 ? 0.642   6.425   1.675  1.00 0.00 ? 5 ARG A NE   7  
ATOM 799  C CZ   . ARG A 1 5 ? 0.021   6.699   0.510  1.00 0.00 ? 5 ARG A CZ   7  
ATOM 800  N NH1  . ARG A 1 5 ? 0.533   6.435   -0.688 1.00 0.00 ? 5 ARG A NH1  7  
ATOM 801  N NH2  . ARG A 1 5 ? -1.170  7.266   0.562  1.00 0.00 ? 5 ARG A NH2  7  
ATOM 802  H H    . ARG A 1 5 ? 2.167   0.914   2.398  1.00 0.00 ? 5 ARG A H    7  
ATOM 803  H HA   . ARG A 1 5 ? 0.391   2.161   4.565  1.00 0.00 ? 5 ARG A HA   7  
ATOM 804  H HB2  . ARG A 1 5 ? 0.337   4.398   3.613  1.00 0.00 ? 5 ARG A HB2  7  
ATOM 805  H HB3  . ARG A 1 5 ? 1.948   3.980   4.134  1.00 0.00 ? 5 ARG A HB3  7  
ATOM 806  H HG2  . ARG A 1 5 ? 2.746   3.693   1.831  1.00 0.00 ? 5 ARG A HG2  7  
ATOM 807  H HG3  . ARG A 1 5 ? 1.130   3.794   1.157  1.00 0.00 ? 5 ARG A HG3  7  
ATOM 808  H HD2  . ARG A 1 5 ? 2.490   6.121   2.673  1.00 0.00 ? 5 ARG A HD2  7  
ATOM 809  H HD3  . ARG A 1 5 ? 2.599   5.913   0.941  1.00 0.00 ? 5 ARG A HD3  7  
ATOM 810  H HE   . ARG A 1 5 ? 0.103   6.697   2.505  1.00 0.00 ? 5 ARG A HE   7  
ATOM 811  H HH11 . ARG A 1 5 ? 1.457   5.992   -0.705 1.00 0.00 ? 5 ARG A HH11 7  
ATOM 812  H HH12 . ARG A 1 5 ? -0.044  6.688   -1.497 1.00 0.00 ? 5 ARG A HH12 7  
ATOM 813  H HH21 . ARG A 1 5 ? -1.550  7.455   1.495  1.00 0.00 ? 5 ARG A HH21 7  
ATOM 814  H HH22 . ARG A 1 5 ? -1.627  7.454   -0.337 1.00 0.00 ? 5 ARG A HH22 7  
ATOM 815  N N    . GLY A 1 6 ? -1.678  2.252   3.085  1.00 0.00 ? 6 GLY A N    7  
ATOM 816  C CA   . GLY A 1 6 ? -2.943  2.015   2.345  1.00 0.00 ? 6 GLY A CA   7  
ATOM 817  C C    . GLY A 1 6 ? -3.119  2.935   1.117  1.00 0.00 ? 6 GLY A C    7  
ATOM 818  O O    . GLY A 1 6 ? -3.307  4.145   1.264  1.00 0.00 ? 6 GLY A O    7  
ATOM 819  H H    . GLY A 1 6 ? -1.641  2.625   4.037  1.00 0.00 ? 6 GLY A H    7  
ATOM 820  H HA2  . GLY A 1 6 ? -3.029  0.943   2.080  1.00 0.00 ? 6 GLY A HA2  7  
ATOM 821  H HA3  . GLY A 1 6 ? -3.787  2.200   3.034  1.00 0.00 ? 6 GLY A HA3  7  
ATOM 822  N N    . GLU A 1 7 ? -3.054  2.334   -0.082 1.00 0.00 ? 7 GLU A N    7  
ATOM 823  C CA   . GLU A 1 7 ? -3.181  3.063   -1.370 1.00 0.00 ? 7 GLU A CA   7  
ATOM 824  C C    . GLU A 1 7 ? -3.639  2.069   -2.478 1.00 0.00 ? 7 GLU A C    7  
ATOM 825  O O    . GLU A 1 7 ? -3.104  0.964   -2.622 1.00 0.00 ? 7 GLU A O    7  
ATOM 826  C CB   . GLU A 1 7 ? -1.829  3.747   -1.735 1.00 0.00 ? 7 GLU A CB   7  
ATOM 827  C CG   . GLU A 1 7 ? -1.780  4.602   -3.026 1.00 0.00 ? 7 GLU A CG   7  
ATOM 828  C CD   . GLU A 1 7 ? -2.710  5.817   -3.032 1.00 0.00 ? 7 GLU A CD   7  
ATOM 829  O OE1  . GLU A 1 7 ? -2.330  6.873   -2.481 1.00 0.00 ? 7 GLU A OE1  7  
ATOM 830  O OE2  . GLU A 1 7 ? -3.825  5.721   -3.593 1.00 0.00 ? 7 GLU A OE2  7  
ATOM 831  H H    . GLU A 1 7 ? -2.901  1.320   -0.048 1.00 0.00 ? 7 GLU A H    7  
ATOM 832  H HA   . GLU A 1 7 ? -3.946  3.858   -1.247 1.00 0.00 ? 7 GLU A HA   7  
ATOM 833  H HB2  . GLU A 1 7 ? -1.509  4.387   -0.890 1.00 0.00 ? 7 GLU A HB2  7  
ATOM 834  H HB3  . GLU A 1 7 ? -1.040  2.978   -1.808 1.00 0.00 ? 7 GLU A HB3  7  
ATOM 835  H HG2  . GLU A 1 7 ? -0.744  4.956   -3.186 1.00 0.00 ? 7 GLU A HG2  7  
ATOM 836  H HG3  . GLU A 1 7 ? -1.998  3.971   -3.908 1.00 0.00 ? 7 GLU A HG3  7  
ATOM 837  N N    . ARG A 1 8 ? -4.629  2.505   -3.276 1.00 0.00 ? 8 ARG A N    7  
ATOM 838  C CA   . ARG A 1 8 ? -5.189  1.708   -4.400 1.00 0.00 ? 8 ARG A CA   7  
ATOM 839  C C    . ARG A 1 8 ? -5.806  2.749   -5.382 1.00 0.00 ? 8 ARG A C    7  
ATOM 840  O O    . ARG A 1 8 ? -6.972  3.134   -5.239 1.00 0.00 ? 8 ARG A O    7  
ATOM 841  C CB   . ARG A 1 8 ? -6.191  0.620   -3.895 1.00 0.00 ? 8 ARG A CB   7  
ATOM 842  C CG   . ARG A 1 8 ? -6.609  -0.476  -4.907 1.00 0.00 ? 8 ARG A CG   7  
ATOM 843  C CD   . ARG A 1 8 ? -7.645  -0.041  -5.962 1.00 0.00 ? 8 ARG A CD   7  
ATOM 844  N NE   . ARG A 1 8 ? -8.086  -1.191  -6.787 1.00 0.00 ? 8 ARG A NE   7  
ATOM 845  C CZ   . ARG A 1 8 ? -9.003  -1.115  -7.771 1.00 0.00 ? 8 ARG A CZ   7  
ATOM 846  N NH1  . ARG A 1 8 ? -9.628  0.008   -8.121 1.00 0.00 ? 8 ARG A NH1  7  
ATOM 847  N NH2  . ARG A 1 8 ? -9.303  -2.220  -8.426 1.00 0.00 ? 8 ARG A NH2  7  
ATOM 848  H H    . ARG A 1 8 ? -4.891  3.487   -3.119 1.00 0.00 ? 8 ARG A H    7  
ATOM 849  H HA   . ARG A 1 8 ? -4.360  1.168   -4.902 1.00 0.00 ? 8 ARG A HA   7  
ATOM 850  H HB2  . ARG A 1 8 ? -5.724  0.083   -3.046 1.00 0.00 ? 8 ARG A HB2  7  
ATOM 851  H HB3  . ARG A 1 8 ? -7.093  1.088   -3.453 1.00 0.00 ? 8 ARG A HB3  7  
ATOM 852  H HG2  . ARG A 1 8 ? -5.708  -0.890  -5.399 1.00 0.00 ? 8 ARG A HG2  7  
ATOM 853  H HG3  . ARG A 1 8 ? -7.030  -1.319  -4.326 1.00 0.00 ? 8 ARG A HG3  7  
ATOM 854  H HD2  . ARG A 1 8 ? -8.520  0.420   -5.460 1.00 0.00 ? 8 ARG A HD2  7  
ATOM 855  H HD3  . ARG A 1 8 ? -7.217  0.737   -6.620 1.00 0.00 ? 8 ARG A HD3  7  
ATOM 856  H HE   . ARG A 1 8 ? -7.700  -2.130  -6.642 1.00 0.00 ? 8 ARG A HE   7  
ATOM 857  H HH11 . ARG A 1 8 ? -9.380  0.853   -7.596 1.00 0.00 ? 8 ARG A HH11 7  
ATOM 858  H HH12 . ARG A 1 8 ? -10.308 -0.063  -8.886 1.00 0.00 ? 8 ARG A HH12 7  
ATOM 859  H HH21 . ARG A 1 8 ? -8.811  -3.073  -8.138 1.00 0.00 ? 8 ARG A HH21 7  
ATOM 860  H HH22 . ARG A 1 8 ? -10.004 -2.136  -9.169 1.00 0.00 ? 8 ARG A HH22 7  
ATOM 861  N N    . GLY A 1 9 ? -5.016  3.206   -6.372 1.00 0.00 ? 9 GLY A N    7  
ATOM 862  C CA   . GLY A 1 9 ? -5.487  4.200   -7.359 1.00 0.00 ? 9 GLY A CA   7  
ATOM 863  C C    . GLY A 1 9 ? -4.316  4.740   -8.180 1.00 0.00 ? 9 GLY A C    7  
ATOM 864  O O    . GLY A 1 9 ? -4.034  4.192   -9.269 1.00 0.00 ? 9 GLY A O    7  
ATOM 865  O OXT  . GLY A 1 9 ? -3.669  5.718   -7.741 1.00 0.00 ? 9 GLY A OXT  7  
ATOM 866  H H    . GLY A 1 9 ? -4.047  2.869   -6.365 1.00 0.00 ? 9 GLY A H    7  
ATOM 867  H HA2  . GLY A 1 9 ? -6.239  3.742   -8.029 1.00 0.00 ? 9 GLY A HA2  7  
ATOM 868  H HA3  . GLY A 1 9 ? -5.998  5.043   -6.854 1.00 0.00 ? 9 GLY A HA3  7  
ATOM 869  N N    . CYS A 1 1 ? -3.619  -0.469  -0.381 1.00 0.00 ? 1 CYS A N    8  
ATOM 870  C CA   . CYS A 1 1 ? -2.458  -1.378  -0.476 1.00 0.00 ? 1 CYS A CA   8  
ATOM 871  C C    . CYS A 1 1 ? -1.360  -0.721  -1.350 1.00 0.00 ? 1 CYS A C    8  
ATOM 872  O O    . CYS A 1 1 ? -1.543  -0.540  -2.559 1.00 0.00 ? 1 CYS A O    8  
ATOM 873  C CB   . CYS A 1 1 ? -2.901  -2.749  -1.027 1.00 0.00 ? 1 CYS A CB   8  
ATOM 874  S SG   . CYS A 1 1 ? -4.093  -3.539  0.105  1.00 0.00 ? 1 CYS A SG   8  
ATOM 875  H H1   . CYS A 1 1 ? -4.030  -0.283  -1.304 1.00 0.00 ? 1 CYS A H1   8  
ATOM 876  H H2   . CYS A 1 1 ? -4.361  -0.864  0.207  1.00 0.00 ? 1 CYS A H2   8  
ATOM 877  H H3   . CYS A 1 1 ? -3.359  0.437   0.025  1.00 0.00 ? 1 CYS A H3   8  
ATOM 878  H HA   . CYS A 1 1 ? -2.082  -1.543  0.552  1.00 0.00 ? 1 CYS A HA   8  
ATOM 879  H HB2  . CYS A 1 1 ? -3.354  -2.658  -2.033 1.00 0.00 ? 1 CYS A HB2  8  
ATOM 880  H HB3  . CYS A 1 1 ? -2.030  -3.423  -1.140 1.00 0.00 ? 1 CYS A HB3  8  
ATOM 881  H HG   . CYS A 1 1 ? -4.257  -4.649  -0.611 1.00 0.00 ? 1 CYS A HG   8  
ATOM 882  N N    . GLY A 1 2 ? -0.216  -0.376  -0.736 1.00 0.00 ? 2 GLY A N    8  
ATOM 883  C CA   . GLY A 1 2 ? 0.907   0.258   -1.461 1.00 0.00 ? 2 GLY A CA   8  
ATOM 884  C C    . GLY A 1 2 ? 2.115   0.458   -0.534 1.00 0.00 ? 2 GLY A C    8  
ATOM 885  O O    . GLY A 1 2 ? 2.105   1.365   0.301  1.00 0.00 ? 2 GLY A O    8  
ATOM 886  H H    . GLY A 1 2 ? -0.178  -0.564  0.273  1.00 0.00 ? 2 GLY A H    8  
ATOM 887  H HA2  . GLY A 1 2 ? 1.178   -0.335  -2.357 1.00 0.00 ? 2 GLY A HA2  8  
ATOM 888  H HA3  . GLY A 1 2 ? 0.587   1.244   -1.845 1.00 0.00 ? 2 GLY A HA3  8  
ATOM 889  N N    . GLY A 1 3 ? 3.154   -0.377  -0.686 1.00 0.00 ? 3 GLY A N    8  
ATOM 890  C CA   . GLY A 1 3 ? 4.384   -0.302  0.144  1.00 0.00 ? 3 GLY A CA   8  
ATOM 891  C C    . GLY A 1 3 ? 4.231   -0.966  1.520  1.00 0.00 ? 3 GLY A C    8  
ATOM 892  O O    . GLY A 1 3 ? 4.270   -2.186  1.700  1.00 0.00 ? 3 GLY A O    8  
ATOM 893  H H    . GLY A 1 3 ? 3.032   -1.086  -1.418 1.00 0.00 ? 3 GLY A H    8  
ATOM 894  H HA2  . GLY A 1 3 ? 5.228   -0.753  -0.370 1.00 0.00 ? 3 GLY A HA2  8  
ATOM 895  H HA3  . GLY A 1 3 ? 4.635   0.780   0.272  1.00 0.00 ? 3 GLY A HA3  8  
ATOM 896  N N    . ILE A 1 4 ? 3.980   -0.059  2.441  1.00 0.00 ? 4 ILE A N    8  
ATOM 897  C CA   . ILE A 1 4 ? 3.663   -0.308  3.869  1.00 0.00 ? 4 ILE A CA   8  
ATOM 898  C C    . ILE A 1 4 ? 2.319   0.444   4.225  1.00 0.00 ? 4 ILE A C    8  
ATOM 899  O O    . ILE A 1 4 ? 1.684   0.067   5.212  1.00 0.00 ? 4 ILE A O    8  
ATOM 900  C CB   . ILE A 1 4 ? 4.887   0.027   4.796  1.00 0.00 ? 4 ILE A CB   8  
ATOM 901  C CG1  . ILE A 1 4 ? 4.699   -0.545  6.232  1.00 0.00 ? 4 ILE A CG1  8  
ATOM 902  C CG2  . ILE A 1 4 ? 5.268   1.533   4.829  1.00 0.00 ? 4 ILE A CG2  8  
ATOM 903  C CD1  . ILE A 1 4 ? 5.976   -0.636  7.084  1.00 0.00 ? 4 ILE A CD1  8  
ATOM 904  H H    . ILE A 1 4 ? 4.306   0.865   2.140  1.00 0.00 ? 4 ILE A H    8  
ATOM 905  H HA   . ILE A 1 4 ? 3.441   -1.387  3.990  1.00 0.00 ? 4 ILE A HA   8  
ATOM 906  H HB   . ILE A 1 4 ? 5.756   -0.510  4.365  1.00 0.00 ? 4 ILE A HB   8  
ATOM 907  H HG12 . ILE A 1 4 ? 3.936   0.043   6.779  1.00 0.00 ? 4 ILE A HG12 8  
ATOM 908  H HG13 . ILE A 1 4 ? 4.277   -1.566  6.168  1.00 0.00 ? 4 ILE A HG13 8  
ATOM 909  H HG21 . ILE A 1 4 ? 5.434   1.937   3.814  1.00 0.00 ? 4 ILE A HG21 8  
ATOM 910  H HG22 . ILE A 1 4 ? 4.479   2.149   5.300  1.00 0.00 ? 4 ILE A HG22 8  
ATOM 911  H HG23 . ILE A 1 4 ? 6.201   1.711   5.391  1.00 0.00 ? 4 ILE A HG23 8  
ATOM 912  H HD11 . ILE A 1 4 ? 5.767   -1.107  8.062  1.00 0.00 ? 4 ILE A HD11 8  
ATOM 913  H HD12 . ILE A 1 4 ? 6.755   -1.243  6.588  1.00 0.00 ? 4 ILE A HD12 8  
ATOM 914  H HD13 . ILE A 1 4 ? 6.408   0.360   7.292  1.00 0.00 ? 4 ILE A HD13 8  
ATOM 915  N N    . ARG A 1 5 ? 1.877   1.462   3.430  1.00 0.00 ? 5 ARG A N    8  
ATOM 916  C CA   . ARG A 1 5 ? 0.630   2.241   3.700  1.00 0.00 ? 5 ARG A CA   8  
ATOM 917  C C    . ARG A 1 5 ? 0.053   2.824   2.372  1.00 0.00 ? 5 ARG A C    8  
ATOM 918  O O    . ARG A 1 5 ? -1.037  2.410   1.965  1.00 0.00 ? 5 ARG A O    8  
ATOM 919  C CB   . ARG A 1 5 ? 0.794   3.364   4.778  1.00 0.00 ? 5 ARG A CB   8  
ATOM 920  C CG   . ARG A 1 5 ? 1.046   2.927   6.242  1.00 0.00 ? 5 ARG A CG   8  
ATOM 921  C CD   . ARG A 1 5 ? 1.165   4.082   7.260  1.00 0.00 ? 5 ARG A CD   8  
ATOM 922  N NE   . ARG A 1 5 ? -0.123  4.781   7.527  1.00 0.00 ? 5 ARG A NE   8  
ATOM 923  C CZ   . ARG A 1 5 ? -0.455  6.001   7.063  1.00 0.00 ? 5 ARG A CZ   8  
ATOM 924  N NH1  . ARG A 1 5 ? 0.324   6.744   6.281  1.00 0.00 ? 5 ARG A NH1  8  
ATOM 925  N NH2  . ARG A 1 5 ? -1.632  6.492   7.404  1.00 0.00 ? 5 ARG A NH2  8  
ATOM 926  H H    . ARG A 1 5 ? 2.371   1.426   2.505  1.00 0.00 ? 5 ARG A H    8  
ATOM 927  H HA   . ARG A 1 5 ? -0.140  1.541   4.079  1.00 0.00 ? 5 ARG A HA   8  
ATOM 928  H HB2  . ARG A 1 5 ? 1.597   4.064   4.476  1.00 0.00 ? 5 ARG A HB2  8  
ATOM 929  H HB3  . ARG A 1 5 ? -0.129  3.977   4.783  1.00 0.00 ? 5 ARG A HB3  8  
ATOM 930  H HG2  . ARG A 1 5 ? 0.263   2.214   6.565  1.00 0.00 ? 5 ARG A HG2  8  
ATOM 931  H HG3  . ARG A 1 5 ? 1.991   2.356   6.287  1.00 0.00 ? 5 ARG A HG3  8  
ATOM 932  H HD2  . ARG A 1 5 ? 1.517   3.661   8.220  1.00 0.00 ? 5 ARG A HD2  8  
ATOM 933  H HD3  . ARG A 1 5 ? 1.971   4.779   6.959  1.00 0.00 ? 5 ARG A HD3  8  
ATOM 934  H HE   . ARG A 1 5 ? -0.843  4.348   8.116  1.00 0.00 ? 5 ARG A HE   8  
ATOM 935  H HH11 . ARG A 1 5 ? 1.233   6.345   6.027  1.00 0.00 ? 5 ARG A HH11 8  
ATOM 936  H HH12 . ARG A 1 5 ? -0.046  7.656   5.995  1.00 0.00 ? 5 ARG A HH12 8  
ATOM 937  H HH21 . ARG A 1 5 ? -2.218  5.903   8.006  1.00 0.00 ? 5 ARG A HH21 8  
ATOM 938  H HH22 . ARG A 1 5 ? -1.865  7.422   7.040  1.00 0.00 ? 5 ARG A HH22 8  
ATOM 939  N N    . GLY A 1 6 ? 0.752   3.772   1.710  1.00 0.00 ? 6 GLY A N    8  
ATOM 940  C CA   . GLY A 1 6 ? 0.285   4.388   0.446  1.00 0.00 ? 6 GLY A CA   8  
ATOM 941  C C    . GLY A 1 6 ? 1.491   4.776   -0.425 1.00 0.00 ? 6 GLY A C    8  
ATOM 942  O O    . GLY A 1 6 ? 2.100   5.828   -0.215 1.00 0.00 ? 6 GLY A O    8  
ATOM 943  H H    . GLY A 1 6 ? 1.699   3.933   2.065  1.00 0.00 ? 6 GLY A H    8  
ATOM 944  H HA2  . GLY A 1 6 ? -0.410  3.723   -0.107 1.00 0.00 ? 6 GLY A HA2  8  
ATOM 945  H HA3  . GLY A 1 6 ? -0.299  5.297   0.679  1.00 0.00 ? 6 GLY A HA3  8  
ATOM 946  N N    . GLU A 1 7 ? 1.806   3.921   -1.410 1.00 0.00 ? 7 GLU A N    8  
ATOM 947  C CA   . GLU A 1 7 ? 2.953   4.117   -2.335 1.00 0.00 ? 7 GLU A CA   8  
ATOM 948  C C    . GLU A 1 7 ? 2.625   3.315   -3.627 1.00 0.00 ? 7 GLU A C    8  
ATOM 949  O O    . GLU A 1 7 ? 2.749   2.085   -3.661 1.00 0.00 ? 7 GLU A O    8  
ATOM 950  C CB   . GLU A 1 7 ? 4.270   3.651   -1.646 1.00 0.00 ? 7 GLU A CB   8  
ATOM 951  C CG   . GLU A 1 7 ? 5.561   3.904   -2.454 1.00 0.00 ? 7 GLU A CG   8  
ATOM 952  C CD   . GLU A 1 7 ? 6.808   3.400   -1.728 1.00 0.00 ? 7 GLU A CD   8  
ATOM 953  O OE1  . GLU A 1 7 ? 7.099   2.185   -1.800 1.00 0.00 ? 7 GLU A OE1  8  
ATOM 954  O OE2  . GLU A 1 7 ? 7.502   4.214   -1.080 1.00 0.00 ? 7 GLU A OE2  8  
ATOM 955  H H    . GLU A 1 7 ? 1.242   3.066   -1.427 1.00 0.00 ? 7 GLU A H    8  
ATOM 956  H HA   . GLU A 1 7 ? 3.054   5.196   -2.572 1.00 0.00 ? 7 GLU A HA   8  
ATOM 957  H HB2  . GLU A 1 7 ? 4.371   4.163   -0.670 1.00 0.00 ? 7 GLU A HB2  8  
ATOM 958  H HB3  . GLU A 1 7 ? 4.198   2.574   -1.398 1.00 0.00 ? 7 GLU A HB3  8  
ATOM 959  H HG2  . GLU A 1 7 ? 5.502   3.407   -3.441 1.00 0.00 ? 7 GLU A HG2  8  
ATOM 960  H HG3  . GLU A 1 7 ? 5.671   4.983   -2.669 1.00 0.00 ? 7 GLU A HG3  8  
ATOM 961  N N    . ARG A 1 8 ? 2.224   4.036   -4.690 1.00 0.00 ? 8 ARG A N    8  
ATOM 962  C CA   . ARG A 1 8 ? 1.859   3.438   -6.004 1.00 0.00 ? 8 ARG A CA   8  
ATOM 963  C C    . ARG A 1 8 ? 2.144   4.533   -7.074 1.00 0.00 ? 8 ARG A C    8  
ATOM 964  O O    . ARG A 1 8 ? 1.315   5.421   -7.310 1.00 0.00 ? 8 ARG A O    8  
ATOM 965  C CB   . ARG A 1 8 ? 0.365   2.985   -6.061 1.00 0.00 ? 8 ARG A CB   8  
ATOM 966  C CG   . ARG A 1 8 ? 0.025   1.665   -5.327 1.00 0.00 ? 8 ARG A CG   8  
ATOM 967  C CD   . ARG A 1 8 ? -1.458  1.249   -5.394 1.00 0.00 ? 8 ARG A CD   8  
ATOM 968  N NE   . ARG A 1 8 ? -2.305  2.074   -4.494 1.00 0.00 ? 8 ARG A NE   8  
ATOM 969  C CZ   . ARG A 1 8 ? -3.558  1.757   -4.116 1.00 0.00 ? 8 ARG A CZ   8  
ATOM 970  N NH1  . ARG A 1 8 ? -4.206  0.670   -4.525 1.00 0.00 ? 8 ARG A NH1  8  
ATOM 971  N NH2  . ARG A 1 8 ? -4.180  2.575   -3.289 1.00 0.00 ? 8 ARG A NH2  8  
ATOM 972  H H    . ARG A 1 8 ? 2.213   5.050   -4.538 1.00 0.00 ? 8 ARG A H    8  
ATOM 973  H HA   . ARG A 1 8 ? 2.485   2.545   -6.205 1.00 0.00 ? 8 ARG A HA   8  
ATOM 974  H HB2  . ARG A 1 8 ? -0.289  3.798   -5.692 1.00 0.00 ? 8 ARG A HB2  8  
ATOM 975  H HB3  . ARG A 1 8 ? 0.071   2.849   -7.122 1.00 0.00 ? 8 ARG A HB3  8  
ATOM 976  H HG2  . ARG A 1 8 ? 0.638   0.853   -5.761 1.00 0.00 ? 8 ARG A HG2  8  
ATOM 977  H HG3  . ARG A 1 8 ? 0.335   1.718   -4.267 1.00 0.00 ? 8 ARG A HG3  8  
ATOM 978  H HD2  . ARG A 1 8 ? -1.833  1.306   -6.432 1.00 0.00 ? 8 ARG A HD2  8  
ATOM 979  H HD3  . ARG A 1 8 ? -1.530  0.182   -5.106 1.00 0.00 ? 8 ARG A HD3  8  
ATOM 980  H HE   . ARG A 1 8 ? -1.952  2.948   -4.088 1.00 0.00 ? 8 ARG A HE   8  
ATOM 981  H HH11 . ARG A 1 8 ? -3.701  0.050   -5.168 1.00 0.00 ? 8 ARG A HH11 8  
ATOM 982  H HH12 . ARG A 1 8 ? -5.159  0.538   -4.168 1.00 0.00 ? 8 ARG A HH12 8  
ATOM 983  H HH21 . ARG A 1 8 ? -3.662  3.406   -2.988 1.00 0.00 ? 8 ARG A HH21 8  
ATOM 984  H HH22 . ARG A 1 8 ? -5.135  2.314   -3.017 1.00 0.00 ? 8 ARG A HH22 8  
ATOM 985  N N    . GLY A 1 9 ? 3.335   4.480   -7.706 1.00 0.00 ? 9 GLY A N    8  
ATOM 986  C CA   . GLY A 1 9 ? 3.735   5.458   -8.743 1.00 0.00 ? 9 GLY A CA   8  
ATOM 987  C C    . GLY A 1 9 ? 4.484   6.656   -8.147 1.00 0.00 ? 9 GLY A C    8  
ATOM 988  O O    . GLY A 1 9 ? 5.730   6.600   -8.040 1.00 0.00 ? 9 GLY A O    8  
ATOM 989  O OXT  . GLY A 1 9 ? 3.828   7.657   -7.783 1.00 0.00 ? 9 GLY A OXT  8  
ATOM 990  H H    . GLY A 1 9 ? 3.979   3.753   -7.375 1.00 0.00 ? 9 GLY A H    8  
ATOM 991  H HA2  . GLY A 1 9 ? 4.387   4.951   -9.478 1.00 0.00 ? 9 GLY A HA2  8  
ATOM 992  H HA3  . GLY A 1 9 ? 2.864   5.809   -9.330 1.00 0.00 ? 9 GLY A HA3  8  
ATOM 993  N N    . CYS A 1 1 ? 0.256   -0.631  -6.168 1.00 0.00 ? 1 CYS A N    9  
ATOM 994  C CA   . CYS A 1 1 ? 0.399   0.560   -5.303 1.00 0.00 ? 1 CYS A CA   9  
ATOM 995  C C    . CYS A 1 1 ? -0.125  0.227   -3.881 1.00 0.00 ? 1 CYS A C    9  
ATOM 996  O O    . CYS A 1 1 ? -1.314  -0.052  -3.691 1.00 0.00 ? 1 CYS A O    9  
ATOM 997  C CB   . CYS A 1 1 ? -0.318  1.767   -5.939 1.00 0.00 ? 1 CYS A CB   9  
ATOM 998  S SG   . CYS A 1 1 ? 0.470   2.244   -7.516 1.00 0.00 ? 1 CYS A SG   9  
ATOM 999  H H1   . CYS A 1 1 ? -0.725  -0.912  -6.266 1.00 0.00 ? 1 CYS A H1   9  
ATOM 1000 H H2   . CYS A 1 1 ? 0.620   -0.458  -7.111 1.00 0.00 ? 1 CYS A H2   9  
ATOM 1001 H H3   . CYS A 1 1 ? 0.767   -1.437  -5.789 1.00 0.00 ? 1 CYS A H3   9  
ATOM 1002 H HA   . CYS A 1 1 ? 1.478   0.809   -5.265 1.00 0.00 ? 1 CYS A HA   9  
ATOM 1003 H HB2  . CYS A 1 1 ? -1.391  1.564   -6.113 1.00 0.00 ? 1 CYS A HB2  9  
ATOM 1004 H HB3  . CYS A 1 1 ? -0.276  2.640   -5.260 1.00 0.00 ? 1 CYS A HB3  9  
ATOM 1005 H HG   . CYS A 1 1 ? -0.079  1.290   -8.265 1.00 0.00 ? 1 CYS A HG   9  
ATOM 1006 N N    . GLY A 1 2 ? 0.777   0.266   -2.886 1.00 0.00 ? 2 GLY A N    9  
ATOM 1007 C CA   . GLY A 1 2 ? 0.427   -0.039  -1.478 1.00 0.00 ? 2 GLY A CA   9  
ATOM 1008 C C    . GLY A 1 2 ? 1.606   0.213   -0.522 1.00 0.00 ? 2 GLY A C    9  
ATOM 1009 O O    . GLY A 1 2 ? 1.564   1.146   0.291  1.00 0.00 ? 2 GLY A O    9  
ATOM 1010 H H    . GLY A 1 2 ? 1.729   0.528   -3.165 1.00 0.00 ? 2 GLY A H    9  
ATOM 1011 H HA2  . GLY A 1 2 ? -0.433  0.582   -1.161 1.00 0.00 ? 2 GLY A HA2  9  
ATOM 1012 H HA3  . GLY A 1 2 ? 0.086   -1.089  -1.388 1.00 0.00 ? 2 GLY A HA3  9  
ATOM 1013 N N    . GLY A 1 3 ? 2.646   -0.648  -0.572 1.00 0.00 ? 3 GLY A N    9  
ATOM 1014 C CA   . GLY A 1 3 ? 3.832   -0.464  0.297  1.00 0.00 ? 3 GLY A CA   9  
ATOM 1015 C C    . GLY A 1 3 ? 3.552   -0.620  1.796  1.00 0.00 ? 3 GLY A C    9  
ATOM 1016 O O    . GLY A 1 3 ? 2.671   -1.368  2.231  1.00 0.00 ? 3 GLY A O    9  
ATOM 1017 H H    . GLY A 1 3 ? 2.568   -1.403  -1.262 1.00 0.00 ? 3 GLY A H    9  
ATOM 1018 H HA2  . GLY A 1 3 ? 4.612   -1.187  0.018  1.00 0.00 ? 3 GLY A HA2  9  
ATOM 1019 H HA3  . GLY A 1 3 ? 4.248   0.546   0.099  1.00 0.00 ? 3 GLY A HA3  9  
ATOM 1020 N N    . ILE A 1 4 ? 4.405   0.057   2.573  1.00 0.00 ? 4 ILE A N    9  
ATOM 1021 C CA   . ILE A 1 4 ? 4.271   0.152   4.057  1.00 0.00 ? 4 ILE A CA   9  
ATOM 1022 C C    . ILE A 1 4 ? 2.851   0.695   4.507  1.00 0.00 ? 4 ILE A C    9  
ATOM 1023 O O    . ILE A 1 4 ? 2.451   0.406   5.639  1.00 0.00 ? 4 ILE A O    9  
ATOM 1024 C CB   . ILE A 1 4 ? 5.490   0.956   4.666  1.00 0.00 ? 4 ILE A CB   9  
ATOM 1025 C CG1  . ILE A 1 4 ? 6.909   0.368   4.352  1.00 0.00 ? 4 ILE A CG1  9  
ATOM 1026 C CG2  . ILE A 1 4 ? 5.401   1.112   6.208  1.00 0.00 ? 4 ILE A CG2  9  
ATOM 1027 C CD1  . ILE A 1 4 ? 7.544   0.798   3.018  1.00 0.00 ? 4 ILE A CD1  9  
ATOM 1028 H H    . ILE A 1 4 ? 4.976   0.733   2.059  1.00 0.00 ? 4 ILE A H    9  
ATOM 1029 H HA   . ILE A 1 4 ? 4.340   -0.881  4.452  1.00 0.00 ? 4 ILE A HA   9  
ATOM 1030 H HB   . ILE A 1 4 ? 5.452   1.987   4.260  1.00 0.00 ? 4 ILE A HB   9  
ATOM 1031 H HG12 . ILE A 1 4 ? 7.639   0.666   5.129  1.00 0.00 ? 4 ILE A HG12 9  
ATOM 1032 H HG13 . ILE A 1 4 ? 6.884   -0.738  4.412  1.00 0.00 ? 4 ILE A HG13 9  
ATOM 1033 H HG21 . ILE A 1 4 ? 6.255   1.679   6.624  1.00 0.00 ? 4 ILE A HG21 9  
ATOM 1034 H HG22 . ILE A 1 4 ? 4.499   1.670   6.520  1.00 0.00 ? 4 ILE A HG22 9  
ATOM 1035 H HG23 . ILE A 1 4 ? 5.373   0.132   6.724  1.00 0.00 ? 4 ILE A HG23 9  
ATOM 1036 H HD11 . ILE A 1 4 ? 7.012   0.395   2.139  1.00 0.00 ? 4 ILE A HD11 9  
ATOM 1037 H HD12 . ILE A 1 4 ? 7.575   1.899   2.916  1.00 0.00 ? 4 ILE A HD12 9  
ATOM 1038 H HD13 . ILE A 1 4 ? 8.587   0.439   2.945  1.00 0.00 ? 4 ILE A HD13 9  
ATOM 1039 N N    . ARG A 1 5 ? 2.090   1.444   3.656  1.00 0.00 ? 5 ARG A N    9  
ATOM 1040 C CA   . ARG A 1 5 ? 0.757   1.983   4.057  1.00 0.00 ? 5 ARG A CA   9  
ATOM 1041 C C    . ARG A 1 5 ? -0.115  2.256   2.801  1.00 0.00 ? 5 ARG A C    9  
ATOM 1042 O O    . ARG A 1 5 ? 0.243   3.071   1.943  1.00 0.00 ? 5 ARG A O    9  
ATOM 1043 C CB   . ARG A 1 5 ? 0.924   3.269   4.926  1.00 0.00 ? 5 ARG A CB   9  
ATOM 1044 C CG   . ARG A 1 5 ? -0.356  3.840   5.583  1.00 0.00 ? 5 ARG A CG   9  
ATOM 1045 C CD   . ARG A 1 5 ? -0.955  2.949   6.690  1.00 0.00 ? 5 ARG A CD   9  
ATOM 1046 N NE   . ARG A 1 5 ? -2.148  3.586   7.302  1.00 0.00 ? 5 ARG A NE   9  
ATOM 1047 C CZ   . ARG A 1 5 ? -2.861  3.053   8.313  1.00 0.00 ? 5 ARG A CZ   9  
ATOM 1048 N NH1  . ARG A 1 5 ? -2.574  1.891   8.894  1.00 0.00 ? 5 ARG A NH1  9  
ATOM 1049 N NH2  . ARG A 1 5 ? -3.908  3.725   8.755  1.00 0.00 ? 5 ARG A NH2  9  
ATOM 1050 H H    . ARG A 1 5 ? 2.381   1.346   2.655  1.00 0.00 ? 5 ARG A H    9  
ATOM 1051 H HA   . ARG A 1 5 ? 0.259   1.216   4.684  1.00 0.00 ? 5 ARG A HA   9  
ATOM 1052 H HB2  . ARG A 1 5 ? 1.664   3.084   5.729  1.00 0.00 ? 5 ARG A HB2  9  
ATOM 1053 H HB3  . ARG A 1 5 ? 1.385   4.065   4.310  1.00 0.00 ? 5 ARG A HB3  9  
ATOM 1054 H HG2  . ARG A 1 5 ? -0.108  4.832   6.012  1.00 0.00 ? 5 ARG A HG2  9  
ATOM 1055 H HG3  . ARG A 1 5 ? -1.115  4.049   4.805  1.00 0.00 ? 5 ARG A HG3  9  
ATOM 1056 H HD2  . ARG A 1 5 ? -1.239  1.964   6.273  1.00 0.00 ? 5 ARG A HD2  9  
ATOM 1057 H HD3  . ARG A 1 5 ? -0.192  2.752   7.467  1.00 0.00 ? 5 ARG A HD3  9  
ATOM 1058 H HE   . ARG A 1 5 ? -2.501  4.488   6.966  1.00 0.00 ? 5 ARG A HE   9  
ATOM 1059 H HH11 . ARG A 1 5 ? -1.756  1.389   8.536  1.00 0.00 ? 5 ARG A HH11 9  
ATOM 1060 H HH12 . ARG A 1 5 ? -3.194  1.592   9.655  1.00 0.00 ? 5 ARG A HH12 9  
ATOM 1061 H HH21 . ARG A 1 5 ? -4.111  4.618   8.291  1.00 0.00 ? 5 ARG A HH21 9  
ATOM 1062 H HH22 . ARG A 1 5 ? -4.435  3.298   9.524  1.00 0.00 ? 5 ARG A HH22 9  
ATOM 1063 N N    . GLY A 1 6 ? -1.286  1.595   2.735  1.00 0.00 ? 6 GLY A N    9  
ATOM 1064 C CA   . GLY A 1 6 ? -2.239  1.754   1.611  1.00 0.00 ? 6 GLY A CA   9  
ATOM 1065 C C    . GLY A 1 6 ? -2.965  3.121   1.567  1.00 0.00 ? 6 GLY A C    9  
ATOM 1066 O O    . GLY A 1 6 ? -3.301  3.700   2.606  1.00 0.00 ? 6 GLY A O    9  
ATOM 1067 H H    . GLY A 1 6 ? -1.468  0.958   3.517  1.00 0.00 ? 6 GLY A H    9  
ATOM 1068 H HA2  . GLY A 1 6 ? -1.712  1.542   0.659  1.00 0.00 ? 6 GLY A HA2  9  
ATOM 1069 H HA3  . GLY A 1 6 ? -3.006  0.961   1.694  1.00 0.00 ? 6 GLY A HA3  9  
ATOM 1070 N N    . GLU A 1 7 ? -3.226  3.603   0.341  1.00 0.00 ? 7 GLU A N    9  
ATOM 1071 C CA   . GLU A 1 7 ? -3.897  4.916   0.102  1.00 0.00 ? 7 GLU A CA   9  
ATOM 1072 C C    . GLU A 1 7 ? -4.641  4.994   -1.271 1.00 0.00 ? 7 GLU A C    9  
ATOM 1073 O O    . GLU A 1 7 ? -5.738  5.557   -1.317 1.00 0.00 ? 7 GLU A O    9  
ATOM 1074 C CB   . GLU A 1 7 ? -2.865  6.077   0.267  1.00 0.00 ? 7 GLU A CB   9  
ATOM 1075 C CG   . GLU A 1 7 ? -3.429  7.518   0.310  1.00 0.00 ? 7 GLU A CG   9  
ATOM 1076 C CD   . GLU A 1 7 ? -4.291  7.826   1.539  1.00 0.00 ? 7 GLU A CD   9  
ATOM 1077 O OE1  . GLU A 1 7 ? -3.726  8.152   2.606  1.00 0.00 ? 7 GLU A OE1  9  
ATOM 1078 O OE2  . GLU A 1 7 ? -5.534  7.739   1.441  1.00 0.00 ? 7 GLU A OE2  9  
ATOM 1079 H H    . GLU A 1 7 ? -2.886  3.019   -0.430 1.00 0.00 ? 7 GLU A H    9  
ATOM 1080 H HA   . GLU A 1 7 ? -4.676  5.042   0.879  1.00 0.00 ? 7 GLU A HA   9  
ATOM 1081 H HB2  . GLU A 1 7 ? -2.272  5.925   1.190  1.00 0.00 ? 7 GLU A HB2  9  
ATOM 1082 H HB3  . GLU A 1 7 ? -2.118  6.018   -0.548 1.00 0.00 ? 7 GLU A HB3  9  
ATOM 1083 H HG2  . GLU A 1 7 ? -2.588  8.235   0.290  1.00 0.00 ? 7 GLU A HG2  9  
ATOM 1084 H HG3  . GLU A 1 7 ? -4.007  7.733   -0.608 1.00 0.00 ? 7 GLU A HG3  9  
ATOM 1085 N N    . ARG A 1 8 ? -4.072  4.460   -2.374 1.00 0.00 ? 8 ARG A N    9  
ATOM 1086 C CA   . ARG A 1 8 ? -4.706  4.493   -3.719 1.00 0.00 ? 8 ARG A CA   9  
ATOM 1087 C C    . ARG A 1 8 ? -4.129  3.281   -4.510 1.00 0.00 ? 8 ARG A C    9  
ATOM 1088 O O    . ARG A 1 8 ? -3.028  3.361   -5.066 1.00 0.00 ? 8 ARG A O    9  
ATOM 1089 C CB   . ARG A 1 8 ? -4.449  5.861   -4.424 1.00 0.00 ? 8 ARG A CB   9  
ATOM 1090 C CG   . ARG A 1 8 ? -5.189  6.048   -5.772 1.00 0.00 ? 8 ARG A CG   9  
ATOM 1091 C CD   . ARG A 1 8 ? -4.845  7.354   -6.518 1.00 0.00 ? 8 ARG A CD   9  
ATOM 1092 N NE   . ARG A 1 8 ? -3.472  7.326   -7.088 1.00 0.00 ? 8 ARG A NE   9  
ATOM 1093 C CZ   . ARG A 1 8 ? -2.902  8.346   -7.759 1.00 0.00 ? 8 ARG A CZ   9  
ATOM 1094 N NH1  . ARG A 1 8 ? -3.505  9.508   -7.998 1.00 0.00 ? 8 ARG A NH1  9  
ATOM 1095 N NH2  . ARG A 1 8 ? -1.671  8.183   -8.203 1.00 0.00 ? 8 ARG A NH2  9  
ATOM 1096 H H    . ARG A 1 8 ? -3.213  3.930   -2.184 1.00 0.00 ? 8 ARG A H    9  
ATOM 1097 H HA   . ARG A 1 8 ? -5.804  4.388   -3.608 1.00 0.00 ? 8 ARG A HA   9  
ATOM 1098 H HB2  . ARG A 1 8 ? -4.756  6.688   -3.754 1.00 0.00 ? 8 ARG A HB2  9  
ATOM 1099 H HB3  . ARG A 1 8 ? -3.362  6.008   -4.574 1.00 0.00 ? 8 ARG A HB3  9  
ATOM 1100 H HG2  . ARG A 1 8 ? -5.004  5.184   -6.439 1.00 0.00 ? 8 ARG A HG2  9  
ATOM 1101 H HG3  . ARG A 1 8 ? -6.279  6.030   -5.580 1.00 0.00 ? 8 ARG A HG3  9  
ATOM 1102 H HD2  . ARG A 1 8 ? -5.574  7.503   -7.335 1.00 0.00 ? 8 ARG A HD2  9  
ATOM 1103 H HD3  . ARG A 1 8 ? -4.966  8.221   -5.840 1.00 0.00 ? 8 ARG A HD3  9  
ATOM 1104 H HE   . ARG A 1 8 ? -2.872  6.500   -6.990 1.00 0.00 ? 8 ARG A HE   9  
ATOM 1105 H HH11 . ARG A 1 8 ? -4.461  9.611   -7.643 1.00 0.00 ? 8 ARG A HH11 9  
ATOM 1106 H HH12 . ARG A 1 8 ? -2.964  10.208  -8.520 1.00 0.00 ? 8 ARG A HH12 9  
ATOM 1107 H HH21 . ARG A 1 8 ? -1.227  7.279   -8.006 1.00 0.00 ? 8 ARG A HH21 9  
ATOM 1108 H HH22 . ARG A 1 8 ? -1.257  8.973   -8.709 1.00 0.00 ? 8 ARG A HH22 9  
ATOM 1109 N N    . GLY A 1 9 ? -4.883  2.163   -4.566 1.00 0.00 ? 9 GLY A N    9  
ATOM 1110 C CA   . GLY A 1 9 ? -4.451  0.940   -5.279 1.00 0.00 ? 9 GLY A CA   9  
ATOM 1111 C C    . GLY A 1 9 ? -4.753  0.986   -6.783 1.00 0.00 ? 9 GLY A C    9  
ATOM 1112 O O    . GLY A 1 9 ? -5.868  0.595   -7.191 1.00 0.00 ? 9 GLY A O    9  
ATOM 1113 O OXT  . GLY A 1 9 ? -3.872  1.415   -7.561 1.00 0.00 ? 9 GLY A OXT  9  
ATOM 1114 H H    . GLY A 1 9 ? -5.738  2.178   -3.999 1.00 0.00 ? 9 GLY A H    9  
ATOM 1115 H HA2  . GLY A 1 9 ? -3.376  0.743   -5.116 1.00 0.00 ? 9 GLY A HA2  9  
ATOM 1116 H HA3  . GLY A 1 9 ? -4.967  0.070   -4.834 1.00 0.00 ? 9 GLY A HA3  9  
ATOM 1117 N N    . CYS A 1 1 ? -2.785  2.831   -1.520 1.00 0.00 ? 1 CYS A N    10 
ATOM 1118 C CA   . CYS A 1 1 ? -1.854  2.520   -2.625 1.00 0.00 ? 1 CYS A CA   10 
ATOM 1119 C C    . CYS A 1 1 ? -1.112  1.189   -2.328 1.00 0.00 ? 1 CYS A C    10 
ATOM 1120 O O    . CYS A 1 1 ? -1.538  0.145   -2.834 1.00 0.00 ? 1 CYS A O    10 
ATOM 1121 C CB   . CYS A 1 1 ? -0.965  3.748   -2.935 1.00 0.00 ? 1 CYS A CB   10 
ATOM 1122 S SG   . CYS A 1 1 ? -1.981  5.169   -3.466 1.00 0.00 ? 1 CYS A SG   10 
ATOM 1123 H H1   . CYS A 1 1 ? -3.439  2.059   -1.348 1.00 0.00 ? 1 CYS A H1   10 
ATOM 1124 H H2   . CYS A 1 1 ? -2.285  3.006   -0.641 1.00 0.00 ? 1 CYS A H2   10 
ATOM 1125 H H3   . CYS A 1 1 ? -3.347  3.665   -1.722 1.00 0.00 ? 1 CYS A H3   10 
ATOM 1126 H HA   . CYS A 1 1 ? -2.471  2.346   -3.526 1.00 0.00 ? 1 CYS A HA   10 
ATOM 1127 H HB2  . CYS A 1 1 ? -0.364  4.047   -2.055 1.00 0.00 ? 1 CYS A HB2  10 
ATOM 1128 H HB3  . CYS A 1 1 ? -0.243  3.513   -3.739 1.00 0.00 ? 1 CYS A HB3  10 
ATOM 1129 H HG   . CYS A 1 1 ? -2.389  4.648   -4.621 1.00 0.00 ? 1 CYS A HG   10 
ATOM 1130 N N    . GLY A 1 2 ? -0.027  1.201   -1.528 1.00 0.00 ? 2 GLY A N    10 
ATOM 1131 C CA   . GLY A 1 2 ? 0.723   -0.030  -1.196 1.00 0.00 ? 2 GLY A CA   10 
ATOM 1132 C C    . GLY A 1 2 ? 2.045   0.207   -0.433 1.00 0.00 ? 2 GLY A C    10 
ATOM 1133 O O    . GLY A 1 2 ? 2.322   1.291   0.091  1.00 0.00 ? 2 GLY A O    10 
ATOM 1134 H H    . GLY A 1 2 ? 0.216   2.112   -1.123 1.00 0.00 ? 2 GLY A H    10 
ATOM 1135 H HA2  . GLY A 1 2 ? 0.079   -0.691  -0.590 1.00 0.00 ? 2 GLY A HA2  10 
ATOM 1136 H HA3  . GLY A 1 2 ? 0.922   -0.584  -2.131 1.00 0.00 ? 2 GLY A HA3  10 
ATOM 1137 N N    . GLY A 1 3 ? 2.867   -0.854  -0.392 1.00 0.00 ? 3 GLY A N    10 
ATOM 1138 C CA   . GLY A 1 3 ? 4.187   -0.847  0.286  1.00 0.00 ? 3 GLY A CA   10 
ATOM 1139 C C    . GLY A 1 3 ? 4.134   -1.085  1.794  1.00 0.00 ? 3 GLY A C    10 
ATOM 1140 O O    . GLY A 1 3 ? 4.037   -2.212  2.283  1.00 0.00 ? 3 GLY A O    10 
ATOM 1141 H H    . GLY A 1 3 ? 2.492   -1.711  -0.809 1.00 0.00 ? 3 GLY A H    10 
ATOM 1142 H HA2  . GLY A 1 3 ? 4.825   -1.612  -0.144 1.00 0.00 ? 3 GLY A HA2  10 
ATOM 1143 H HA3  . GLY A 1 3 ? 4.660   0.141   0.090  1.00 0.00 ? 3 GLY A HA3  10 
ATOM 1144 N N    . ILE A 1 4 ? 4.172   0.045   2.478  1.00 0.00 ? 4 ILE A N    10 
ATOM 1145 C CA   . ILE A 1 4 ? 4.025   0.153   3.955  1.00 0.00 ? 4 ILE A CA   10 
ATOM 1146 C C    . ILE A 1 4 ? 2.745   1.035   4.271  1.00 0.00 ? 4 ILE A C    10 
ATOM 1147 O O    . ILE A 1 4 ? 2.520   1.388   5.431  1.00 0.00 ? 4 ILE A O    10 
ATOM 1148 C CB   . ILE A 1 4 ? 5.396   0.608   4.588  1.00 0.00 ? 4 ILE A CB   10 
ATOM 1149 C CG1  . ILE A 1 4 ? 5.718   -0.003  5.983  1.00 0.00 ? 4 ILE A CG1  10 
ATOM 1150 C CG2  . ILE A 1 4 ? 5.675   2.131   4.537  1.00 0.00 ? 4 ILE A CG2  10 
ATOM 1151 C CD1  . ILE A 1 4 ? 4.829   0.379   7.178  1.00 0.00 ? 4 ILE A CD1  10 
ATOM 1152 H H    . ILE A 1 4 ? 4.298   0.870   1.879  1.00 0.00 ? 4 ILE A H    10 
ATOM 1153 H HA   . ILE A 1 4 ? 3.789   -0.849  4.368  1.00 0.00 ? 4 ILE A HA   10 
ATOM 1154 H HB   . ILE A 1 4 ? 6.195   0.167   3.960  1.00 0.00 ? 4 ILE A HB   10 
ATOM 1155 H HG12 . ILE A 1 4 ? 5.721   -1.105  5.897  1.00 0.00 ? 4 ILE A HG12 10 
ATOM 1156 H HG13 . ILE A 1 4 ? 6.764   0.250   6.245  1.00 0.00 ? 4 ILE A HG13 10 
ATOM 1157 H HG21 . ILE A 1 4 ? 5.573   2.528   3.509  1.00 0.00 ? 4 ILE A HG21 10 
ATOM 1158 H HG22 . ILE A 1 4 ? 4.980   2.705   5.177  1.00 0.00 ? 4 ILE A HG22 10 
ATOM 1159 H HG23 . ILE A 1 4 ? 6.701   2.371   4.872  1.00 0.00 ? 4 ILE A HG23 10 
ATOM 1160 H HD11 . ILE A 1 4 ? 5.238   -0.027  8.121  1.00 0.00 ? 4 ILE A HD11 10 
ATOM 1161 H HD12 . ILE A 1 4 ? 4.749   1.475   7.302  1.00 0.00 ? 4 ILE A HD12 10 
ATOM 1162 H HD13 . ILE A 1 4 ? 3.808   -0.026  7.075  1.00 0.00 ? 4 ILE A HD13 10 
ATOM 1163 N N    . ARG A 1 5 ? 1.889   1.370   3.263  1.00 0.00 ? 5 ARG A N    10 
ATOM 1164 C CA   . ARG A 1 5 ? 0.669   2.200   3.469  1.00 0.00 ? 5 ARG A CA   10 
ATOM 1165 C C    . ARG A 1 5 ? -0.334  1.903   2.317  1.00 0.00 ? 5 ARG A C    10 
ATOM 1166 O O    . ARG A 1 5 ? -0.256  2.503   1.240  1.00 0.00 ? 5 ARG A O    10 
ATOM 1167 C CB   . ARG A 1 5 ? 1.041   3.712   3.591  1.00 0.00 ? 5 ARG A CB   10 
ATOM 1168 C CG   . ARG A 1 5 ? 0.002   4.642   4.271  1.00 0.00 ? 5 ARG A CG   10 
ATOM 1169 C CD   . ARG A 1 5 ? -1.352  4.867   3.562  1.00 0.00 ? 5 ARG A CD   10 
ATOM 1170 N NE   . ARG A 1 5 ? -1.202  5.518   2.234  1.00 0.00 ? 5 ARG A NE   10 
ATOM 1171 C CZ   . ARG A 1 5 ? -2.148  5.532   1.277  1.00 0.00 ? 5 ARG A CZ   10 
ATOM 1172 N NH1  . ARG A 1 5 ? -3.352  4.983   1.411  1.00 0.00 ? 5 ARG A NH1  10 
ATOM 1173 N NH2  . ARG A 1 5 ? -1.863  6.128   0.136  1.00 0.00 ? 5 ARG A NH2  10 
ATOM 1174 H H    . ARG A 1 5 ? 2.256   1.020   2.342  1.00 0.00 ? 5 ARG A H    10 
ATOM 1175 H HA   . ARG A 1 5 ? 0.206   1.900   4.433  1.00 0.00 ? 5 ARG A HA   10 
ATOM 1176 H HB2  . ARG A 1 5 ? 1.966   3.809   4.194  1.00 0.00 ? 5 ARG A HB2  10 
ATOM 1177 H HB3  . ARG A 1 5 ? 1.327   4.119   2.603  1.00 0.00 ? 5 ARG A HB3  10 
ATOM 1178 H HG2  . ARG A 1 5 ? -0.199  4.256   5.289  1.00 0.00 ? 5 ARG A HG2  10 
ATOM 1179 H HG3  . ARG A 1 5 ? 0.476   5.627   4.443  1.00 0.00 ? 5 ARG A HG3  10 
ATOM 1180 H HD2  . ARG A 1 5 ? -1.890  3.904   3.478  1.00 0.00 ? 5 ARG A HD2  10 
ATOM 1181 H HD3  . ARG A 1 5 ? -1.993  5.504   4.200  1.00 0.00 ? 5 ARG A HD3  10 
ATOM 1182 H HE   . ARG A 1 5 ? -0.328  5.986   1.969  1.00 0.00 ? 5 ARG A HE   10 
ATOM 1183 H HH11 . ARG A 1 5 ? -3.551  4.527   2.310  1.00 0.00 ? 5 ARG A HH11 10 
ATOM 1184 H HH12 . ARG A 1 5 ? -3.987  5.061   0.610  1.00 0.00 ? 5 ARG A HH12 10 
ATOM 1185 H HH21 . ARG A 1 5 ? -0.931  6.547   0.055  1.00 0.00 ? 5 ARG A HH21 10 
ATOM 1186 H HH22 . ARG A 1 5 ? -2.601  6.131   -0.578 1.00 0.00 ? 5 ARG A HH22 10 
ATOM 1187 N N    . GLY A 1 6 ? -1.282  0.983   2.569  1.00 0.00 ? 6 GLY A N    10 
ATOM 1188 C CA   . GLY A 1 6 ? -2.312  0.600   1.576  1.00 0.00 ? 6 GLY A CA   10 
ATOM 1189 C C    . GLY A 1 6 ? -2.682  -0.886  1.694  1.00 0.00 ? 6 GLY A C    10 
ATOM 1190 O O    . GLY A 1 6 ? -3.542  -1.246  2.501  1.00 0.00 ? 6 GLY A O    10 
ATOM 1191 H H    . GLY A 1 6 ? -1.230  0.546   3.496  1.00 0.00 ? 6 GLY A H    10 
ATOM 1192 H HA2  . GLY A 1 6 ? -3.218  1.208   1.749  1.00 0.00 ? 6 GLY A HA2  10 
ATOM 1193 H HA3  . GLY A 1 6 ? -2.002  0.838   0.540  1.00 0.00 ? 6 GLY A HA3  10 
ATOM 1194 N N    . GLU A 1 7 ? -2.022  -1.734  0.885  1.00 0.00 ? 7 GLU A N    10 
ATOM 1195 C CA   . GLU A 1 7 ? -2.262  -3.202  0.871  1.00 0.00 ? 7 GLU A CA   10 
ATOM 1196 C C    . GLU A 1 7 ? -0.989  -3.928  0.335  1.00 0.00 ? 7 GLU A C    10 
ATOM 1197 O O    . GLU A 1 7 ? -0.260  -4.522  1.136  1.00 0.00 ? 7 GLU A O    10 
ATOM 1198 C CB   . GLU A 1 7 ? -3.588  -3.559  0.130  1.00 0.00 ? 7 GLU A CB   10 
ATOM 1199 C CG   . GLU A 1 7 ? -4.003  -5.045  0.227  1.00 0.00 ? 7 GLU A CG   10 
ATOM 1200 C CD   . GLU A 1 7 ? -5.299  -5.349  -0.526 1.00 0.00 ? 7 GLU A CD   10 
ATOM 1201 O OE1  . GLU A 1 7 ? -5.233  -5.681  -1.730 1.00 0.00 ? 7 GLU A OE1  10 
ATOM 1202 O OE2  . GLU A 1 7 ? -6.387  -5.258  0.084  1.00 0.00 ? 7 GLU A OE2  10 
ATOM 1203 H H    . GLU A 1 7 ? -1.338  -1.289  0.265  1.00 0.00 ? 7 GLU A H    10 
ATOM 1204 H HA   . GLU A 1 7 ? -2.384  -3.535  1.920  1.00 0.00 ? 7 GLU A HA   10 
ATOM 1205 H HB2  . GLU A 1 7 ? -4.414  -2.947  0.542  1.00 0.00 ? 7 GLU A HB2  10 
ATOM 1206 H HB3  . GLU A 1 7 ? -3.516  -3.260  -0.934 1.00 0.00 ? 7 GLU A HB3  10 
ATOM 1207 H HG2  . GLU A 1 7 ? -3.203  -5.697  -0.170 1.00 0.00 ? 7 GLU A HG2  10 
ATOM 1208 H HG3  . GLU A 1 7 ? -4.124  -5.336  1.289  1.00 0.00 ? 7 GLU A HG3  10 
ATOM 1209 N N    . ARG A 1 8 ? -0.719  -3.899  -0.989 1.00 0.00 ? 8 ARG A N    10 
ATOM 1210 C CA   . ARG A 1 8 ? 0.460   -4.570  -1.597 1.00 0.00 ? 8 ARG A CA   10 
ATOM 1211 C C    . ARG A 1 8 ? 0.712   -3.894  -2.978 1.00 0.00 ? 8 ARG A C    10 
ATOM 1212 O O    . ARG A 1 8 ? -0.047  -4.113  -3.930 1.00 0.00 ? 8 ARG A O    10 
ATOM 1213 C CB   . ARG A 1 8 ? 0.243   -6.111  -1.712 1.00 0.00 ? 8 ARG A CB   10 
ATOM 1214 C CG   . ARG A 1 8 ? 1.500   -6.911  -2.136 1.00 0.00 ? 8 ARG A CG   10 
ATOM 1215 C CD   . ARG A 1 8 ? 1.295   -8.437  -2.215 1.00 0.00 ? 8 ARG A CD   10 
ATOM 1216 N NE   . ARG A 1 8 ? 1.134   -9.059  -0.877 1.00 0.00 ? 8 ARG A NE   10 
ATOM 1217 C CZ   . ARG A 1 8 ? 0.903   -10.369 -0.665 1.00 0.00 ? 8 ARG A CZ   10 
ATOM 1218 N NH1  . ARG A 1 8 ? 0.800   -11.273 -1.636 1.00 0.00 ? 8 ARG A NH1  10 
ATOM 1219 N NH2  . ARG A 1 8 ? 0.770   -10.782 0.581  1.00 0.00 ? 8 ARG A NH2  10 
ATOM 1220 H H    . ARG A 1 8 ? -1.325  -3.271  -1.529 1.00 0.00 ? 8 ARG A H    10 
ATOM 1221 H HA   . ARG A 1 8 ? 1.331   -4.417  -0.927 1.00 0.00 ? 8 ARG A HA   10 
ATOM 1222 H HB2  . ARG A 1 8 ? -0.093  -6.505  -0.734 1.00 0.00 ? 8 ARG A HB2  10 
ATOM 1223 H HB3  . ARG A 1 8 ? -0.589  -6.332  -2.407 1.00 0.00 ? 8 ARG A HB3  10 
ATOM 1224 H HG2  . ARG A 1 8 ? 1.827   -6.557  -3.133 1.00 0.00 ? 8 ARG A HG2  10 
ATOM 1225 H HG3  . ARG A 1 8 ? 2.346   -6.680  -1.460 1.00 0.00 ? 8 ARG A HG3  10 
ATOM 1226 H HD2  . ARG A 1 8 ? 0.423   -8.667  -2.858 1.00 0.00 ? 8 ARG A HD2  10 
ATOM 1227 H HD3  . ARG A 1 8 ? 2.169   -8.889  -2.723 1.00 0.00 ? 8 ARG A HD3  10 
ATOM 1228 H HE   . ARG A 1 8 ? 1.184   -8.497  -0.020 1.00 0.00 ? 8 ARG A HE   10 
ATOM 1229 H HH11 . ARG A 1 8 ? 0.907   -10.928 -2.596 1.00 0.00 ? 8 ARG A HH11 10 
ATOM 1230 H HH12 . ARG A 1 8 ? 0.622   -12.241 -1.348 1.00 0.00 ? 8 ARG A HH12 10 
ATOM 1231 H HH21 . ARG A 1 8 ? 0.852   -10.067 1.313  1.00 0.00 ? 8 ARG A HH21 10 
ATOM 1232 H HH22 . ARG A 1 8 ? 0.595   -11.783 0.718  1.00 0.00 ? 8 ARG A HH22 10 
ATOM 1233 N N    . GLY A 1 9 ? 1.776   -3.079  -3.082 1.00 0.00 ? 9 GLY A N    10 
ATOM 1234 C CA   . GLY A 1 9 ? 2.114   -2.383  -4.341 1.00 0.00 ? 9 GLY A CA   10 
ATOM 1235 C C    . GLY A 1 9 ? 3.281   -1.416  -4.133 1.00 0.00 ? 9 GLY A C    10 
ATOM 1236 O O    . GLY A 1 9 ? 4.451   -1.852  -4.218 1.00 0.00 ? 9 GLY A O    10 
ATOM 1237 O OXT  . GLY A 1 9 ? 3.035   -0.214  -3.881 1.00 0.00 ? 9 GLY A OXT  10 
ATOM 1238 H H    . GLY A 1 9 ? 2.311   -2.941  -2.221 1.00 0.00 ? 9 GLY A H    10 
ATOM 1239 H HA2  . GLY A 1 9 ? 2.373   -3.117  -5.127 1.00 0.00 ? 9 GLY A HA2  10 
ATOM 1240 H HA3  . GLY A 1 9 ? 1.236   -1.825  -4.723 1.00 0.00 ? 9 GLY A HA3  10 
ATOM 1241 N N    . CYS A 1 1 ? -2.238  2.667   -3.911 1.00 0.00 ? 1 CYS A N    11 
ATOM 1242 C CA   . CYS A 1 1 ? -1.423  2.904   -2.702 1.00 0.00 ? 1 CYS A CA   11 
ATOM 1243 C C    . CYS A 1 1 ? -1.102  1.560   -1.997 1.00 0.00 ? 1 CYS A C    11 
ATOM 1244 O O    . CYS A 1 1 ? -2.008  0.781   -1.678 1.00 0.00 ? 1 CYS A O    11 
ATOM 1245 C CB   . CYS A 1 1 ? -2.149  3.882   -1.755 1.00 0.00 ? 1 CYS A CB   11 
ATOM 1246 S SG   . CYS A 1 1 ? -2.407  5.499   -2.563 1.00 0.00 ? 1 CYS A SG   11 
ATOM 1247 H H1   . CYS A 1 1 ? -2.442  3.542   -4.407 1.00 0.00 ? 1 CYS A H1   11 
ATOM 1248 H H2   . CYS A 1 1 ? -1.761  2.047   -4.575 1.00 0.00 ? 1 CYS A H2   11 
ATOM 1249 H H3   . CYS A 1 1 ? -3.138  2.231   -3.682 1.00 0.00 ? 1 CYS A H3   11 
ATOM 1250 H HA   . CYS A 1 1 ? -0.487  3.395   -3.033 1.00 0.00 ? 1 CYS A HA   11 
ATOM 1251 H HB2  . CYS A 1 1 ? -3.127  3.480   -1.429 1.00 0.00 ? 1 CYS A HB2  11 
ATOM 1252 H HB3  . CYS A 1 1 ? -1.560  4.043   -0.832 1.00 0.00 ? 1 CYS A HB3  11 
ATOM 1253 H HG   . CYS A 1 1 ? -1.123  5.845   -2.633 1.00 0.00 ? 1 CYS A HG   11 
ATOM 1254 N N    . GLY A 1 2 ? 0.194   1.305   -1.748 1.00 0.00 ? 2 GLY A N    11 
ATOM 1255 C CA   . GLY A 1 2 ? 0.642   0.068   -1.070 1.00 0.00 ? 2 GLY A CA   11 
ATOM 1256 C C    . GLY A 1 2 ? 2.012   0.216   -0.375 1.00 0.00 ? 2 GLY A C    11 
ATOM 1257 O O    . GLY A 1 2 ? 2.372   1.291   0.119  1.00 0.00 ? 2 GLY A O    11 
ATOM 1258 H H    . GLY A 1 2 ? 0.853   2.043   -2.023 1.00 0.00 ? 2 GLY A H    11 
ATOM 1259 H HA2  . GLY A 1 2 ? -0.090  -0.232  -0.297 1.00 0.00 ? 2 GLY A HA2  11 
ATOM 1260 H HA3  . GLY A 1 2 ? 0.650   -0.756  -1.809 1.00 0.00 ? 2 GLY A HA3  11 
ATOM 1261 N N    . GLY A 1 3 ? 2.767   -0.894  -0.327 1.00 0.00 ? 3 GLY A N    11 
ATOM 1262 C CA   . GLY A 1 3 ? 4.112   -0.941  0.307  1.00 0.00 ? 3 GLY A CA   11 
ATOM 1263 C C    . GLY A 1 3 ? 4.094   -1.108  1.827  1.00 0.00 ? 3 GLY A C    11 
ATOM 1264 O O    . GLY A 1 3 ? 3.977   -2.207  2.374  1.00 0.00 ? 3 GLY A O    11 
ATOM 1265 H H    . GLY A 1 3 ? 2.345   -1.726  -0.753 1.00 0.00 ? 3 GLY A H    11 
ATOM 1266 H HA2  . GLY A 1 3 ? 4.678   -1.770  -0.104 1.00 0.00 ? 3 GLY A HA2  11 
ATOM 1267 H HA3  . GLY A 1 3 ? 4.642   0.002   0.050  1.00 0.00 ? 3 GLY A HA3  11 
ATOM 1268 N N    . ILE A 1 4 ? 4.186   0.054   2.450  1.00 0.00 ? 4 ILE A N    11 
ATOM 1269 C CA   . ILE A 1 4 ? 4.078   0.240   3.923  1.00 0.00 ? 4 ILE A CA   11 
ATOM 1270 C C    . ILE A 1 4 ? 2.811   1.142   4.235  1.00 0.00 ? 4 ILE A C    11 
ATOM 1271 O O    . ILE A 1 4 ? 2.637   1.576   5.378  1.00 0.00 ? 4 ILE A O    11 
ATOM 1272 C CB   . ILE A 1 4 ? 5.452   0.737   4.509  1.00 0.00 ? 4 ILE A CB   11 
ATOM 1273 C CG1  . ILE A 1 4 ? 5.540   0.538   6.051  1.00 0.00 ? 4 ILE A CG1  11 
ATOM 1274 C CG2  . ILE A 1 4 ? 5.828   2.187   4.098  1.00 0.00 ? 4 ILE A CG2  11 
ATOM 1275 C CD1  . ILE A 1 4 ? 6.961   0.580   6.643  1.00 0.00 ? 4 ILE A CD1  11 
ATOM 1276 H H    . ILE A 1 4 ? 4.312   0.838   1.801  1.00 0.00 ? 4 ILE A H    11 
ATOM 1277 H HA   . ILE A 1 4 ? 3.856   -0.738  4.394  1.00 0.00 ? 4 ILE A HA   11 
ATOM 1278 H HB   . ILE A 1 4 ? 6.229   0.075   4.078  1.00 0.00 ? 4 ILE A HB   11 
ATOM 1279 H HG12 . ILE A 1 4 ? 4.911   1.284   6.572  1.00 0.00 ? 4 ILE A HG12 11 
ATOM 1280 H HG13 . ILE A 1 4 ? 5.105   -0.442  6.324  1.00 0.00 ? 4 ILE A HG13 11 
ATOM 1281 H HG21 . ILE A 1 4 ? 5.144   2.933   4.543  1.00 0.00 ? 4 ILE A HG21 11 
ATOM 1282 H HG22 . ILE A 1 4 ? 6.852   2.453   4.414  1.00 0.00 ? 4 ILE A HG22 11 
ATOM 1283 H HG23 . ILE A 1 4 ? 5.794   2.324   3.002  1.00 0.00 ? 4 ILE A HG23 11 
ATOM 1284 H HD11 . ILE A 1 4 ? 7.620   -0.175  6.176  1.00 0.00 ? 4 ILE A HD11 11 
ATOM 1285 H HD12 . ILE A 1 4 ? 7.438   1.568   6.509  1.00 0.00 ? 4 ILE A HD12 11 
ATOM 1286 H HD13 . ILE A 1 4 ? 6.945   0.374   7.727  1.00 0.00 ? 4 ILE A HD13 11 
ATOM 1287 N N    . ARG A 1 5 ? 1.904   1.368   3.246  1.00 0.00 ? 5 ARG A N    11 
ATOM 1288 C CA   . ARG A 1 5 ? 0.677   2.199   3.409  1.00 0.00 ? 5 ARG A CA   11 
ATOM 1289 C C    . ARG A 1 5 ? -0.381  1.650   2.405  1.00 0.00 ? 5 ARG A C    11 
ATOM 1290 O O    . ARG A 1 5 ? -0.512  2.142   1.279  1.00 0.00 ? 5 ARG A O    11 
ATOM 1291 C CB   . ARG A 1 5 ? 0.947   3.719   3.171  1.00 0.00 ? 5 ARG A CB   11 
ATOM 1292 C CG   . ARG A 1 5 ? 1.795   4.444   4.241  1.00 0.00 ? 5 ARG A CG   11 
ATOM 1293 C CD   . ARG A 1 5 ? 1.929   5.954   3.975  1.00 0.00 ? 5 ARG A CD   11 
ATOM 1294 N NE   . ARG A 1 5 ? 2.775   6.593   5.012  1.00 0.00 ? 5 ARG A NE   11 
ATOM 1295 C CZ   . ARG A 1 5 ? 3.111   7.897   5.027  1.00 0.00 ? 5 ARG A CZ   11 
ATOM 1296 N NH1  . ARG A 1 5 ? 2.720   8.777   4.108  1.00 0.00 ? 5 ARG A NH1  11 
ATOM 1297 N NH2  . ARG A 1 5 ? 3.877   8.329   6.010  1.00 0.00 ? 5 ARG A NH2  11 
ATOM 1298 H H    . ARG A 1 5 ? 2.245   0.955   2.342  1.00 0.00 ? 5 ARG A H    11 
ATOM 1299 H HA   . ARG A 1 5 ? 0.279   2.085   4.438  1.00 0.00 ? 5 ARG A HA   11 
ATOM 1300 H HB2  . ARG A 1 5 ? 1.411   3.862   2.177  1.00 0.00 ? 5 ARG A HB2  11 
ATOM 1301 H HB3  . ARG A 1 5 ? -0.030  4.238   3.107  1.00 0.00 ? 5 ARG A HB3  11 
ATOM 1302 H HG2  . ARG A 1 5 ? 1.349   4.274   5.241  1.00 0.00 ? 5 ARG A HG2  11 
ATOM 1303 H HG3  . ARG A 1 5 ? 2.803   3.990   4.278  1.00 0.00 ? 5 ARG A HG3  11 
ATOM 1304 H HD2  . ARG A 1 5 ? 2.371   6.121   2.972  1.00 0.00 ? 5 ARG A HD2  11 
ATOM 1305 H HD3  . ARG A 1 5 ? 0.928   6.427   3.960  1.00 0.00 ? 5 ARG A HD3  11 
ATOM 1306 H HE   . ARG A 1 5 ? 3.159   6.050   5.794  1.00 0.00 ? 5 ARG A HE   11 
ATOM 1307 H HH11 . ARG A 1 5 ? 2.125   8.418   3.353  1.00 0.00 ? 5 ARG A HH11 11 
ATOM 1308 H HH12 . ARG A 1 5 ? 3.043   9.743   4.228  1.00 0.00 ? 5 ARG A HH12 11 
ATOM 1309 H HH21 . ARG A 1 5 ? 4.166   7.633   6.706  1.00 0.00 ? 5 ARG A HH21 11 
ATOM 1310 H HH22 . ARG A 1 5 ? 4.121   9.324   6.001  1.00 0.00 ? 5 ARG A HH22 11 
ATOM 1311 N N    . GLY A 1 6 ? -1.136  0.625   2.842  1.00 0.00 ? 6 GLY A N    11 
ATOM 1312 C CA   . GLY A 1 6 ? -2.176  -0.029  2.013  1.00 0.00 ? 6 GLY A CA   11 
ATOM 1313 C C    . GLY A 1 6 ? -1.926  -1.547  1.952  1.00 0.00 ? 6 GLY A C    11 
ATOM 1314 O O    . GLY A 1 6 ? -0.930  -1.988  1.370  1.00 0.00 ? 6 GLY A O    11 
ATOM 1315 H H    . GLY A 1 6 ? -0.905  0.294   3.786  1.00 0.00 ? 6 GLY A H    11 
ATOM 1316 H HA2  . GLY A 1 6 ? -3.172  0.211   2.432  1.00 0.00 ? 6 GLY A HA2  11 
ATOM 1317 H HA3  . GLY A 1 6 ? -2.200  0.361   0.977  1.00 0.00 ? 6 GLY A HA3  11 
ATOM 1318 N N    . GLU A 1 7 ? -2.845  -2.339  2.532  1.00 0.00 ? 7 GLU A N    11 
ATOM 1319 C CA   . GLU A 1 7 ? -2.731  -3.822  2.561  1.00 0.00 ? 7 GLU A CA   11 
ATOM 1320 C C    . GLU A 1 7 ? -4.154  -4.434  2.717  1.00 0.00 ? 7 GLU A C    11 
ATOM 1321 O O    . GLU A 1 7 ? -4.908  -4.085  3.633  1.00 0.00 ? 7 GLU A O    11 
ATOM 1322 C CB   . GLU A 1 7 ? -1.782  -4.271  3.713  1.00 0.00 ? 7 GLU A CB   11 
ATOM 1323 C CG   . GLU A 1 7 ? -1.402  -5.769  3.696  1.00 0.00 ? 7 GLU A CG   11 
ATOM 1324 C CD   . GLU A 1 7 ? -0.456  -6.153  4.835  1.00 0.00 ? 7 GLU A CD   11 
ATOM 1325 O OE1  . GLU A 1 7 ? 0.778   -6.063  4.653  1.00 0.00 ? 7 GLU A OE1  11 
ATOM 1326 O OE2  . GLU A 1 7 ? -0.945  -6.549  5.917  1.00 0.00 ? 7 GLU A OE2  11 
ATOM 1327 H H    . GLU A 1 7 ? -3.620  -1.846  2.987  1.00 0.00 ? 7 GLU A H    11 
ATOM 1328 H HA   . GLU A 1 7 ? -2.283  -4.159  1.603  1.00 0.00 ? 7 GLU A HA   11 
ATOM 1329 H HB2  . GLU A 1 7 ? -0.844  -3.683  3.662  1.00 0.00 ? 7 GLU A HB2  11 
ATOM 1330 H HB3  . GLU A 1 7 ? -2.230  -4.009  4.693  1.00 0.00 ? 7 GLU A HB3  11 
ATOM 1331 H HG2  . GLU A 1 7 ? -2.308  -6.398  3.760  1.00 0.00 ? 7 GLU A HG2  11 
ATOM 1332 H HG3  . GLU A 1 7 ? -0.926  -6.028  2.732  1.00 0.00 ? 7 GLU A HG3  11 
ATOM 1333 N N    . ARG A 1 8 ? -4.501  -5.367  1.809  1.00 0.00 ? 8 ARG A N    11 
ATOM 1334 C CA   . ARG A 1 8 ? -5.818  -6.059  1.814  1.00 0.00 ? 8 ARG A CA   11 
ATOM 1335 C C    . ARG A 1 8 ? -5.606  -7.401  1.048  1.00 0.00 ? 8 ARG A C    11 
ATOM 1336 O O    . ARG A 1 8 ? -5.680  -7.437  -0.187 1.00 0.00 ? 8 ARG A O    11 
ATOM 1337 C CB   . ARG A 1 8 ? -6.947  -5.161  1.214  1.00 0.00 ? 8 ARG A CB   11 
ATOM 1338 C CG   . ARG A 1 8 ? -8.414  -5.586  1.502  1.00 0.00 ? 8 ARG A CG   11 
ATOM 1339 C CD   . ARG A 1 8 ? -8.948  -6.875  0.843  1.00 0.00 ? 8 ARG A CD   11 
ATOM 1340 N NE   . ARG A 1 8 ? -8.925  -6.815  -0.641 1.00 0.00 ? 8 ARG A NE   11 
ATOM 1341 C CZ   . ARG A 1 8 ? -9.292  -7.825  -1.452 1.00 0.00 ? 8 ARG A CZ   11 
ATOM 1342 N NH1  . ARG A 1 8 ? -9.775  -8.988  -1.021 1.00 0.00 ? 8 ARG A NH1  11 
ATOM 1343 N NH2  . ARG A 1 8 ? -9.168  -7.651  -2.753 1.00 0.00 ? 8 ARG A NH2  11 
ATOM 1344 H H    . ARG A 1 8 ? -3.746  -5.626  1.161  1.00 0.00 ? 8 ARG A H    11 
ATOM 1345 H HA   . ARG A 1 8 ? -6.102  -6.269  2.865  1.00 0.00 ? 8 ARG A HA   11 
ATOM 1346 H HB2  . ARG A 1 8 ? -6.847  -4.138  1.626  1.00 0.00 ? 8 ARG A HB2  11 
ATOM 1347 H HB3  . ARG A 1 8 ? -6.804  -5.023  0.125  1.00 0.00 ? 8 ARG A HB3  11 
ATOM 1348 H HG2  . ARG A 1 8 ? -8.547  -5.669  2.596  1.00 0.00 ? 8 ARG A HG2  11 
ATOM 1349 H HG3  . ARG A 1 8 ? -9.077  -4.747  1.211  1.00 0.00 ? 8 ARG A HG3  11 
ATOM 1350 H HD2  . ARG A 1 8 ? -8.374  -7.751  1.201  1.00 0.00 ? 8 ARG A HD2  11 
ATOM 1351 H HD3  . ARG A 1 8 ? -9.987  -7.044  1.186  1.00 0.00 ? 8 ARG A HD3  11 
ATOM 1352 H HE   . ARG A 1 8 ? -8.574  -5.988  -1.133 1.00 0.00 ? 8 ARG A HE   11 
ATOM 1353 H HH11 . ARG A 1 8 ? -9.867  -9.098  -0.005 1.00 0.00 ? 8 ARG A HH11 11 
ATOM 1354 H HH12 . ARG A 1 8 ? -10.021 -9.678  -1.739 1.00 0.00 ? 8 ARG A HH12 11 
ATOM 1355 H HH21 . ARG A 1 8 ? -8.793  -6.747  -3.062 1.00 0.00 ? 8 ARG A HH21 11 
ATOM 1356 H HH22 . ARG A 1 8 ? -9.453  -8.433  -3.353 1.00 0.00 ? 8 ARG A HH22 11 
ATOM 1357 N N    . GLY A 1 9 ? -5.348  -8.502  1.784  1.00 0.00 ? 9 GLY A N    11 
ATOM 1358 C CA   . GLY A 1 9 ? -5.126  -9.835  1.179  1.00 0.00 ? 9 GLY A CA   11 
ATOM 1359 C C    . GLY A 1 9 ? -6.412  -10.666 1.141  1.00 0.00 ? 9 GLY A C    11 
ATOM 1360 O O    . GLY A 1 9 ? -7.153  -10.585 0.137  1.00 0.00 ? 9 GLY A O    11 
ATOM 1361 O OXT  . GLY A 1 9 ? -6.688  -11.403 2.114  1.00 0.00 ? 9 GLY A OXT  11 
ATOM 1362 H H    . GLY A 1 9 ? -5.240  -8.348  2.793  1.00 0.00 ? 9 GLY A H    11 
ATOM 1363 H HA2  . GLY A 1 9 ? -4.695  -9.758  0.161  1.00 0.00 ? 9 GLY A HA2  11 
ATOM 1364 H HA3  . GLY A 1 9 ? -4.361  -10.370 1.771  1.00 0.00 ? 9 GLY A HA3  11 
# 
